data_8UT8
#
_entry.id   8UT8
#
_cell.length_a   1.00
_cell.length_b   1.00
_cell.length_c   1.00
_cell.angle_alpha   90.00
_cell.angle_beta   90.00
_cell.angle_gamma   90.00
#
_symmetry.space_group_name_H-M   'P 1'
#
loop_
_entity.id
_entity.type
_entity.pdbx_description
1 polymer 'Hemagglutinin HA1 chain'
2 polymer 'Hemagglutinin HA2 chain'
3 polymer 'H7D15 pFab HC Fv_polyA'
4 polymer 'H7D15 pFab LC Fv_polyA'
5 branched 2-acetamido-2-deoxy-beta-D-glucopyranose-(1-3)-2-acetamido-2-deoxy-beta-D-glucopyranose
6 branched 2-acetamido-2-deoxy-beta-D-glucopyranose-(1-4)-2-acetamido-2-deoxy-beta-D-glucopyranose
7 non-polymer 2-acetamido-2-deoxy-beta-D-glucopyranose
#
loop_
_entity_poly.entity_id
_entity_poly.type
_entity_poly.pdbx_seq_one_letter_code
_entity_poly.pdbx_strand_id
1 'polypeptide(L)'
;DKICLGHHAVSNGTKVNTLTERGVEVVNATETVERTNIPRICSKGKRTVDLGQCGLLGTITGPPQCDQFLEFSADLIIER
REGSDVCFPGKFVNEEALRQILRESGGIDKEAMGFTYSGIRTNGATSSCRRSGSSFYAEMKWLLSNTDNAAFPQMTKSYK
NTRKNPALIVWGIHHSGSTAEQTKLYGSGNKLVTVGSSNYQQSFVPSPGARTQVNGQSGRIDFHWLMLNPNDTVTFSFNG
AFIAPDRASFLRGKSMGIQSGVQVDADCEGDCYYSGGTIISNLPFQNIDSRAVGKCPRYVKQRSLLLATGMKNVPEI
;
A,C,E
2 'polypeptide(L)'
;PKGRGLFGAIAGFIENGWEGLIDGWYGFRHQNAQGEGTAADYKSTQSAIDQITGKLNRLIEKTNQQFELIDNEFTEVEKQ
IGNVINWTRDSITEVWSYNAELLVAMENQHTIDLADSEMDKLYERVKRQLRENAEEDGTGCFEIFHKCDDDCMASIRNNT
YDHSKYREEAMQNRIQIDGSGYIPEAPRDGQAYVRKDGEWVLLSTFLGSGLNDIFEAQKIEWHEGHHHHHH
;
B,D,F
3 'polypeptide(L)'
;(UNK)(UNK)(UNK)(UNK)(UNK)(UNK)(UNK)(UNK)(UNK)(UNK)(UNK)(UNK)(UNK)(UNK)(UNK)(UNK)
(UNK)(UNK)(UNK)(UNK)(UNK)(UNK)(UNK)(UNK)(UNK)(UNK)(UNK)(UNK)(UNK)(UNK)(UNK)(UNK)
(UNK)(UNK)(UNK)(UNK)(UNK)(UNK)(UNK)(UNK)(UNK)(UNK)(UNK)(UNK)(UNK)(UNK)(UNK)(UNK)
(UNK)(UNK)(UNK)(UNK)(UNK)(UNK)(UNK)(UNK)(UNK)(UNK)(UNK)(UNK)(UNK)(UNK)(UNK)(UNK)
(UNK)(UNK)(UNK)(UNK)(UNK)(UNK)(UNK)(UNK)(UNK)(UNK)(UNK)(UNK)(UNK)(UNK)(UNK)(UNK)
(UNK)(UNK)(UNK)(UNK)(UNK)(UNK)(UNK)(UNK)(UNK)(UNK)(UNK)(UNK)(UNK)(UNK)(UNK)(UNK)
(UNK)(UNK)(UNK)(UNK)(UNK)(UNK)(UNK)(UNK)(UNK)(UNK)(UNK)(UNK)(UNK)(UNK)(UNK)(UNK)
(UNK)(UNK)(UNK)(UNK)(UNK)(UNK)(UNK)(UNK)(UNK)(UNK)(UNK)(UNK)(UNK)(UNK)
;
G
4 'polypeptide(L)'
;(UNK)(UNK)(UNK)(UNK)(UNK)(UNK)(UNK)(UNK)(UNK)(UNK)(UNK)(UNK)(UNK)(UNK)(UNK)(UNK)
(UNK)(UNK)(UNK)(UNK)(UNK)(UNK)(UNK)(UNK)(UNK)(UNK)(UNK)(UNK)(UNK)(UNK)(UNK)(UNK)
(UNK)(UNK)(UNK)(UNK)(UNK)(UNK)(UNK)(UNK)(UNK)(UNK)(UNK)(UNK)(UNK)(UNK)(UNK)(UNK)
(UNK)(UNK)(UNK)(UNK)(UNK)(UNK)(UNK)(UNK)(UNK)(UNK)(UNK)(UNK)(UNK)(UNK)(UNK)(UNK)
(UNK)(UNK)(UNK)(UNK)(UNK)(UNK)(UNK)(UNK)(UNK)(UNK)(UNK)(UNK)(UNK)(UNK)(UNK)(UNK)
(UNK)(UNK)(UNK)(UNK)(UNK)(UNK)(UNK)(UNK)(UNK)(UNK)(UNK)(UNK)(UNK)(UNK)(UNK)(UNK)
(UNK)(UNK)(UNK)(UNK)(UNK)(UNK)(UNK)(UNK)(UNK)(UNK)(UNK)(UNK)
;
H
#
loop_
_chem_comp.id
_chem_comp.type
_chem_comp.name
_chem_comp.formula
NAG D-saccharide, beta linking 2-acetamido-2-deoxy-beta-D-glucopyranose 'C8 H15 N O6'
#
# COMPACT_ATOMS: atom_id res chain seq x y z
N ASP A 1 53.68 -9.72 29.44
CA ASP A 1 53.37 -9.33 28.03
C ASP A 1 51.91 -8.94 27.89
N LYS A 2 51.63 -8.16 26.85
CA LYS A 2 50.29 -7.67 26.55
C LYS A 2 50.00 -7.93 25.09
N ILE A 3 48.86 -8.55 24.80
CA ILE A 3 48.38 -8.74 23.44
C ILE A 3 47.16 -7.86 23.28
N CYS A 4 47.25 -6.91 22.38
CA CYS A 4 46.18 -5.96 22.10
C CYS A 4 45.49 -6.32 20.80
N LEU A 5 44.16 -6.25 20.83
CA LEU A 5 43.34 -6.39 19.64
C LEU A 5 42.86 -5.00 19.27
N GLY A 6 42.48 -4.83 18.02
CA GLY A 6 42.01 -3.53 17.60
C GLY A 6 41.52 -3.56 16.18
N HIS A 7 41.20 -2.37 15.68
CA HIS A 7 40.60 -2.22 14.37
C HIS A 7 41.16 -1.07 13.57
N HIS A 8 41.06 -1.22 12.25
CA HIS A 8 41.51 -0.21 11.29
C HIS A 8 40.78 1.10 11.51
N ALA A 9 41.54 2.19 11.56
CA ALA A 9 40.99 3.53 11.72
C ALA A 9 41.70 4.45 10.73
N VAL A 10 41.07 5.58 10.44
CA VAL A 10 41.63 6.57 9.52
C VAL A 10 41.63 7.93 10.18
N SER A 11 42.55 8.79 9.70
CA SER A 11 42.65 10.15 10.20
C SER A 11 41.56 11.07 9.65
N ASN A 12 40.99 10.75 8.49
CA ASN A 12 39.97 11.60 7.89
C ASN A 12 38.59 10.94 8.01
N GLY A 13 38.27 10.02 7.11
CA GLY A 13 37.00 9.32 7.18
C GLY A 13 35.87 10.08 6.54
N THR A 14 34.67 9.50 6.66
CA THR A 14 33.45 10.06 6.09
C THR A 14 32.36 9.92 7.15
N LYS A 15 31.16 10.41 6.83
CA LYS A 15 30.02 10.35 7.74
C LYS A 15 28.85 9.66 7.06
N VAL A 16 28.09 8.90 7.85
CA VAL A 16 26.89 8.22 7.40
C VAL A 16 25.77 8.51 8.38
N ASN A 17 24.53 8.30 7.92
CA ASN A 17 23.35 8.45 8.75
C ASN A 17 22.87 7.07 9.19
N THR A 18 22.59 6.92 10.47
CA THR A 18 22.08 5.68 11.05
C THR A 18 20.66 5.90 11.53
N LEU A 19 20.01 4.80 11.93
CA LEU A 19 18.64 4.89 12.41
C LEU A 19 18.56 5.71 13.69
N THR A 20 19.53 5.55 14.59
CA THR A 20 19.49 6.20 15.88
C THR A 20 20.14 7.58 15.92
N GLU A 21 21.30 7.74 15.26
CA GLU A 21 22.05 8.99 15.31
C GLU A 21 22.52 9.38 13.92
N ARG A 22 22.49 10.68 13.64
CA ARG A 22 23.01 11.25 12.40
C ARG A 22 24.49 11.57 12.53
N GLY A 23 25.18 11.55 11.39
CA GLY A 23 26.55 11.98 11.35
C GLY A 23 27.55 11.06 12.02
N VAL A 24 27.32 9.76 11.95
CA VAL A 24 28.24 8.81 12.57
C VAL A 24 29.44 8.66 11.65
N GLU A 25 30.64 8.82 12.19
CA GLU A 25 31.84 8.74 11.37
C GLU A 25 32.19 7.29 11.09
N VAL A 26 32.51 7.00 9.84
CA VAL A 26 32.95 5.69 9.40
C VAL A 26 34.23 5.86 8.58
N VAL A 27 35.00 4.77 8.51
CA VAL A 27 36.26 4.82 7.77
C VAL A 27 36.00 4.90 6.27
N ASN A 28 34.95 4.26 5.77
CA ASN A 28 34.64 4.28 4.35
C ASN A 28 33.15 4.12 4.17
N ALA A 29 32.61 4.82 3.16
CA ALA A 29 31.23 4.69 2.77
C ALA A 29 31.11 4.98 1.28
N THR A 30 30.09 4.42 0.66
CA THR A 30 29.80 4.63 -0.76
C THR A 30 28.44 5.29 -0.88
N GLU A 31 28.09 5.70 -2.09
CA GLU A 31 26.81 6.33 -2.35
C GLU A 31 25.84 5.30 -2.93
N THR A 32 24.58 5.39 -2.52
CA THR A 32 23.50 4.58 -3.07
C THR A 32 22.57 5.38 -3.95
N VAL A 33 22.78 6.69 -4.08
CA VAL A 33 21.95 7.58 -4.88
C VAL A 33 22.82 8.12 -6.00
N GLU A 34 22.49 7.79 -7.24
CA GLU A 34 23.27 8.22 -8.38
C GLU A 34 22.94 9.67 -8.72
N ARG A 35 23.99 10.48 -8.84
CA ARG A 35 23.87 11.86 -9.28
C ARG A 35 24.57 12.15 -10.59
N THR A 36 25.32 11.18 -11.14
CA THR A 36 26.06 11.36 -12.37
C THR A 36 25.19 10.93 -13.55
N ASN A 37 25.37 11.61 -14.68
CA ASN A 37 24.66 11.26 -15.89
C ASN A 37 25.58 11.47 -17.09
N ILE A 38 25.18 10.85 -18.20
CA ILE A 38 25.86 10.94 -19.48
C ILE A 38 25.02 11.83 -20.39
N PRO A 39 25.50 13.02 -20.83
CA PRO A 39 24.63 13.92 -21.62
C PRO A 39 24.51 13.51 -23.07
N ARG A 40 24.06 12.28 -23.30
CA ARG A 40 23.86 11.71 -24.63
C ARG A 40 23.16 10.37 -24.44
N ILE A 41 22.55 9.86 -25.51
CA ILE A 41 21.77 8.63 -25.46
C ILE A 41 22.62 7.44 -25.90
N CYS A 42 22.80 6.50 -24.98
CA CYS A 42 23.55 5.27 -25.21
C CYS A 42 22.64 4.23 -25.85
N SER A 43 22.55 4.29 -27.17
CA SER A 43 21.64 3.48 -27.96
C SER A 43 22.30 2.23 -28.54
N LYS A 44 23.57 1.97 -28.23
CA LYS A 44 24.30 0.84 -28.81
C LYS A 44 23.56 -0.47 -28.55
N GLY A 45 23.43 -1.27 -29.61
CA GLY A 45 22.80 -2.57 -29.52
C GLY A 45 21.32 -2.57 -29.83
N LYS A 46 20.70 -1.40 -29.94
CA LYS A 46 19.28 -1.24 -30.23
C LYS A 46 19.13 -0.49 -31.55
N ARG A 47 18.12 -0.86 -32.33
CA ARG A 47 17.81 -0.07 -33.52
C ARG A 47 17.16 1.22 -33.04
N THR A 48 17.71 2.35 -33.45
CA THR A 48 17.27 3.65 -32.97
C THR A 48 16.87 4.56 -34.13
N VAL A 49 15.70 5.18 -34.00
CA VAL A 49 15.20 6.18 -34.94
C VAL A 49 15.28 7.53 -34.22
N ASP A 50 16.08 8.44 -34.76
CA ASP A 50 16.27 9.77 -34.16
C ASP A 50 15.31 10.71 -34.88
N LEU A 51 14.15 10.94 -34.25
CA LEU A 51 13.07 11.71 -34.86
C LEU A 51 13.31 13.20 -34.59
N GLY A 52 14.28 13.77 -35.32
CA GLY A 52 14.70 15.14 -35.09
C GLY A 52 13.58 16.16 -35.23
N GLN A 53 13.09 16.34 -36.47
CA GLN A 53 11.99 17.25 -36.77
C GLN A 53 10.65 16.54 -36.83
N CYS A 54 10.64 15.22 -36.70
CA CYS A 54 9.44 14.39 -36.86
C CYS A 54 8.83 14.08 -35.50
N GLY A 55 7.56 14.42 -35.31
CA GLY A 55 6.88 14.00 -34.11
C GLY A 55 6.54 12.53 -34.25
N LEU A 56 6.37 11.85 -33.11
CA LEU A 56 6.08 10.41 -33.21
C LEU A 56 4.77 10.14 -33.93
N LEU A 57 3.77 11.01 -33.75
CA LEU A 57 2.49 10.69 -34.35
C LEU A 57 2.52 10.96 -35.84
N GLY A 58 3.49 11.76 -36.30
CA GLY A 58 3.55 11.98 -37.71
C GLY A 58 4.14 10.83 -38.44
N THR A 59 4.73 9.88 -37.70
CA THR A 59 5.30 8.72 -38.39
C THR A 59 4.17 7.83 -38.89
N ILE A 60 2.94 8.09 -38.46
CA ILE A 60 1.79 7.38 -38.99
C ILE A 60 1.23 8.16 -40.18
N THR A 61 1.10 9.49 -40.03
CA THR A 61 0.42 10.28 -41.07
C THR A 61 1.37 10.76 -42.16
N GLY A 62 2.65 10.95 -41.85
CA GLY A 62 3.63 11.30 -42.84
C GLY A 62 3.73 12.74 -43.30
N PRO A 63 3.94 13.68 -42.38
CA PRO A 63 4.26 15.05 -42.81
C PRO A 63 5.64 15.09 -43.43
N PRO A 64 5.99 16.15 -44.17
CA PRO A 64 7.34 16.22 -44.78
C PRO A 64 8.48 15.94 -43.80
N GLN A 65 8.35 16.40 -42.54
CA GLN A 65 9.40 16.16 -41.56
C GLN A 65 9.62 14.68 -41.30
N CYS A 66 8.61 13.85 -41.61
CA CYS A 66 8.64 12.42 -41.35
C CYS A 66 8.78 11.62 -42.64
N ASP A 67 9.22 12.28 -43.72
CA ASP A 67 9.30 11.62 -45.03
C ASP A 67 10.11 10.33 -44.98
N GLN A 68 11.24 10.33 -44.26
CA GLN A 68 12.09 9.16 -44.17
C GLN A 68 11.65 8.16 -43.09
N PHE A 69 10.62 8.49 -42.30
CA PHE A 69 10.18 7.66 -41.18
C PHE A 69 8.82 7.02 -41.42
N LEU A 70 8.31 7.04 -42.65
CA LEU A 70 6.95 6.57 -42.92
C LEU A 70 6.77 5.10 -42.55
N GLU A 71 7.79 4.28 -42.75
CA GLU A 71 7.77 2.85 -42.44
C GLU A 71 8.92 2.49 -41.51
N PHE A 72 9.21 3.36 -40.55
CA PHE A 72 10.37 3.15 -39.69
C PHE A 72 10.21 1.88 -38.86
N SER A 73 11.34 1.24 -38.58
CA SER A 73 11.41 0.05 -37.75
C SER A 73 12.57 0.23 -36.79
N ALA A 74 12.28 0.19 -35.50
CA ALA A 74 13.31 0.49 -34.50
C ALA A 74 12.93 -0.12 -33.17
N ASP A 75 13.95 -0.33 -32.34
CA ASP A 75 13.78 -0.79 -30.97
C ASP A 75 13.68 0.36 -29.98
N LEU A 76 14.30 1.50 -30.31
CA LEU A 76 14.32 2.66 -29.44
C LEU A 76 13.87 3.87 -30.24
N ILE A 77 12.90 4.62 -29.73
CA ILE A 77 12.34 5.79 -30.38
C ILE A 77 12.71 7.02 -29.57
N ILE A 78 13.36 8.00 -30.22
CA ILE A 78 13.77 9.24 -29.56
C ILE A 78 12.94 10.38 -30.12
N GLU A 79 12.25 11.09 -29.24
CA GLU A 79 11.47 12.27 -29.58
C GLU A 79 12.23 13.50 -29.10
N ARG A 80 12.03 14.64 -29.79
CA ARG A 80 12.69 15.88 -29.42
C ARG A 80 11.71 17.05 -29.39
N ARG A 81 12.04 18.03 -28.56
CA ARG A 81 11.20 19.21 -28.39
C ARG A 81 11.05 20.00 -29.69
N GLU A 82 12.09 20.04 -30.52
CA GLU A 82 12.05 20.86 -31.72
C GLU A 82 11.21 20.25 -32.83
N GLY A 83 10.74 19.00 -32.68
CA GLY A 83 10.00 18.36 -33.73
C GLY A 83 8.52 18.72 -33.67
N SER A 84 7.78 18.19 -34.64
CA SER A 84 6.35 18.44 -34.75
C SER A 84 5.66 17.18 -35.22
N ASP A 85 4.43 16.99 -34.74
CA ASP A 85 3.63 15.84 -35.14
C ASP A 85 2.90 16.08 -36.45
N VAL A 86 2.67 17.35 -36.80
CA VAL A 86 1.87 17.72 -37.96
C VAL A 86 2.63 18.75 -38.78
N CYS A 87 2.18 18.93 -40.02
CA CYS A 87 2.67 19.97 -40.92
C CYS A 87 1.53 20.91 -41.25
N PHE A 88 0.40 20.36 -41.68
CA PHE A 88 -0.82 21.16 -41.73
C PHE A 88 -1.26 21.34 -40.28
N PRO A 89 -1.65 22.54 -39.85
CA PRO A 89 -2.01 22.73 -38.44
C PRO A 89 -3.11 21.78 -37.97
N GLY A 90 -2.97 21.32 -36.73
CA GLY A 90 -3.91 20.38 -36.18
C GLY A 90 -3.31 19.67 -34.98
N LYS A 91 -4.01 18.62 -34.57
CA LYS A 91 -3.59 17.81 -33.42
C LYS A 91 -4.30 16.48 -33.53
N PHE A 92 -3.80 15.50 -32.78
CA PHE A 92 -4.50 14.23 -32.64
C PHE A 92 -5.43 14.31 -31.44
N VAL A 93 -6.54 13.58 -31.53
CA VAL A 93 -7.48 13.47 -30.42
C VAL A 93 -7.11 12.22 -29.65
N ASN A 94 -7.02 12.34 -28.33
CA ASN A 94 -6.45 11.28 -27.50
C ASN A 94 -5.02 11.01 -27.97
N GLU A 95 -4.30 12.11 -28.21
CA GLU A 95 -2.94 12.04 -28.73
C GLU A 95 -1.98 11.34 -27.77
N GLU A 96 -2.22 11.44 -26.47
CA GLU A 96 -1.29 10.82 -25.54
C GLU A 96 -1.42 9.31 -25.58
N ALA A 97 -2.65 8.81 -25.68
CA ALA A 97 -2.85 7.38 -25.78
C ALA A 97 -2.20 6.82 -27.04
N LEU A 98 -2.30 7.56 -28.15
CA LEU A 98 -1.71 7.07 -29.39
C LEU A 98 -0.19 7.11 -29.31
N ARG A 99 0.38 8.15 -28.69
CA ARG A 99 1.83 8.17 -28.52
C ARG A 99 2.28 7.01 -27.66
N GLN A 100 1.52 6.72 -26.59
CA GLN A 100 1.90 5.60 -25.72
C GLN A 100 1.82 4.28 -26.47
N ILE A 101 0.83 4.14 -27.37
CA ILE A 101 0.74 2.93 -28.20
C ILE A 101 1.93 2.83 -29.14
N LEU A 102 2.32 3.94 -29.76
CA LEU A 102 3.40 3.88 -30.73
C LEU A 102 4.76 3.63 -30.08
N ARG A 103 5.00 4.16 -28.88
CA ARG A 103 6.33 4.04 -28.28
C ARG A 103 6.74 2.59 -28.06
N GLU A 104 5.83 1.72 -27.62
CA GLU A 104 6.17 0.30 -27.44
C GLU A 104 5.94 -0.52 -28.69
N SER A 105 5.46 0.09 -29.78
CA SER A 105 4.96 -0.68 -30.92
C SER A 105 6.04 -1.47 -31.65
N GLY A 106 7.31 -1.09 -31.56
CA GLY A 106 8.35 -1.78 -32.31
C GLY A 106 8.56 -1.28 -33.73
N GLY A 107 7.82 -0.26 -34.15
CA GLY A 107 7.87 0.27 -35.50
C GLY A 107 6.56 0.03 -36.24
N ILE A 108 6.54 0.49 -37.48
CA ILE A 108 5.34 0.52 -38.31
C ILE A 108 5.53 -0.36 -39.54
N ASP A 109 4.57 -1.23 -39.81
CA ASP A 109 4.49 -2.06 -41.01
C ASP A 109 3.21 -1.66 -41.74
N LYS A 110 3.31 -0.91 -42.83
CA LYS A 110 2.12 -0.42 -43.52
C LYS A 110 1.67 -1.40 -44.60
N GLU A 111 0.35 -1.53 -44.74
CA GLU A 111 -0.29 -2.38 -45.74
C GLU A 111 -1.32 -1.54 -46.49
N ALA A 112 -1.37 -1.67 -47.81
CA ALA A 112 -2.29 -0.88 -48.62
C ALA A 112 -3.73 -1.01 -48.15
N MET A 113 -4.42 0.13 -48.04
CA MET A 113 -5.80 0.16 -47.60
C MET A 113 -6.74 -0.40 -48.66
N GLY A 114 -6.42 -0.19 -49.93
CA GLY A 114 -7.22 -0.72 -51.01
C GLY A 114 -8.46 0.09 -51.37
N PHE A 115 -8.53 1.36 -50.97
CA PHE A 115 -9.68 2.19 -51.29
C PHE A 115 -9.52 2.77 -52.70
N THR A 116 -10.51 2.53 -53.54
CA THR A 116 -10.55 3.05 -54.90
C THR A 116 -11.58 4.16 -54.95
N TYR A 117 -11.16 5.33 -55.45
CA TYR A 117 -12.00 6.51 -55.50
C TYR A 117 -12.27 6.90 -56.96
N SER A 118 -13.42 7.52 -57.18
CA SER A 118 -13.79 8.01 -58.50
C SER A 118 -14.71 9.21 -58.32
N GLY A 119 -14.56 10.20 -59.21
CA GLY A 119 -15.39 11.38 -59.15
C GLY A 119 -14.89 12.48 -58.23
N ILE A 120 -13.71 12.31 -57.62
CA ILE A 120 -13.15 13.27 -56.68
C ILE A 120 -11.69 13.57 -57.01
N ARG A 121 -11.18 14.61 -56.36
CA ARG A 121 -9.77 15.00 -56.43
C ARG A 121 -9.06 14.41 -55.21
N THR A 122 -8.15 13.46 -55.45
CA THR A 122 -7.41 12.81 -54.38
C THR A 122 -6.02 13.42 -54.17
N ASN A 123 -5.68 14.48 -54.91
CA ASN A 123 -4.37 15.09 -54.90
C ASN A 123 -4.39 16.48 -54.25
N GLY A 124 -5.14 16.63 -53.17
CA GLY A 124 -5.15 17.91 -52.48
C GLY A 124 -3.80 18.24 -51.89
N ALA A 125 -3.54 19.54 -51.74
CA ALA A 125 -2.27 20.00 -51.21
C ALA A 125 -2.46 21.32 -50.49
N THR A 126 -1.51 21.61 -49.60
CA THR A 126 -1.50 22.84 -48.81
C THR A 126 -0.11 23.45 -48.85
N SER A 127 -0.07 24.78 -48.71
CA SER A 127 1.20 25.49 -48.69
C SER A 127 2.01 25.22 -47.42
N SER A 128 1.41 24.65 -46.38
CA SER A 128 2.13 24.38 -45.15
C SER A 128 2.94 23.09 -45.20
N CYS A 129 2.60 22.18 -46.12
CA CYS A 129 3.26 20.87 -46.24
C CYS A 129 3.88 20.86 -47.64
N ARG A 130 5.18 21.12 -47.72
CA ARG A 130 5.88 21.33 -48.99
C ARG A 130 6.95 20.26 -49.22
N ARG A 131 6.52 19.12 -49.77
CA ARG A 131 7.47 18.05 -50.06
C ARG A 131 8.32 18.43 -51.28
N SER A 132 7.68 19.05 -52.28
CA SER A 132 8.34 19.49 -53.50
C SER A 132 7.83 20.86 -53.94
N GLY A 133 7.05 21.56 -53.11
CA GLY A 133 6.47 22.84 -53.43
C GLY A 133 5.07 22.97 -52.86
N SER A 134 4.20 22.00 -53.18
CA SER A 134 2.86 21.97 -52.60
C SER A 134 2.42 20.51 -52.50
N SER A 135 2.18 20.02 -51.29
CA SER A 135 1.82 18.62 -51.10
C SER A 135 0.95 18.50 -49.86
N PHE A 136 0.72 17.26 -49.42
CA PHE A 136 -0.10 16.93 -48.28
C PHE A 136 0.52 15.69 -47.66
N TYR A 137 -0.07 15.18 -46.57
CA TYR A 137 0.44 13.98 -45.92
C TYR A 137 0.56 12.86 -46.94
N ALA A 138 1.74 12.25 -46.98
CA ALA A 138 2.04 11.24 -47.99
C ALA A 138 1.14 10.02 -47.88
N GLU A 139 0.79 9.63 -46.64
CA GLU A 139 0.12 8.36 -46.43
C GLU A 139 -1.39 8.49 -46.26
N MET A 140 -1.96 9.68 -46.48
CA MET A 140 -3.39 9.90 -46.32
C MET A 140 -3.86 10.74 -47.50
N LYS A 141 -5.11 10.54 -47.90
CA LYS A 141 -5.69 11.20 -49.07
C LYS A 141 -6.67 12.30 -48.65
N TRP A 142 -6.42 13.52 -49.15
CA TRP A 142 -7.29 14.67 -48.95
C TRP A 142 -8.35 14.63 -50.04
N LEU A 143 -9.57 14.22 -49.69
CA LEU A 143 -10.63 13.96 -50.65
C LEU A 143 -11.50 15.21 -50.82
N LEU A 144 -11.43 15.83 -52.00
CA LEU A 144 -12.16 17.05 -52.33
C LEU A 144 -13.32 16.73 -53.26
N SER A 145 -14.22 17.70 -53.43
CA SER A 145 -15.31 17.51 -54.38
C SER A 145 -14.75 17.52 -55.79
N ASN A 146 -15.57 17.08 -56.75
CA ASN A 146 -15.11 16.97 -58.14
C ASN A 146 -14.53 18.30 -58.65
N THR A 147 -15.18 19.41 -58.30
CA THR A 147 -14.70 20.75 -58.65
C THR A 147 -14.90 21.64 -57.43
N ASP A 148 -14.30 22.82 -57.48
CA ASP A 148 -14.53 23.78 -56.40
C ASP A 148 -15.98 24.24 -56.45
N ASN A 149 -16.52 24.55 -55.28
CA ASN A 149 -17.90 25.02 -55.16
C ASN A 149 -18.87 24.01 -55.78
N ALA A 150 -18.65 22.73 -55.50
CA ALA A 150 -19.48 21.66 -56.04
C ALA A 150 -19.66 20.57 -55.01
N ALA A 151 -20.73 19.79 -55.19
CA ALA A 151 -21.10 18.75 -54.23
C ALA A 151 -20.05 17.63 -54.19
N PHE A 152 -19.88 17.07 -52.99
CA PHE A 152 -19.03 15.91 -52.76
C PHE A 152 -19.95 14.71 -52.51
N PRO A 153 -19.96 13.66 -53.34
CA PRO A 153 -20.90 12.57 -53.10
C PRO A 153 -20.56 11.80 -51.83
N GLN A 154 -21.59 11.30 -51.17
CA GLN A 154 -21.38 10.45 -50.00
C GLN A 154 -20.83 9.11 -50.44
N MET A 155 -19.84 8.61 -49.71
CA MET A 155 -19.26 7.30 -49.98
C MET A 155 -19.05 6.51 -48.70
N THR A 156 -19.15 5.18 -48.86
CA THR A 156 -18.86 4.21 -47.83
C THR A 156 -17.73 3.30 -48.33
N LYS A 157 -16.68 3.18 -47.52
CA LYS A 157 -15.52 2.35 -47.81
C LYS A 157 -15.29 1.45 -46.61
N SER A 158 -14.70 0.28 -46.83
CA SER A 158 -14.42 -0.62 -45.72
C SER A 158 -13.15 -1.41 -45.95
N TYR A 159 -12.55 -1.83 -44.83
CA TYR A 159 -11.34 -2.65 -44.82
C TYR A 159 -11.49 -3.82 -43.86
N LYS A 160 -11.08 -4.99 -44.34
CA LYS A 160 -11.04 -6.24 -43.58
C LYS A 160 -9.60 -6.53 -43.19
N ASN A 161 -9.37 -6.77 -41.90
CA ASN A 161 -8.04 -7.05 -41.38
C ASN A 161 -7.75 -8.55 -41.46
N THR A 162 -6.96 -8.95 -42.45
CA THR A 162 -6.68 -10.35 -42.69
C THR A 162 -5.39 -10.82 -42.03
N ARG A 163 -4.71 -9.95 -41.27
CA ARG A 163 -3.50 -10.32 -40.56
C ARG A 163 -3.83 -10.79 -39.15
N LYS A 164 -2.85 -11.47 -38.53
CA LYS A 164 -3.03 -11.93 -37.16
C LYS A 164 -2.93 -10.81 -36.13
N ASN A 165 -2.30 -9.65 -36.50
CA ASN A 165 -2.14 -8.55 -35.58
C ASN A 165 -3.25 -7.53 -35.75
N PRO A 166 -3.64 -6.79 -34.70
CA PRO A 166 -4.61 -5.72 -34.90
C PRO A 166 -4.00 -4.57 -35.68
N ALA A 167 -4.82 -3.90 -36.47
CA ALA A 167 -4.38 -2.77 -37.28
C ALA A 167 -4.64 -1.46 -36.57
N LEU A 168 -3.70 -0.53 -36.68
CA LEU A 168 -3.88 0.84 -36.22
C LEU A 168 -4.30 1.66 -37.43
N ILE A 169 -5.53 2.19 -37.41
CA ILE A 169 -6.06 2.94 -38.53
C ILE A 169 -6.31 4.36 -38.05
N VAL A 170 -5.73 5.32 -38.77
CA VAL A 170 -5.83 6.74 -38.45
C VAL A 170 -6.50 7.46 -39.61
N TRP A 171 -7.41 8.37 -39.27
CA TRP A 171 -8.09 9.19 -40.27
C TRP A 171 -8.21 10.58 -39.68
N GLY A 172 -8.32 11.58 -40.55
CA GLY A 172 -8.45 12.96 -40.12
C GLY A 172 -9.81 13.53 -40.45
N ILE A 173 -10.24 14.48 -39.63
CA ILE A 173 -11.42 15.29 -39.85
C ILE A 173 -10.91 16.71 -40.06
N HIS A 174 -11.28 17.33 -41.17
CA HIS A 174 -10.77 18.66 -41.49
C HIS A 174 -11.77 19.71 -41.04
N HIS A 175 -11.33 20.57 -40.13
CA HIS A 175 -12.11 21.68 -39.63
C HIS A 175 -11.62 22.88 -40.41
N SER A 176 -12.49 23.37 -41.29
CA SER A 176 -12.14 24.46 -42.21
C SER A 176 -11.96 25.77 -41.46
N GLY A 177 -11.16 26.65 -42.04
CA GLY A 177 -10.95 27.96 -41.47
C GLY A 177 -12.09 28.92 -41.66
N SER A 178 -13.06 28.58 -42.50
CA SER A 178 -14.21 29.43 -42.75
C SER A 178 -15.32 28.57 -43.36
N THR A 179 -16.52 29.15 -43.38
CA THR A 179 -17.62 28.46 -44.05
C THR A 179 -17.42 28.49 -45.55
N ALA A 180 -16.69 29.49 -46.06
CA ALA A 180 -16.36 29.52 -47.47
C ALA A 180 -15.40 28.38 -47.82
N GLU A 181 -14.42 28.12 -46.94
CA GLU A 181 -13.49 27.03 -47.20
C GLU A 181 -14.21 25.69 -47.23
N GLN A 182 -15.23 25.53 -46.38
CA GLN A 182 -16.00 24.30 -46.37
C GLN A 182 -17.08 24.29 -47.45
N THR A 183 -17.22 25.40 -48.19
CA THR A 183 -18.13 25.52 -49.30
C THR A 183 -17.36 25.46 -50.62
N LYS A 184 -16.18 26.07 -50.64
CA LYS A 184 -15.32 26.00 -51.83
C LYS A 184 -14.87 24.57 -52.03
N LEU A 185 -14.43 23.92 -50.96
CA LEU A 185 -14.07 22.52 -50.98
C LEU A 185 -15.27 21.73 -50.51
N TYR A 186 -15.41 20.50 -51.01
CA TYR A 186 -16.43 19.54 -50.56
C TYR A 186 -17.88 19.91 -50.90
N GLY A 187 -18.20 21.19 -51.11
CA GLY A 187 -19.54 21.61 -51.46
C GLY A 187 -20.33 22.03 -50.24
N SER A 188 -21.48 22.65 -50.50
CA SER A 188 -22.33 23.14 -49.43
C SER A 188 -23.07 21.98 -48.77
N GLY A 189 -23.63 22.25 -47.60
CA GLY A 189 -24.43 21.29 -46.86
C GLY A 189 -23.74 20.86 -45.57
N ASN A 190 -24.51 20.13 -44.77
CA ASN A 190 -24.01 19.60 -43.51
C ASN A 190 -23.14 18.39 -43.84
N LYS A 191 -22.02 18.27 -43.14
CA LYS A 191 -21.09 17.16 -43.30
C LYS A 191 -21.17 16.21 -42.11
N LEU A 192 -20.90 14.94 -42.37
CA LEU A 192 -20.95 13.91 -41.34
C LEU A 192 -19.95 12.81 -41.69
N VAL A 193 -19.18 12.38 -40.70
CA VAL A 193 -18.28 11.24 -40.82
C VAL A 193 -18.65 10.25 -39.74
N THR A 194 -18.94 9.01 -40.13
CA THR A 194 -19.23 7.93 -39.19
C THR A 194 -18.20 6.85 -39.39
N VAL A 195 -17.70 6.29 -38.30
CA VAL A 195 -16.69 5.25 -38.33
C VAL A 195 -17.13 4.15 -37.39
N GLY A 196 -17.09 2.91 -37.86
CA GLY A 196 -17.40 1.83 -36.94
C GLY A 196 -16.83 0.47 -37.31
N SER A 197 -16.90 -0.40 -36.30
CA SER A 197 -16.47 -1.78 -36.37
C SER A 197 -17.27 -2.52 -35.30
N SER A 198 -17.06 -3.83 -35.22
CA SER A 198 -17.86 -4.68 -34.33
C SER A 198 -17.81 -4.20 -32.89
N ASN A 199 -16.65 -3.70 -32.44
CA ASN A 199 -16.48 -3.21 -31.08
C ASN A 199 -16.12 -1.73 -31.02
N TYR A 200 -16.42 -0.94 -32.06
CA TYR A 200 -16.03 0.46 -32.01
C TYR A 200 -17.08 1.27 -32.77
N GLN A 201 -17.47 2.42 -32.24
CA GLN A 201 -18.43 3.27 -32.94
C GLN A 201 -18.26 4.73 -32.53
N GLN A 202 -17.89 5.57 -33.50
CA GLN A 202 -17.82 7.01 -33.27
C GLN A 202 -18.34 7.77 -34.49
N SER A 203 -18.75 9.01 -34.24
CA SER A 203 -19.23 9.90 -35.29
C SER A 203 -18.68 11.29 -35.06
N PHE A 204 -18.13 11.89 -36.12
CA PHE A 204 -17.44 13.18 -36.07
C PHE A 204 -18.12 14.12 -37.06
N VAL A 205 -18.13 15.40 -36.73
CA VAL A 205 -18.67 16.44 -37.61
C VAL A 205 -17.70 17.62 -37.70
N PRO A 206 -17.31 18.08 -38.90
CA PRO A 206 -16.45 19.26 -38.97
C PRO A 206 -17.20 20.52 -38.57
N SER A 207 -16.47 21.49 -38.03
CA SER A 207 -17.04 22.75 -37.58
C SER A 207 -16.29 23.95 -38.17
N PRO A 208 -16.80 24.56 -39.26
CA PRO A 208 -16.11 25.72 -39.82
C PRO A 208 -16.31 26.95 -38.93
N GLY A 209 -15.39 27.90 -39.07
CA GLY A 209 -15.49 29.14 -38.30
C GLY A 209 -14.39 30.14 -38.63
N ALA A 210 -13.57 30.47 -37.63
CA ALA A 210 -12.42 31.34 -37.85
C ALA A 210 -11.40 31.03 -36.77
N ARG A 211 -10.12 31.03 -37.15
CA ARG A 211 -9.05 30.73 -36.22
C ARG A 211 -7.83 31.57 -36.57
N THR A 212 -6.96 31.73 -35.58
CA THR A 212 -5.68 32.41 -35.76
C THR A 212 -4.76 31.60 -36.67
N GLN A 213 -3.88 32.30 -37.38
CA GLN A 213 -2.95 31.60 -38.27
C GLN A 213 -1.88 30.91 -37.44
N VAL A 214 -1.68 29.63 -37.71
CA VAL A 214 -0.62 28.82 -37.12
C VAL A 214 0.09 28.12 -38.28
N ASN A 215 1.39 28.36 -38.43
CA ASN A 215 2.19 27.73 -39.49
C ASN A 215 1.55 27.88 -40.87
N GLY A 216 1.00 29.05 -41.14
CA GLY A 216 0.38 29.36 -42.42
C GLY A 216 -1.13 29.34 -42.49
N GLN A 217 -1.72 28.26 -43.00
CA GLN A 217 -3.17 28.23 -43.22
C GLN A 217 -3.91 28.19 -41.89
N SER A 218 -4.95 29.03 -41.77
CA SER A 218 -5.78 29.11 -40.57
C SER A 218 -6.87 28.04 -40.60
N GLY A 219 -6.43 26.78 -40.71
CA GLY A 219 -7.32 25.63 -40.69
C GLY A 219 -6.81 24.64 -39.66
N ARG A 220 -7.56 23.55 -39.49
CA ARG A 220 -7.17 22.55 -38.50
C ARG A 220 -7.63 21.19 -38.96
N ILE A 221 -6.80 20.17 -38.74
CA ILE A 221 -7.24 18.78 -38.92
C ILE A 221 -7.10 18.06 -37.59
N ASP A 222 -8.19 17.44 -37.15
CA ASP A 222 -8.19 16.62 -35.95
C ASP A 222 -7.94 15.18 -36.41
N PHE A 223 -6.88 14.56 -35.89
CA PHE A 223 -6.51 13.21 -36.31
C PHE A 223 -6.99 12.19 -35.27
N HIS A 224 -7.89 11.32 -35.69
CA HIS A 224 -8.53 10.31 -34.87
C HIS A 224 -7.95 8.95 -35.27
N TRP A 225 -8.09 7.97 -34.38
CA TRP A 225 -7.53 6.65 -34.62
C TRP A 225 -8.37 5.57 -33.94
N LEU A 226 -8.23 4.34 -34.46
CA LEU A 226 -8.84 3.16 -33.85
C LEU A 226 -7.89 1.98 -33.96
N MET A 227 -8.06 1.04 -33.03
CA MET A 227 -7.48 -0.29 -33.14
C MET A 227 -8.53 -1.24 -33.70
N LEU A 228 -8.14 -1.99 -34.73
CA LEU A 228 -8.98 -2.98 -35.40
C LEU A 228 -8.52 -4.38 -35.04
N ASN A 229 -9.39 -5.12 -34.34
CA ASN A 229 -9.05 -6.47 -33.92
C ASN A 229 -8.86 -7.38 -35.14
N PRO A 230 -8.06 -8.43 -35.02
CA PRO A 230 -7.94 -9.38 -36.14
C PRO A 230 -9.29 -9.99 -36.51
N ASN A 231 -9.49 -10.21 -37.81
CA ASN A 231 -10.69 -10.81 -38.40
C ASN A 231 -11.90 -9.89 -38.25
N ASP A 232 -11.72 -8.61 -37.92
CA ASP A 232 -12.82 -7.66 -37.86
C ASP A 232 -12.78 -6.78 -39.11
N THR A 233 -13.74 -5.86 -39.22
CA THR A 233 -13.84 -4.96 -40.35
C THR A 233 -14.12 -3.55 -39.84
N VAL A 234 -13.73 -2.56 -40.63
CA VAL A 234 -14.00 -1.15 -40.37
C VAL A 234 -14.72 -0.54 -41.56
N THR A 235 -15.75 0.23 -41.26
CA THR A 235 -16.52 0.96 -42.26
C THR A 235 -16.41 2.46 -41.98
N PHE A 236 -16.02 3.20 -43.03
CA PHE A 236 -15.89 4.65 -43.05
C PHE A 236 -16.98 5.18 -43.97
N SER A 237 -17.86 6.02 -43.45
CA SER A 237 -18.94 6.63 -44.25
C SER A 237 -18.81 8.13 -44.12
N PHE A 238 -18.65 8.82 -45.25
CA PHE A 238 -18.40 10.26 -45.20
C PHE A 238 -19.05 10.96 -46.38
N ASN A 239 -19.45 12.21 -46.13
CA ASN A 239 -20.06 13.10 -47.13
C ASN A 239 -19.10 14.24 -47.51
N GLY A 240 -17.84 14.17 -47.10
CA GLY A 240 -16.86 15.21 -47.36
C GLY A 240 -16.20 15.69 -46.08
N ALA A 241 -15.13 16.45 -46.27
CA ALA A 241 -14.30 16.96 -45.17
C ALA A 241 -13.75 15.79 -44.34
N PHE A 242 -13.38 14.72 -45.03
CA PHE A 242 -12.81 13.52 -44.45
C PHE A 242 -11.47 13.24 -45.11
N ILE A 243 -10.44 13.03 -44.30
CA ILE A 243 -9.10 12.76 -44.80
C ILE A 243 -8.93 11.25 -44.69
N ALA A 244 -8.97 10.55 -45.82
CA ALA A 244 -9.02 9.10 -45.76
C ALA A 244 -7.64 8.48 -45.54
N PRO A 245 -7.56 7.34 -44.84
CA PRO A 245 -6.28 6.63 -44.79
C PRO A 245 -5.97 6.01 -46.15
N ASP A 246 -4.69 5.99 -46.50
CA ASP A 246 -4.23 5.28 -47.68
C ASP A 246 -3.68 3.90 -47.34
N ARG A 247 -3.08 3.74 -46.16
CA ARG A 247 -2.49 2.49 -45.75
C ARG A 247 -2.82 2.25 -44.28
N ALA A 248 -3.05 0.99 -43.92
CA ALA A 248 -3.26 0.59 -42.53
C ALA A 248 -1.91 0.35 -41.88
N SER A 249 -1.79 0.77 -40.63
CA SER A 249 -0.55 0.66 -39.87
C SER A 249 -0.61 -0.50 -38.88
N PHE A 250 0.27 -1.49 -39.06
CA PHE A 250 0.40 -2.63 -38.17
C PHE A 250 1.63 -2.40 -37.30
N LEU A 251 1.59 -2.92 -36.07
CA LEU A 251 2.70 -2.73 -35.15
C LEU A 251 3.70 -3.87 -35.38
N ARG A 252 4.99 -3.53 -35.31
CA ARG A 252 6.03 -4.54 -35.59
C ARG A 252 6.41 -5.39 -34.38
N GLY A 253 6.34 -4.86 -33.16
CA GLY A 253 6.82 -5.63 -32.03
C GLY A 253 6.89 -4.92 -30.69
N LYS A 254 8.10 -4.81 -30.15
CA LYS A 254 8.34 -4.20 -28.84
C LYS A 254 9.44 -3.16 -28.96
N SER A 255 9.23 -2.02 -28.31
CA SER A 255 10.20 -0.93 -28.25
C SER A 255 9.94 -0.10 -26.99
N MET A 256 10.77 0.92 -26.80
CA MET A 256 10.54 1.94 -25.78
C MET A 256 10.86 3.29 -26.39
N GLY A 257 10.23 4.35 -25.86
CA GLY A 257 10.49 5.69 -26.34
C GLY A 257 11.24 6.60 -25.38
N ILE A 258 11.85 7.66 -25.92
CA ILE A 258 12.56 8.67 -25.15
C ILE A 258 12.13 10.04 -25.62
N GLN A 259 11.89 10.94 -24.67
CA GLN A 259 11.76 12.37 -24.95
C GLN A 259 13.01 13.03 -24.41
N SER A 260 13.83 13.61 -25.30
CA SER A 260 15.11 14.18 -24.87
C SER A 260 15.57 15.31 -25.77
N GLY A 261 16.51 16.08 -25.24
CA GLY A 261 17.18 17.18 -25.91
C GLY A 261 18.67 16.95 -26.19
N VAL A 262 19.17 15.71 -26.18
CA VAL A 262 20.60 15.45 -26.26
C VAL A 262 20.95 14.56 -27.46
N GLN A 263 22.25 14.54 -27.76
CA GLN A 263 22.83 13.77 -28.86
C GLN A 263 22.72 12.26 -28.65
N VAL A 264 22.40 11.55 -29.73
CA VAL A 264 22.38 10.09 -29.70
C VAL A 264 23.81 9.59 -29.80
N ASP A 265 24.17 8.66 -28.91
CA ASP A 265 25.51 8.07 -28.86
C ASP A 265 25.38 6.58 -29.15
N ALA A 266 25.85 6.16 -30.32
CA ALA A 266 25.75 4.77 -30.75
C ALA A 266 26.90 3.89 -30.25
N ASP A 267 27.90 4.45 -29.56
CA ASP A 267 29.06 3.70 -29.09
C ASP A 267 28.96 3.26 -27.63
N CYS A 268 27.89 3.60 -26.93
CA CYS A 268 27.69 3.20 -25.54
C CYS A 268 26.29 2.61 -25.38
N GLU A 269 26.16 1.65 -24.46
CA GLU A 269 24.90 0.97 -24.17
C GLU A 269 24.50 1.24 -22.72
N GLY A 270 23.31 1.83 -22.54
CA GLY A 270 22.79 2.14 -21.23
C GLY A 270 21.48 1.41 -20.93
N ASP A 271 21.05 1.50 -19.67
CA ASP A 271 19.83 0.83 -19.23
C ASP A 271 18.58 1.69 -19.30
N CYS A 272 18.66 2.99 -19.03
CA CYS A 272 17.47 3.84 -19.13
C CYS A 272 17.92 5.25 -19.47
N TYR A 273 16.93 6.06 -19.86
CA TYR A 273 17.20 7.38 -20.38
C TYR A 273 16.21 8.37 -19.77
N TYR A 274 16.61 9.64 -19.76
CA TYR A 274 15.75 10.73 -19.32
C TYR A 274 16.09 11.92 -20.20
N SER A 275 15.34 13.02 -20.01
CA SER A 275 15.41 14.14 -20.95
C SER A 275 16.81 14.74 -21.06
N GLY A 276 17.61 14.63 -20.00
CA GLY A 276 18.95 15.15 -19.98
C GLY A 276 20.07 14.18 -20.26
N GLY A 277 19.79 12.93 -20.62
CA GLY A 277 20.88 11.98 -20.83
C GLY A 277 20.47 10.56 -20.53
N THR A 278 21.49 9.71 -20.38
CA THR A 278 21.35 8.30 -20.06
C THR A 278 21.80 8.08 -18.62
N ILE A 279 21.13 7.19 -17.91
CA ILE A 279 21.51 6.84 -16.55
C ILE A 279 22.09 5.44 -16.59
N ILE A 280 23.40 5.33 -16.39
CA ILE A 280 24.10 4.05 -16.33
C ILE A 280 24.68 3.94 -14.93
N SER A 281 24.08 3.09 -14.10
CA SER A 281 24.51 2.96 -12.72
C SER A 281 23.95 1.67 -12.15
N ASN A 282 24.70 1.09 -11.22
CA ASN A 282 24.29 -0.08 -10.46
C ASN A 282 23.87 0.27 -9.04
N LEU A 283 23.59 1.55 -8.77
CA LEU A 283 23.13 1.99 -7.47
C LEU A 283 21.61 1.87 -7.37
N PRO A 284 21.01 1.49 -6.23
CA PRO A 284 19.56 1.32 -6.20
C PRO A 284 18.75 2.60 -6.38
N PHE A 285 19.30 3.78 -6.11
CA PHE A 285 18.54 5.03 -6.16
C PHE A 285 19.22 6.09 -7.02
N GLN A 286 18.43 7.07 -7.43
CA GLN A 286 18.90 8.24 -8.18
C GLN A 286 18.18 9.47 -7.66
N ASN A 287 18.84 10.64 -7.77
CA ASN A 287 18.25 11.93 -7.43
C ASN A 287 18.31 12.92 -8.59
N ILE A 288 18.33 12.44 -9.83
CA ILE A 288 18.46 13.31 -11.00
C ILE A 288 17.15 13.52 -11.75
N ASP A 289 16.32 12.48 -11.94
CA ASP A 289 15.08 12.66 -12.70
C ASP A 289 14.06 11.65 -12.25
N SER A 290 12.92 12.15 -11.77
CA SER A 290 11.84 11.32 -11.25
C SER A 290 11.04 10.60 -12.33
N ARG A 291 11.20 10.97 -13.60
CA ARG A 291 10.41 10.39 -14.69
C ARG A 291 11.26 9.59 -15.67
N ALA A 292 12.44 9.11 -15.26
CA ALA A 292 13.23 8.28 -16.17
C ALA A 292 12.47 7.01 -16.47
N VAL A 293 12.62 6.51 -17.70
CA VAL A 293 11.91 5.32 -18.15
C VAL A 293 12.89 4.28 -18.66
N GLY A 294 12.56 3.02 -18.40
CA GLY A 294 13.44 1.89 -18.66
C GLY A 294 13.63 1.04 -17.43
N LYS A 295 14.76 0.33 -17.34
CA LYS A 295 15.06 -0.57 -16.23
C LYS A 295 16.23 0.03 -15.45
N CYS A 296 15.94 0.89 -14.45
CA CYS A 296 17.04 1.61 -13.81
C CYS A 296 16.64 2.10 -12.41
N PRO A 297 17.54 2.76 -11.65
CA PRO A 297 17.23 3.08 -10.25
C PRO A 297 15.95 3.88 -10.01
N ARG A 298 15.39 3.67 -8.82
CA ARG A 298 14.19 4.36 -8.37
C ARG A 298 14.55 5.75 -7.86
N TYR A 299 13.74 6.73 -8.20
CA TYR A 299 14.01 8.10 -7.78
C TYR A 299 13.68 8.34 -6.31
N VAL A 300 14.60 9.03 -5.62
CA VAL A 300 14.43 9.44 -4.24
C VAL A 300 14.69 10.94 -4.18
N LYS A 301 14.18 11.59 -3.13
CA LYS A 301 14.37 13.01 -2.93
C LYS A 301 15.64 13.33 -2.14
N GLN A 302 16.36 12.31 -1.68
CA GLN A 302 17.55 12.52 -0.88
C GLN A 302 18.70 12.84 -1.84
N ARG A 303 19.41 13.95 -1.59
CA ARG A 303 20.48 14.32 -2.50
C ARG A 303 21.55 13.25 -2.54
N SER A 304 21.89 12.70 -1.38
CA SER A 304 22.89 11.66 -1.31
C SER A 304 22.66 10.87 -0.03
N LEU A 305 22.64 9.56 -0.15
CA LEU A 305 22.54 8.64 0.99
C LEU A 305 23.80 7.81 1.00
N LEU A 306 24.58 7.93 2.07
CA LEU A 306 25.85 7.25 2.18
C LEU A 306 25.64 5.95 2.94
N LEU A 307 25.96 4.85 2.27
CA LEU A 307 25.84 3.51 2.79
C LEU A 307 27.23 3.10 3.24
N ALA A 308 27.37 2.83 4.53
CA ALA A 308 28.67 2.49 5.06
C ALA A 308 29.18 1.20 4.45
N THR A 309 30.47 1.18 4.15
CA THR A 309 31.17 -0.01 3.69
C THR A 309 32.25 -0.39 4.66
N GLY A 310 32.66 0.53 5.54
CA GLY A 310 33.60 0.26 6.59
C GLY A 310 32.88 0.40 7.92
N MET A 311 33.65 0.35 8.99
CA MET A 311 33.09 0.45 10.33
C MET A 311 33.23 1.87 10.89
N LYS A 312 32.63 2.06 12.07
CA LYS A 312 32.68 3.36 12.74
C LYS A 312 34.12 3.79 13.02
N ASN A 313 34.43 5.03 12.65
CA ASN A 313 35.77 5.61 12.74
C ASN A 313 35.99 6.30 14.09
N VAL A 314 36.18 5.49 15.13
CA VAL A 314 36.49 6.06 16.43
C VAL A 314 37.91 6.61 16.33
N PRO A 315 38.17 7.91 16.59
CA PRO A 315 39.52 8.43 16.41
C PRO A 315 40.49 7.94 17.48
N GLU A 316 41.76 7.84 17.10
CA GLU A 316 42.84 7.43 18.00
C GLU A 316 43.53 8.67 18.57
N ILE A 317 43.73 8.66 19.89
CA ILE A 317 44.46 9.70 20.63
C ILE A 317 45.69 10.22 19.88
N ALA B 9 50.41 1.20 26.72
CA ALA B 9 49.81 2.35 26.06
C ALA B 9 49.46 2.06 24.60
N ILE B 10 49.26 0.79 24.28
CA ILE B 10 48.83 0.35 22.97
C ILE B 10 47.35 -0.05 22.95
N ALA B 11 46.59 0.28 24.00
CA ALA B 11 45.24 -0.24 24.24
C ALA B 11 44.21 0.56 23.45
N GLY B 12 44.26 0.35 22.13
CA GLY B 12 43.30 0.97 21.22
C GLY B 12 41.83 0.54 21.27
N PHE B 13 41.55 -0.75 21.46
CA PHE B 13 40.22 -1.27 21.08
C PHE B 13 39.04 -0.65 21.82
N ILE B 14 39.03 -0.59 23.16
CA ILE B 14 37.79 -0.12 23.78
C ILE B 14 37.56 1.35 23.48
N GLU B 15 38.60 2.17 23.50
CA GLU B 15 38.46 3.61 23.39
C GLU B 15 39.04 4.23 22.12
N ASN B 16 40.32 4.01 21.79
CA ASN B 16 40.94 4.79 20.73
C ASN B 16 40.88 4.22 19.31
N GLY B 17 40.96 2.92 19.10
CA GLY B 17 41.12 2.38 17.76
C GLY B 17 42.58 2.39 17.31
N TRP B 18 42.83 1.76 16.17
CA TRP B 18 44.16 1.69 15.56
C TRP B 18 44.15 2.39 14.21
N GLU B 19 44.76 3.56 14.15
CA GLU B 19 44.87 4.30 12.89
C GLU B 19 46.04 3.82 12.04
N GLY B 20 46.94 3.02 12.60
CA GLY B 20 48.11 2.48 11.93
C GLY B 20 47.98 1.11 11.31
N LEU B 21 46.80 0.50 11.31
CA LEU B 21 46.63 -0.84 10.74
C LEU B 21 46.36 -0.69 9.25
N ILE B 22 47.24 -1.25 8.43
CA ILE B 22 47.23 -1.03 6.99
C ILE B 22 46.67 -2.21 6.22
N ASP B 23 47.03 -3.45 6.61
CA ASP B 23 46.75 -4.59 5.75
C ASP B 23 45.34 -5.13 5.89
N GLY B 24 44.72 -5.01 7.06
CA GLY B 24 43.39 -5.54 7.26
C GLY B 24 42.49 -4.64 8.10
N TRP B 25 41.30 -5.13 8.41
CA TRP B 25 40.35 -4.40 9.24
C TRP B 25 40.51 -4.73 10.71
N TYR B 26 40.93 -5.95 11.02
CA TYR B 26 41.04 -6.45 12.37
C TYR B 26 42.47 -6.96 12.53
N GLY B 27 43.01 -6.86 13.73
CA GLY B 27 44.36 -7.35 13.90
C GLY B 27 44.78 -7.48 15.34
N PHE B 28 46.09 -7.70 15.49
CA PHE B 28 46.76 -7.93 16.76
C PHE B 28 47.93 -6.95 16.87
N ARG B 29 48.16 -6.44 18.08
CA ARG B 29 49.31 -5.58 18.34
C ARG B 29 49.97 -6.11 19.60
N HIS B 30 51.30 -6.15 19.60
CA HIS B 30 52.07 -6.84 20.62
C HIS B 30 52.99 -5.88 21.36
N GLN B 31 53.01 -6.05 22.68
CA GLN B 31 53.84 -5.34 23.65
C GLN B 31 55.10 -6.09 24.06
N ASN B 32 55.36 -7.28 23.50
CA ASN B 32 56.46 -8.13 23.96
C ASN B 32 57.80 -7.40 23.95
N ALA B 33 58.59 -7.66 24.99
CA ALA B 33 59.87 -6.99 25.20
C ALA B 33 60.83 -7.12 24.03
N GLN B 34 60.68 -8.14 23.17
CA GLN B 34 61.59 -8.26 22.04
C GLN B 34 61.39 -7.15 21.01
N GLY B 35 60.25 -6.44 21.07
CA GLY B 35 59.93 -5.40 20.12
C GLY B 35 58.45 -5.39 19.82
N GLU B 36 57.81 -4.25 20.04
CA GLU B 36 56.38 -4.11 19.84
C GLU B 36 56.06 -4.01 18.35
N GLY B 37 54.83 -4.31 17.99
CA GLY B 37 54.46 -4.16 16.59
C GLY B 37 53.03 -4.56 16.32
N THR B 38 52.62 -4.38 15.07
CA THR B 38 51.24 -4.60 14.63
C THR B 38 51.18 -5.57 13.45
N ALA B 39 50.15 -6.42 13.46
CA ALA B 39 49.87 -7.36 12.38
C ALA B 39 48.36 -7.41 12.20
N ALA B 40 47.91 -7.71 10.98
CA ALA B 40 46.48 -7.80 10.69
C ALA B 40 46.01 -9.24 10.60
N ASP B 41 44.74 -9.44 10.95
CA ASP B 41 44.03 -10.68 10.69
C ASP B 41 43.35 -10.59 9.33
N TYR B 42 43.25 -11.73 8.63
CA TYR B 42 42.57 -11.78 7.34
C TYR B 42 41.27 -12.57 7.35
N LYS B 43 41.09 -13.51 8.28
CA LYS B 43 39.87 -14.34 8.23
C LYS B 43 38.65 -13.57 8.71
N SER B 44 38.76 -12.85 9.84
CA SER B 44 37.61 -12.06 10.27
C SER B 44 37.43 -10.86 9.38
N THR B 45 38.52 -10.36 8.79
CA THR B 45 38.42 -9.27 7.83
C THR B 45 37.71 -9.77 6.58
N GLN B 46 38.11 -10.95 6.09
CA GLN B 46 37.49 -11.48 4.88
C GLN B 46 36.02 -11.78 5.11
N SER B 47 35.67 -12.29 6.29
CA SER B 47 34.27 -12.57 6.59
C SER B 47 33.45 -11.30 6.62
N ALA B 48 33.94 -10.27 7.32
CA ALA B 48 33.20 -9.01 7.42
C ALA B 48 33.06 -8.35 6.06
N ILE B 49 34.12 -8.37 5.25
CA ILE B 49 34.04 -7.71 3.96
C ILE B 49 33.19 -8.54 3.01
N ASP B 50 33.18 -9.86 3.15
CA ASP B 50 32.34 -10.67 2.28
C ASP B 50 30.88 -10.42 2.59
N GLN B 51 30.55 -10.26 3.88
CA GLN B 51 29.17 -9.96 4.23
C GLN B 51 28.77 -8.57 3.77
N ILE B 52 29.68 -7.59 3.87
CA ILE B 52 29.34 -6.24 3.43
C ILE B 52 29.18 -6.19 1.91
N THR B 53 30.06 -6.84 1.16
CA THR B 53 29.88 -6.92 -0.30
C THR B 53 28.58 -7.64 -0.64
N GLY B 54 28.25 -8.71 0.10
CA GLY B 54 26.97 -9.36 -0.11
C GLY B 54 25.81 -8.40 0.08
N LYS B 55 25.92 -7.52 1.09
CA LYS B 55 24.90 -6.51 1.30
C LYS B 55 24.82 -5.56 0.11
N LEU B 56 25.98 -5.09 -0.39
CA LEU B 56 25.94 -4.16 -1.52
C LEU B 56 25.38 -4.82 -2.76
N ASN B 57 25.66 -6.11 -2.96
CA ASN B 57 25.14 -6.80 -4.14
C ASN B 57 23.64 -7.00 -4.00
N ARG B 58 23.16 -7.36 -2.81
CA ARG B 58 21.72 -7.47 -2.59
C ARG B 58 21.07 -6.12 -2.82
N LEU B 59 21.73 -5.04 -2.40
CA LEU B 59 21.19 -3.70 -2.46
C LEU B 59 21.26 -3.08 -3.86
N ILE B 60 21.85 -3.75 -4.85
CA ILE B 60 21.77 -3.21 -6.21
C ILE B 60 20.31 -3.18 -6.65
N GLU B 61 19.61 -4.29 -6.41
CA GLU B 61 18.17 -4.42 -6.66
C GLU B 61 17.78 -3.91 -8.03
N LYS B 62 18.51 -4.34 -9.05
CA LYS B 62 18.23 -3.87 -10.40
C LYS B 62 16.85 -4.38 -10.80
N THR B 63 15.99 -3.48 -11.24
CA THR B 63 14.65 -3.87 -11.63
C THR B 63 14.64 -4.53 -12.99
N ASN B 64 13.71 -5.47 -13.16
CA ASN B 64 13.40 -6.09 -14.45
C ASN B 64 12.01 -5.69 -14.93
N GLN B 65 11.40 -4.69 -14.30
CA GLN B 65 10.08 -4.18 -14.67
C GLN B 65 10.29 -2.95 -15.54
N GLN B 66 9.86 -3.02 -16.79
CA GLN B 66 10.01 -1.88 -17.70
C GLN B 66 8.89 -0.88 -17.45
N PHE B 67 9.27 0.38 -17.27
CA PHE B 67 8.34 1.49 -17.12
C PHE B 67 8.41 2.36 -18.37
N GLU B 68 7.24 2.66 -18.94
CA GLU B 68 7.16 3.48 -20.14
C GLU B 68 6.97 4.95 -19.72
N LEU B 69 6.89 5.83 -20.72
CA LEU B 69 6.71 7.26 -20.49
C LEU B 69 5.22 7.57 -20.62
N ILE B 70 4.62 8.09 -19.55
CA ILE B 70 3.22 8.48 -19.52
C ILE B 70 3.06 9.99 -19.62
N ASP B 71 3.79 10.74 -18.81
CA ASP B 71 3.65 12.19 -18.80
C ASP B 71 4.53 12.76 -19.90
N ASN B 72 3.91 13.55 -20.76
CA ASN B 72 4.57 14.16 -21.90
C ASN B 72 5.08 15.54 -21.52
N GLU B 73 6.39 15.74 -21.57
CA GLU B 73 6.99 17.00 -21.17
C GLU B 73 7.03 18.04 -22.30
N PHE B 74 6.74 17.65 -23.53
CA PHE B 74 6.74 18.58 -24.65
C PHE B 74 5.36 19.23 -24.79
N THR B 75 4.32 18.41 -24.67
CA THR B 75 2.93 18.84 -24.68
C THR B 75 2.33 18.29 -23.40
N GLU B 76 1.70 19.14 -22.60
CA GLU B 76 1.18 18.66 -21.33
C GLU B 76 -0.04 17.76 -21.56
N VAL B 77 -0.22 16.83 -20.63
CA VAL B 77 -1.37 15.93 -20.65
C VAL B 77 -2.55 16.67 -20.03
N GLU B 78 -3.75 16.13 -20.19
CA GLU B 78 -4.94 16.72 -19.59
C GLU B 78 -4.69 16.93 -18.10
N LYS B 79 -5.13 18.08 -17.59
CA LYS B 79 -4.74 18.49 -16.24
C LYS B 79 -5.23 17.55 -15.15
N GLN B 80 -6.44 17.00 -15.27
CA GLN B 80 -6.91 16.09 -14.22
C GLN B 80 -6.05 14.83 -14.16
N ILE B 81 -5.78 14.22 -15.31
CA ILE B 81 -4.93 13.04 -15.29
C ILE B 81 -3.50 13.45 -14.99
N GLY B 82 -3.09 14.65 -15.43
CA GLY B 82 -1.76 15.13 -15.11
C GLY B 82 -1.55 15.22 -13.60
N ASN B 83 -2.52 15.80 -12.90
CA ASN B 83 -2.43 15.91 -11.45
C ASN B 83 -2.56 14.55 -10.78
N VAL B 84 -3.31 13.62 -11.37
CA VAL B 84 -3.36 12.27 -10.83
C VAL B 84 -1.98 11.64 -10.91
N ILE B 85 -1.30 11.84 -12.05
CA ILE B 85 0.03 11.31 -12.23
C ILE B 85 1.00 11.96 -11.27
N ASN B 86 0.92 13.29 -11.12
CA ASN B 86 1.82 13.97 -10.18
C ASN B 86 1.59 13.53 -8.74
N TRP B 87 0.33 13.37 -8.33
CA TRP B 87 0.05 12.91 -6.97
C TRP B 87 0.53 11.48 -6.76
N THR B 88 0.24 10.58 -7.71
CA THR B 88 0.68 9.20 -7.57
C THR B 88 2.20 9.11 -7.59
N ARG B 89 2.84 9.85 -8.50
CA ARG B 89 4.30 9.84 -8.61
C ARG B 89 4.95 10.44 -7.37
N ASP B 90 4.38 11.51 -6.81
CA ASP B 90 4.95 12.09 -5.61
C ASP B 90 4.74 11.19 -4.40
N SER B 91 3.60 10.51 -4.32
CA SER B 91 3.40 9.57 -3.22
C SER B 91 4.35 8.40 -3.34
N ILE B 92 4.55 7.89 -4.55
CA ILE B 92 5.50 6.81 -4.79
C ILE B 92 6.91 7.28 -4.46
N THR B 93 7.24 8.50 -4.87
CA THR B 93 8.55 9.07 -4.59
C THR B 93 8.76 9.21 -3.09
N GLU B 94 7.74 9.66 -2.36
CA GLU B 94 7.84 9.74 -0.90
C GLU B 94 8.02 8.36 -0.29
N VAL B 95 7.34 7.36 -0.85
CA VAL B 95 7.49 5.99 -0.35
C VAL B 95 8.92 5.50 -0.60
N TRP B 96 9.46 5.78 -1.79
CA TRP B 96 10.82 5.34 -2.09
C TRP B 96 11.86 6.16 -1.34
N SER B 97 11.58 7.44 -1.06
CA SER B 97 12.53 8.23 -0.29
C SER B 97 12.56 7.75 1.15
N TYR B 98 11.39 7.44 1.70
CA TYR B 98 11.31 6.84 3.02
C TYR B 98 12.01 5.50 3.05
N ASN B 99 11.72 4.65 2.06
CA ASN B 99 12.32 3.32 2.01
C ASN B 99 13.83 3.42 1.85
N ALA B 100 14.31 4.38 1.06
CA ALA B 100 15.75 4.53 0.86
C ALA B 100 16.43 5.05 2.13
N GLU B 101 15.81 6.01 2.81
CA GLU B 101 16.42 6.54 4.01
C GLU B 101 16.40 5.49 5.11
N LEU B 102 15.29 4.74 5.21
CA LEU B 102 15.19 3.68 6.21
C LEU B 102 16.13 2.53 5.89
N LEU B 103 16.24 2.17 4.61
CA LEU B 103 17.11 1.08 4.21
C LEU B 103 18.56 1.44 4.46
N VAL B 104 18.97 2.66 4.10
CA VAL B 104 20.33 3.08 4.34
C VAL B 104 20.61 3.20 5.84
N ALA B 105 19.67 3.75 6.60
CA ALA B 105 19.85 3.84 8.04
C ALA B 105 19.94 2.48 8.69
N MET B 106 19.09 1.53 8.27
CA MET B 106 19.17 0.17 8.79
C MET B 106 20.48 -0.48 8.41
N GLU B 107 20.88 -0.36 7.15
CA GLU B 107 22.10 -1.00 6.70
C GLU B 107 23.31 -0.39 7.37
N ASN B 108 23.29 0.92 7.64
CA ASN B 108 24.41 1.55 8.32
C ASN B 108 24.45 1.12 9.79
N GLN B 109 23.28 0.99 10.42
CA GLN B 109 23.25 0.53 11.80
C GLN B 109 23.69 -0.93 11.89
N HIS B 110 23.28 -1.74 10.91
CA HIS B 110 23.67 -3.15 10.91
C HIS B 110 25.12 -3.30 10.52
N THR B 111 25.64 -2.45 9.63
CA THR B 111 27.04 -2.52 9.25
C THR B 111 27.93 -2.15 10.43
N ILE B 112 27.57 -1.09 11.16
CA ILE B 112 28.36 -0.71 12.33
C ILE B 112 28.24 -1.75 13.42
N ASP B 113 27.01 -2.20 13.71
CA ASP B 113 26.81 -3.23 14.72
C ASP B 113 27.47 -4.54 14.33
N LEU B 114 27.46 -4.87 13.05
CA LEU B 114 28.13 -6.07 12.57
C LEU B 114 29.63 -5.97 12.73
N ALA B 115 30.22 -4.85 12.31
CA ALA B 115 31.66 -4.70 12.43
C ALA B 115 32.10 -4.68 13.90
N ASP B 116 31.30 -4.05 14.76
CA ASP B 116 31.66 -4.00 16.18
C ASP B 116 31.45 -5.38 16.81
N SER B 117 30.42 -6.09 16.36
CA SER B 117 30.20 -7.43 16.89
C SER B 117 31.23 -8.39 16.32
N GLU B 118 31.79 -8.11 15.14
CA GLU B 118 32.86 -8.94 14.61
C GLU B 118 34.13 -8.73 15.41
N MET B 119 34.37 -7.48 15.81
CA MET B 119 35.51 -7.21 16.68
C MET B 119 35.28 -7.87 18.03
N ASP B 120 34.03 -7.91 18.50
CA ASP B 120 33.72 -8.61 19.74
C ASP B 120 33.83 -10.13 19.58
N LYS B 121 33.42 -10.67 18.43
CA LYS B 121 33.58 -12.11 18.20
C LYS B 121 35.05 -12.50 18.20
N LEU B 122 35.90 -11.67 17.58
CA LEU B 122 37.34 -11.96 17.63
C LEU B 122 37.86 -11.83 19.05
N TYR B 123 37.44 -10.78 19.76
CA TYR B 123 37.87 -10.55 21.14
C TYR B 123 37.47 -11.71 22.04
N GLU B 124 36.22 -12.16 21.93
CA GLU B 124 35.74 -13.29 22.71
C GLU B 124 36.47 -14.56 22.33
N ARG B 125 36.75 -14.75 21.04
CA ARG B 125 37.49 -15.92 20.60
C ARG B 125 38.87 -15.94 21.23
N VAL B 126 39.53 -14.77 21.28
CA VAL B 126 40.84 -14.70 21.89
C VAL B 126 40.77 -15.01 23.38
N LYS B 127 39.79 -14.40 24.08
CA LYS B 127 39.68 -14.63 25.52
C LYS B 127 39.45 -16.11 25.83
N ARG B 128 38.53 -16.77 25.10
CA ARG B 128 38.26 -18.18 25.36
C ARG B 128 39.42 -19.05 24.90
N GLN B 129 40.04 -18.70 23.77
CA GLN B 129 41.18 -19.45 23.27
C GLN B 129 42.33 -19.40 24.27
N LEU B 130 42.49 -18.28 24.96
CA LEU B 130 43.50 -18.12 25.99
C LEU B 130 43.06 -18.67 27.34
N ARG B 131 41.80 -19.14 27.45
CA ARG B 131 41.25 -19.66 28.69
C ARG B 131 41.52 -18.74 29.88
N GLU B 132 42.15 -19.23 30.95
CA GLU B 132 42.43 -18.43 32.13
C GLU B 132 43.87 -17.90 32.14
N ASN B 133 44.57 -17.97 31.01
CA ASN B 133 45.96 -17.57 30.93
C ASN B 133 46.13 -16.08 30.66
N ALA B 134 45.04 -15.32 30.57
CA ALA B 134 45.10 -13.89 30.30
C ALA B 134 43.99 -13.20 31.07
N GLU B 135 44.22 -11.92 31.38
CA GLU B 135 43.26 -11.10 32.11
C GLU B 135 42.89 -9.87 31.29
N GLU B 136 41.60 -9.54 31.26
CA GLU B 136 41.20 -8.32 30.58
C GLU B 136 41.65 -7.10 31.37
N ASP B 137 42.13 -6.08 30.65
CA ASP B 137 42.48 -4.82 31.30
C ASP B 137 41.31 -3.86 31.35
N GLY B 138 40.37 -3.99 30.41
CA GLY B 138 39.20 -3.15 30.32
C GLY B 138 39.35 -1.93 29.42
N THR B 139 40.50 -1.78 28.76
CA THR B 139 40.73 -0.70 27.80
C THR B 139 40.88 -1.26 26.39
N GLY B 140 41.10 -2.59 26.26
CA GLY B 140 41.21 -3.24 24.95
C GLY B 140 42.38 -4.16 24.74
N CYS B 141 42.99 -4.65 25.82
CA CYS B 141 44.12 -5.56 25.74
C CYS B 141 43.87 -6.77 26.63
N PHE B 142 44.67 -7.81 26.37
CA PHE B 142 44.75 -8.98 27.23
C PHE B 142 46.11 -8.93 27.88
N GLU B 143 46.14 -8.99 29.21
CA GLU B 143 47.38 -9.04 29.95
C GLU B 143 47.77 -10.51 30.04
N ILE B 144 48.93 -10.85 29.46
CA ILE B 144 49.38 -12.22 29.36
C ILE B 144 50.43 -12.40 30.45
N PHE B 145 50.19 -13.33 31.36
CA PHE B 145 51.09 -13.51 32.49
C PHE B 145 52.34 -14.30 32.11
N HIS B 146 52.24 -15.17 31.11
CA HIS B 146 53.39 -15.92 30.61
C HIS B 146 54.01 -15.18 29.44
N LYS B 147 55.33 -15.00 29.48
CA LYS B 147 56.02 -14.34 28.39
C LYS B 147 56.34 -15.34 27.28
N CYS B 148 56.09 -14.92 26.04
CA CYS B 148 56.33 -15.75 24.87
C CYS B 148 56.51 -14.84 23.66
N ASP B 149 57.12 -15.39 22.60
CA ASP B 149 57.48 -14.57 21.44
C ASP B 149 56.90 -14.98 20.06
N ASP B 150 57.40 -16.02 19.38
CA ASP B 150 56.94 -16.32 18.03
C ASP B 150 55.90 -17.43 17.95
N ASP B 151 56.05 -18.49 18.74
CA ASP B 151 55.13 -19.62 18.60
C ASP B 151 53.77 -19.30 19.21
N CYS B 152 53.76 -18.64 20.36
CA CYS B 152 52.50 -18.32 21.01
C CYS B 152 51.80 -17.16 20.32
N MET B 153 52.54 -16.19 19.81
CA MET B 153 51.89 -15.04 19.18
C MET B 153 51.34 -15.44 17.83
N ALA B 154 52.05 -16.29 17.09
CA ALA B 154 51.53 -16.80 15.84
C ALA B 154 50.32 -17.69 16.09
N SER B 155 50.39 -18.52 17.15
CA SER B 155 49.29 -19.41 17.46
C SER B 155 48.04 -18.64 17.87
N ILE B 156 48.21 -17.53 18.60
CA ILE B 156 47.08 -16.72 19.00
C ILE B 156 46.53 -15.95 17.81
N ARG B 157 47.41 -15.41 16.95
CA ARG B 157 46.94 -14.76 15.74
C ARG B 157 46.15 -15.73 14.87
N ASN B 158 46.58 -16.99 14.83
CA ASN B 158 45.84 -18.03 14.13
C ASN B 158 44.68 -18.50 15.01
N ASN B 159 43.94 -19.50 14.53
CA ASN B 159 42.83 -20.08 15.25
C ASN B 159 43.21 -21.33 16.03
N THR B 160 44.51 -21.66 16.08
CA THR B 160 45.03 -22.84 16.76
C THR B 160 46.06 -22.40 17.81
N TYR B 161 45.72 -22.57 19.08
CA TYR B 161 46.60 -22.22 20.19
C TYR B 161 46.38 -23.23 21.30
N ASP B 162 47.49 -23.77 21.83
CA ASP B 162 47.44 -24.73 22.92
C ASP B 162 47.67 -23.99 24.23
N HIS B 163 46.62 -23.91 25.04
CA HIS B 163 46.68 -23.17 26.30
C HIS B 163 47.28 -24.00 27.43
N SER B 164 47.46 -25.30 27.25
CA SER B 164 47.92 -26.15 28.34
C SER B 164 49.39 -25.88 28.66
N LYS B 165 50.24 -25.76 27.64
CA LYS B 165 51.68 -25.64 27.86
C LYS B 165 52.05 -24.38 28.63
N TYR B 166 51.20 -23.35 28.63
CA TYR B 166 51.42 -22.14 29.42
C TYR B 166 50.48 -22.04 30.61
N ARG B 167 49.70 -23.09 30.88
CA ARG B 167 48.68 -22.99 31.93
C ARG B 167 49.34 -22.89 33.31
N GLU B 168 50.41 -23.66 33.52
CA GLU B 168 51.07 -23.64 34.82
C GLU B 168 51.71 -22.29 35.09
N GLU B 169 52.34 -21.69 34.08
CA GLU B 169 52.99 -20.40 34.30
C GLU B 169 51.97 -19.32 34.63
N ALA B 170 50.87 -19.28 33.88
CA ALA B 170 49.85 -18.26 34.12
C ALA B 170 49.17 -18.48 35.47
N MET B 171 48.93 -19.74 35.86
CA MET B 171 48.30 -19.99 37.15
C MET B 171 49.25 -19.77 38.31
N GLN B 172 50.57 -19.89 38.09
CA GLN B 172 51.52 -19.57 39.14
C GLN B 172 51.53 -18.07 39.43
N ASN B 173 51.25 -17.25 38.41
CA ASN B 173 51.17 -15.82 38.66
C ASN B 173 49.81 -15.49 39.26
N ARG B 174 49.65 -14.23 39.65
CA ARG B 174 48.47 -13.65 40.31
C ARG B 174 48.29 -14.20 41.72
N ILE B 175 48.38 -15.52 41.90
CA ILE B 175 48.20 -16.13 43.22
C ILE B 175 49.44 -15.86 44.05
N ASP C 1 30.84 -4.87 50.74
CA ASP C 1 30.22 -6.22 50.72
C ASP C 1 29.59 -6.53 49.37
N LYS C 2 28.44 -5.91 49.08
CA LYS C 2 27.70 -6.11 47.84
C LYS C 2 27.40 -4.78 47.16
N ILE C 3 27.48 -4.78 45.83
CA ILE C 3 27.08 -3.67 45.00
C ILE C 3 26.11 -4.22 43.97
N CYS C 4 25.30 -3.35 43.39
CA CYS C 4 24.36 -3.79 42.37
C CYS C 4 24.13 -2.74 41.31
N LEU C 5 24.12 -3.23 40.08
CA LEU C 5 23.78 -2.47 38.89
C LEU C 5 22.34 -2.83 38.57
N GLY C 6 21.52 -1.82 38.27
CA GLY C 6 20.15 -2.11 37.90
C GLY C 6 19.59 -0.94 37.13
N HIS C 7 18.30 -1.05 36.81
CA HIS C 7 17.61 -0.05 36.02
C HIS C 7 16.28 0.29 36.68
N HIS C 8 15.77 1.44 36.29
CA HIS C 8 14.54 1.98 36.84
C HIS C 8 13.31 1.16 36.42
N ALA C 9 12.25 1.30 37.21
CA ALA C 9 11.01 0.64 36.91
C ALA C 9 9.88 1.52 37.44
N VAL C 10 8.67 1.24 36.99
CA VAL C 10 7.46 1.90 37.44
C VAL C 10 6.45 0.84 37.86
N SER C 11 5.54 1.23 38.75
CA SER C 11 4.52 0.29 39.20
C SER C 11 3.57 -0.09 38.07
N ASN C 12 3.34 0.82 37.12
CA ASN C 12 2.52 0.50 35.95
C ASN C 12 2.90 1.42 34.79
N GLY C 13 3.42 0.84 33.73
CA GLY C 13 3.86 1.57 32.56
C GLY C 13 2.84 1.54 31.44
N THR C 14 3.34 1.56 30.20
CA THR C 14 2.51 1.57 29.01
C THR C 14 2.94 0.40 28.14
N LYS C 15 2.09 0.06 27.16
CA LYS C 15 2.31 -1.12 26.33
C LYS C 15 2.55 -0.74 24.89
N VAL C 16 3.62 -1.29 24.31
CA VAL C 16 4.04 -1.03 22.94
C VAL C 16 4.14 -2.37 22.23
N ASN C 17 4.14 -2.33 20.90
CA ASN C 17 4.31 -3.52 20.09
C ASN C 17 5.75 -3.66 19.62
N THR C 18 6.17 -4.90 19.40
CA THR C 18 7.50 -5.22 18.89
C THR C 18 7.36 -6.21 17.73
N LEU C 19 8.51 -6.58 17.17
CA LEU C 19 8.50 -7.49 16.02
C LEU C 19 8.09 -8.91 16.39
N THR C 20 8.42 -9.36 17.60
CA THR C 20 8.16 -10.75 17.99
C THR C 20 6.93 -10.94 18.87
N GLU C 21 6.46 -9.89 19.54
CA GLU C 21 5.33 -10.05 20.45
C GLU C 21 4.58 -8.73 20.57
N ARG C 22 3.37 -8.81 21.11
CA ARG C 22 2.51 -7.67 21.32
C ARG C 22 2.29 -7.46 22.81
N GLY C 23 2.02 -6.21 23.19
CA GLY C 23 1.76 -5.89 24.57
C GLY C 23 2.98 -5.86 25.47
N VAL C 24 4.11 -5.38 24.96
CA VAL C 24 5.35 -5.34 25.72
C VAL C 24 5.28 -4.10 26.61
N GLU C 25 5.46 -4.29 27.92
CA GLU C 25 5.38 -3.16 28.84
C GLU C 25 6.71 -2.43 28.89
N VAL C 26 6.65 -1.11 28.74
CA VAL C 26 7.81 -0.23 28.85
C VAL C 26 7.42 0.87 29.83
N VAL C 27 8.43 1.50 30.42
CA VAL C 27 8.17 2.54 31.41
C VAL C 27 7.55 3.76 30.73
N ASN C 28 8.05 4.15 29.56
CA ASN C 28 7.62 5.36 28.89
C ASN C 28 7.61 5.13 27.39
N ALA C 29 6.57 5.66 26.75
CA ALA C 29 6.43 5.62 25.30
C ALA C 29 5.62 6.84 24.90
N THR C 30 5.77 7.25 23.64
CA THR C 30 5.01 8.35 23.08
C THR C 30 4.21 7.83 21.90
N GLU C 31 3.31 8.66 21.39
CA GLU C 31 2.48 8.28 20.26
C GLU C 31 3.12 8.77 18.98
N THR C 32 3.00 7.96 17.92
CA THR C 32 3.45 8.33 16.59
C THR C 32 2.30 8.62 15.64
N VAL C 33 1.05 8.40 16.07
CA VAL C 33 -0.14 8.61 15.26
C VAL C 33 -0.92 9.70 15.96
N GLU C 34 -1.14 10.83 15.27
CA GLU C 34 -1.90 11.90 15.89
C GLU C 34 -3.39 11.65 15.79
N ARG C 35 -4.07 11.89 16.92
CA ARG C 35 -5.51 11.72 17.04
C ARG C 35 -6.25 13.00 17.41
N THR C 36 -5.55 14.02 17.90
CA THR C 36 -6.15 15.27 18.34
C THR C 36 -6.03 16.30 17.23
N ASN C 37 -7.16 16.84 16.80
CA ASN C 37 -7.23 17.87 15.78
C ASN C 37 -7.64 19.19 16.40
N ILE C 38 -7.34 20.28 15.70
CA ILE C 38 -7.83 21.60 16.06
C ILE C 38 -9.12 21.82 15.28
N PRO C 39 -10.26 22.07 15.94
CA PRO C 39 -11.52 22.25 15.18
C PRO C 39 -11.52 23.41 14.20
N ARG C 40 -10.58 24.34 14.28
CA ARG C 40 -10.56 25.55 13.45
C ARG C 40 -9.35 25.56 12.52
N ILE C 41 -9.44 26.38 11.48
CA ILE C 41 -8.37 26.51 10.49
C ILE C 41 -7.30 27.43 11.03
N CYS C 42 -6.06 26.93 11.09
CA CYS C 42 -4.91 27.71 11.54
C CYS C 42 -4.23 28.36 10.33
N SER C 43 -4.57 29.61 10.08
CA SER C 43 -4.12 30.37 8.92
C SER C 43 -3.26 31.57 9.29
N LYS C 44 -2.84 31.68 10.55
CA LYS C 44 -2.10 32.85 11.02
C LYS C 44 -0.86 33.11 10.18
N GLY C 45 -0.71 34.37 9.75
CA GLY C 45 0.44 34.79 8.97
C GLY C 45 0.28 34.62 7.47
N LYS C 46 -0.79 33.98 7.02
CA LYS C 46 -1.04 33.71 5.61
C LYS C 46 -2.31 34.43 5.17
N ARG C 47 -2.31 34.94 3.93
CA ARG C 47 -3.50 35.59 3.40
C ARG C 47 -4.53 34.53 3.04
N THR C 48 -5.77 34.75 3.49
CA THR C 48 -6.85 33.80 3.28
C THR C 48 -8.09 34.48 2.72
N VAL C 49 -8.92 33.69 2.03
CA VAL C 49 -10.27 34.06 1.62
C VAL C 49 -11.23 33.04 2.23
N ASP C 50 -12.14 33.51 3.08
CA ASP C 50 -13.17 32.65 3.66
C ASP C 50 -14.41 32.79 2.79
N LEU C 51 -14.51 31.91 1.79
CA LEU C 51 -15.53 31.98 0.76
C LEU C 51 -16.73 31.16 1.20
N GLY C 52 -17.90 31.80 1.37
CA GLY C 52 -19.04 31.10 1.95
C GLY C 52 -19.99 30.45 0.97
N GLN C 53 -21.16 31.06 0.73
CA GLN C 53 -22.13 30.49 -0.21
C GLN C 53 -21.58 30.40 -1.63
N CYS C 54 -20.47 31.06 -1.93
CA CYS C 54 -19.81 30.96 -3.22
C CYS C 54 -18.80 29.82 -3.16
N GLY C 55 -18.73 29.04 -4.23
CA GLY C 55 -17.70 28.02 -4.34
C GLY C 55 -16.42 28.56 -4.95
N LEU C 56 -15.35 27.77 -4.81
CA LEU C 56 -14.06 28.19 -5.35
C LEU C 56 -14.08 28.36 -6.85
N LEU C 57 -14.78 27.45 -7.54
CA LEU C 57 -14.81 27.49 -8.99
C LEU C 57 -15.50 28.73 -9.52
N GLY C 58 -16.30 29.38 -8.68
CA GLY C 58 -17.00 30.59 -9.02
C GLY C 58 -16.18 31.84 -8.87
N THR C 59 -14.92 31.76 -8.43
CA THR C 59 -14.17 33.00 -8.26
C THR C 59 -13.80 33.62 -9.60
N ILE C 60 -13.86 32.86 -10.70
CA ILE C 60 -13.63 33.42 -12.03
C ILE C 60 -14.90 34.06 -12.53
N THR C 61 -16.01 33.34 -12.36
CA THR C 61 -17.27 33.67 -13.00
C THR C 61 -18.03 34.79 -12.31
N GLY C 62 -17.93 34.89 -10.99
CA GLY C 62 -18.58 35.96 -10.27
C GLY C 62 -20.04 35.76 -9.92
N PRO C 63 -20.36 34.72 -9.19
CA PRO C 63 -21.73 34.58 -8.70
C PRO C 63 -21.98 35.63 -7.65
N PRO C 64 -23.23 36.03 -7.40
CA PRO C 64 -23.49 37.11 -6.44
C PRO C 64 -23.00 36.83 -5.05
N GLN C 65 -22.80 35.55 -4.71
CA GLN C 65 -22.30 35.18 -3.39
C GLN C 65 -20.87 35.64 -3.13
N CYS C 66 -20.08 35.95 -4.17
CA CYS C 66 -18.70 36.39 -3.96
C CYS C 66 -18.29 37.44 -5.01
N ASP C 67 -19.17 38.41 -5.28
CA ASP C 67 -18.83 39.46 -6.24
C ASP C 67 -17.62 40.25 -5.77
N GLN C 68 -17.51 40.47 -4.47
CA GLN C 68 -16.43 41.20 -3.84
C GLN C 68 -15.10 40.41 -3.81
N PHE C 69 -15.10 39.11 -4.16
CA PHE C 69 -13.90 38.28 -4.19
C PHE C 69 -13.50 37.90 -5.61
N LEU C 70 -13.93 38.67 -6.62
CA LEU C 70 -13.52 38.39 -7.99
C LEU C 70 -12.02 38.54 -8.20
N GLU C 71 -11.39 39.53 -7.56
CA GLU C 71 -9.97 39.82 -7.74
C GLU C 71 -9.29 39.86 -6.39
N PHE C 72 -8.33 38.96 -6.18
CA PHE C 72 -7.65 38.89 -4.90
C PHE C 72 -6.35 38.09 -5.07
N SER C 73 -5.50 38.22 -4.06
CA SER C 73 -4.34 37.35 -3.89
C SER C 73 -4.56 36.59 -2.59
N ALA C 74 -4.04 35.37 -2.52
CA ALA C 74 -4.21 34.59 -1.30
C ALA C 74 -3.11 33.54 -1.21
N ASP C 75 -2.79 33.18 0.03
CA ASP C 75 -1.92 32.05 0.32
C ASP C 75 -2.69 30.78 0.61
N LEU C 76 -3.89 30.89 1.17
CA LEU C 76 -4.74 29.73 1.50
C LEU C 76 -6.16 30.04 1.08
N ILE C 77 -6.71 29.24 0.17
CA ILE C 77 -8.05 29.46 -0.36
C ILE C 77 -8.98 28.41 0.26
N ILE C 78 -10.08 28.87 0.86
CA ILE C 78 -11.00 27.99 1.59
C ILE C 78 -12.36 27.98 0.90
N GLU C 79 -12.78 26.80 0.46
CA GLU C 79 -14.10 26.56 -0.09
C GLU C 79 -14.94 25.88 0.97
N ARG C 80 -16.24 26.19 1.02
CA ARG C 80 -17.14 25.64 2.02
C ARG C 80 -18.15 24.68 1.40
N ARG C 81 -18.67 23.78 2.25
CA ARG C 81 -19.63 22.77 1.79
C ARG C 81 -20.87 23.42 1.22
N GLU C 82 -21.31 24.53 1.80
CA GLU C 82 -22.50 25.22 1.33
C GLU C 82 -22.23 25.98 0.04
N GLY C 83 -20.97 26.07 -0.39
CA GLY C 83 -20.63 26.93 -1.50
C GLY C 83 -21.24 26.43 -2.80
N SER C 84 -21.73 27.37 -3.60
CA SER C 84 -22.29 27.10 -4.91
C SER C 84 -21.52 27.91 -5.94
N ASP C 85 -21.39 27.33 -7.13
CA ASP C 85 -20.72 27.96 -8.25
C ASP C 85 -21.67 28.50 -9.30
N VAL C 86 -22.97 28.57 -9.00
CA VAL C 86 -23.93 29.02 -9.99
C VAL C 86 -24.91 30.04 -9.42
N CYS C 87 -25.48 30.81 -10.33
CA CYS C 87 -26.64 31.67 -10.12
C CYS C 87 -27.70 31.01 -10.97
N PHE C 88 -27.58 31.15 -12.29
CA PHE C 88 -28.36 30.33 -13.20
C PHE C 88 -27.74 28.93 -13.17
N PRO C 89 -28.54 27.86 -13.15
CA PRO C 89 -27.94 26.51 -13.01
C PRO C 89 -27.00 26.17 -14.16
N GLY C 90 -25.99 25.37 -13.84
CA GLY C 90 -25.01 24.97 -14.82
C GLY C 90 -23.90 24.16 -14.17
N LYS C 91 -22.92 23.77 -15.00
CA LYS C 91 -21.82 22.94 -14.55
C LYS C 91 -20.64 23.17 -15.49
N PHE C 92 -19.44 22.91 -14.96
CA PHE C 92 -18.21 22.96 -15.75
C PHE C 92 -17.93 21.62 -16.40
N VAL C 93 -17.49 21.66 -17.66
CA VAL C 93 -17.26 20.42 -18.42
C VAL C 93 -16.05 19.68 -17.90
N ASN C 94 -15.08 20.38 -17.30
CA ASN C 94 -13.89 19.79 -16.70
C ASN C 94 -13.70 20.41 -15.32
N GLU C 95 -14.72 20.18 -14.49
CA GLU C 95 -14.85 20.86 -13.20
C GLU C 95 -13.68 20.59 -12.27
N GLU C 96 -13.26 19.33 -12.19
CA GLU C 96 -12.27 18.97 -11.18
C GLU C 96 -10.89 19.49 -11.53
N ALA C 97 -10.53 19.49 -12.82
CA ALA C 97 -9.23 20.01 -13.22
C ALA C 97 -9.11 21.50 -12.96
N LEU C 98 -10.17 22.25 -13.24
CA LEU C 98 -10.11 23.68 -13.04
C LEU C 98 -10.07 23.99 -11.55
N ARG C 99 -10.85 23.25 -10.75
CA ARG C 99 -10.78 23.43 -9.30
C ARG C 99 -9.38 23.11 -8.79
N GLN C 100 -8.75 22.07 -9.38
CA GLN C 100 -7.44 21.63 -8.94
C GLN C 100 -6.39 22.70 -9.18
N ILE C 101 -6.50 23.41 -10.29
CA ILE C 101 -5.53 24.48 -10.52
C ILE C 101 -5.86 25.69 -9.67
N LEU C 102 -7.14 25.97 -9.43
CA LEU C 102 -7.47 27.13 -8.60
C LEU C 102 -6.95 26.94 -7.19
N ARG C 103 -7.04 25.72 -6.66
CA ARG C 103 -6.50 25.48 -5.33
C ARG C 103 -4.98 25.66 -5.33
N GLU C 104 -4.33 25.56 -6.49
CA GLU C 104 -2.91 25.77 -6.66
C GLU C 104 -2.59 27.12 -7.31
N SER C 105 -3.61 27.94 -7.62
CA SER C 105 -3.42 29.15 -8.41
C SER C 105 -2.89 30.34 -7.62
N GLY C 106 -3.04 30.38 -6.30
CA GLY C 106 -2.60 31.53 -5.54
C GLY C 106 -3.55 32.72 -5.56
N GLY C 107 -4.72 32.58 -6.18
CA GLY C 107 -5.66 33.67 -6.34
C GLY C 107 -5.97 33.93 -7.80
N ILE C 108 -6.27 35.19 -8.11
CA ILE C 108 -6.70 35.53 -9.47
C ILE C 108 -6.40 36.99 -9.76
N ASP C 109 -5.97 37.25 -11.00
CA ASP C 109 -5.82 38.58 -11.58
C ASP C 109 -6.62 38.55 -12.87
N LYS C 110 -7.11 39.71 -13.33
CA LYS C 110 -7.94 39.71 -14.53
C LYS C 110 -7.60 40.85 -15.49
N GLU C 111 -7.86 40.60 -16.78
CA GLU C 111 -7.66 41.58 -17.84
C GLU C 111 -8.83 41.54 -18.82
N ALA C 112 -9.40 42.70 -19.14
CA ALA C 112 -10.58 42.76 -19.99
C ALA C 112 -10.25 42.34 -21.41
N MET C 113 -11.22 41.71 -22.10
CA MET C 113 -11.06 41.36 -23.51
C MET C 113 -11.86 42.34 -24.38
N GLY C 114 -13.21 42.34 -24.29
CA GLY C 114 -14.00 43.24 -25.14
C GLY C 114 -15.39 42.85 -25.63
N PHE C 115 -15.51 42.19 -26.79
CA PHE C 115 -16.82 41.91 -27.40
C PHE C 115 -17.60 43.20 -27.65
N THR C 116 -16.90 44.24 -28.12
CA THR C 116 -17.51 45.56 -28.33
C THR C 116 -18.27 45.64 -29.66
N TYR C 117 -19.37 44.88 -29.73
CA TYR C 117 -20.27 44.87 -30.88
C TYR C 117 -21.63 45.44 -30.48
N SER C 118 -22.49 45.62 -31.50
CA SER C 118 -23.86 46.09 -31.34
C SER C 118 -24.85 44.95 -31.53
N GLY C 119 -26.10 45.21 -31.15
CA GLY C 119 -27.12 44.19 -31.17
C GLY C 119 -27.15 43.28 -29.97
N ILE C 120 -26.36 43.59 -28.92
CA ILE C 120 -26.16 42.71 -27.78
C ILE C 120 -26.55 43.44 -26.52
N ARG C 121 -27.07 42.68 -25.54
CA ARG C 121 -27.61 43.20 -24.29
C ARG C 121 -26.88 42.53 -23.13
N THR C 122 -26.03 43.31 -22.45
CA THR C 122 -25.13 42.77 -21.44
C THR C 122 -25.84 42.12 -20.26
N ASN C 123 -26.95 42.71 -19.79
CA ASN C 123 -27.50 42.29 -18.49
C ASN C 123 -27.90 40.82 -18.49
N GLY C 124 -28.57 40.35 -19.54
CA GLY C 124 -29.01 38.97 -19.56
C GLY C 124 -29.96 38.53 -18.48
N ALA C 125 -31.16 39.11 -18.39
CA ALA C 125 -32.10 38.90 -17.28
C ALA C 125 -32.27 37.48 -16.74
N THR C 126 -31.78 37.24 -15.53
CA THR C 126 -31.90 35.98 -14.78
C THR C 126 -32.53 36.34 -13.45
N SER C 127 -33.40 35.48 -12.93
CA SER C 127 -34.10 35.79 -11.68
C SER C 127 -33.46 35.04 -10.50
N SER C 128 -32.26 34.49 -10.71
CA SER C 128 -31.54 33.72 -9.71
C SER C 128 -30.49 34.58 -9.02
N CYS C 129 -30.38 35.85 -9.40
CA CYS C 129 -29.46 36.84 -8.86
C CYS C 129 -30.29 38.06 -8.58
N ARG C 130 -30.24 38.55 -7.34
CA ARG C 130 -31.06 39.68 -6.90
C ARG C 130 -30.21 40.72 -6.18
N ARG C 131 -29.02 41.00 -6.70
CA ARG C 131 -28.15 42.00 -6.08
C ARG C 131 -28.74 43.39 -6.24
N SER C 132 -29.47 43.62 -7.34
CA SER C 132 -30.20 44.84 -7.63
C SER C 132 -31.50 44.55 -8.39
N GLY C 133 -31.52 43.43 -9.11
CA GLY C 133 -32.62 43.05 -9.96
C GLY C 133 -32.13 41.94 -10.88
N SER C 134 -32.96 41.60 -11.86
CA SER C 134 -32.61 40.52 -12.77
C SER C 134 -31.29 40.81 -13.48
N SER C 135 -30.40 39.83 -13.49
CA SER C 135 -29.08 39.99 -14.08
C SER C 135 -28.42 38.62 -14.18
N PHE C 136 -27.29 38.57 -14.90
CA PHE C 136 -26.44 37.40 -14.99
C PHE C 136 -25.16 37.72 -14.18
N TYR C 137 -24.07 36.96 -14.39
CA TYR C 137 -22.85 37.10 -13.61
C TYR C 137 -22.17 38.44 -13.89
N ALA C 138 -21.43 38.90 -12.88
CA ALA C 138 -20.72 40.16 -13.01
C ALA C 138 -19.75 40.15 -14.18
N GLU C 139 -19.14 38.98 -14.47
CA GLU C 139 -18.07 38.88 -15.44
C GLU C 139 -18.48 38.29 -16.79
N MET C 140 -19.78 38.09 -17.06
CA MET C 140 -20.21 37.51 -18.33
C MET C 140 -21.50 38.15 -18.84
N LYS C 141 -21.62 38.16 -20.17
CA LYS C 141 -22.76 38.69 -20.89
C LYS C 141 -23.55 37.56 -21.54
N TRP C 142 -24.88 37.71 -21.55
CA TRP C 142 -25.78 36.87 -22.34
C TRP C 142 -26.08 37.60 -23.63
N LEU C 143 -25.59 37.05 -24.73
CA LEU C 143 -25.70 37.73 -26.02
C LEU C 143 -27.05 37.29 -26.59
N LEU C 144 -28.09 38.03 -26.21
CA LEU C 144 -29.47 37.63 -26.47
C LEU C 144 -30.04 38.20 -27.77
N SER C 145 -29.25 38.92 -28.56
CA SER C 145 -29.71 39.55 -29.78
C SER C 145 -30.81 40.57 -29.47
N ASN C 146 -31.53 41.04 -30.50
CA ASN C 146 -32.51 42.12 -30.35
C ASN C 146 -33.87 41.60 -29.91
N THR C 147 -33.88 41.03 -28.69
CA THR C 147 -35.06 40.44 -28.03
C THR C 147 -35.75 39.47 -28.99
N ASP C 148 -37.06 39.59 -29.23
CA ASP C 148 -37.79 38.62 -30.02
C ASP C 148 -37.55 38.77 -31.52
N ASN C 149 -37.70 37.64 -32.23
CA ASN C 149 -37.57 37.56 -33.69
C ASN C 149 -36.28 38.22 -34.19
N ALA C 150 -35.20 38.00 -33.46
CA ALA C 150 -33.91 38.64 -33.74
C ALA C 150 -32.85 37.59 -33.99
N ALA C 151 -32.39 37.49 -35.24
CA ALA C 151 -31.32 36.53 -35.54
C ALA C 151 -30.05 37.00 -34.86
N PHE C 152 -29.24 36.03 -34.45
CA PHE C 152 -27.98 36.37 -33.78
C PHE C 152 -26.90 36.68 -34.82
N PRO C 153 -26.15 37.78 -34.68
CA PRO C 153 -25.09 38.07 -35.65
C PRO C 153 -23.89 37.14 -35.49
N GLN C 154 -23.15 36.97 -36.58
CA GLN C 154 -21.91 36.20 -36.50
C GLN C 154 -20.83 37.08 -35.89
N MET C 155 -20.12 36.52 -34.92
CA MET C 155 -19.06 37.21 -34.19
C MET C 155 -17.76 36.42 -34.31
N THR C 156 -16.64 37.14 -34.42
CA THR C 156 -15.30 36.53 -34.44
C THR C 156 -14.40 37.37 -33.54
N LYS C 157 -14.51 37.16 -32.24
CA LYS C 157 -13.77 37.96 -31.24
C LYS C 157 -12.62 37.14 -30.69
N SER C 158 -11.42 37.73 -30.68
CA SER C 158 -10.23 37.05 -30.17
C SER C 158 -9.54 37.89 -29.10
N TYR C 159 -8.72 37.20 -28.30
CA TYR C 159 -7.92 37.81 -27.25
C TYR C 159 -6.48 37.33 -27.41
N LYS C 160 -5.54 38.27 -27.36
CA LYS C 160 -4.13 38.05 -27.70
C LYS C 160 -3.25 37.61 -26.53
N ASN C 161 -3.69 37.72 -25.27
CA ASN C 161 -2.89 37.30 -24.11
C ASN C 161 -1.45 37.86 -24.15
N THR C 162 -1.34 39.19 -24.11
CA THR C 162 -0.04 39.82 -24.31
C THR C 162 0.91 39.71 -23.11
N ARG C 163 0.42 39.42 -21.91
CA ARG C 163 1.34 39.31 -20.78
C ARG C 163 2.04 37.95 -20.77
N LYS C 164 3.15 37.89 -20.02
CA LYS C 164 3.98 36.69 -19.95
C LYS C 164 3.29 35.51 -19.25
N ASN C 165 2.22 35.75 -18.49
CA ASN C 165 1.60 34.64 -17.79
C ASN C 165 0.65 33.87 -18.69
N PRO C 166 0.43 32.58 -18.44
CA PRO C 166 -0.61 31.86 -19.19
C PRO C 166 -1.97 32.39 -18.78
N ALA C 167 -2.90 32.37 -19.74
CA ALA C 167 -4.23 32.93 -19.49
C ALA C 167 -5.25 31.83 -19.26
N LEU C 168 -6.09 32.03 -18.24
CA LEU C 168 -7.20 31.16 -17.91
C LEU C 168 -8.44 31.78 -18.53
N ILE C 169 -8.98 31.14 -19.56
CA ILE C 169 -10.13 31.64 -20.30
C ILE C 169 -11.30 30.75 -19.93
N VAL C 170 -12.36 31.35 -19.41
CA VAL C 170 -13.57 30.65 -19.03
C VAL C 170 -14.72 31.32 -19.75
N TRP C 171 -15.56 30.53 -20.41
CA TRP C 171 -16.68 31.07 -21.17
C TRP C 171 -17.79 30.04 -21.07
N GLY C 172 -18.97 30.34 -21.61
CA GLY C 172 -19.99 29.31 -21.59
C GLY C 172 -21.02 29.33 -22.69
N ILE C 173 -21.82 28.27 -22.66
CA ILE C 173 -22.90 28.01 -23.62
C ILE C 173 -24.18 27.83 -22.84
N HIS C 174 -25.25 28.47 -23.28
CA HIS C 174 -26.54 28.43 -22.60
C HIS C 174 -27.47 27.42 -23.26
N HIS C 175 -27.87 26.41 -22.50
CA HIS C 175 -28.87 25.45 -22.91
C HIS C 175 -30.20 25.93 -22.34
N SER C 176 -31.09 26.41 -23.21
CA SER C 176 -32.33 27.00 -22.75
C SER C 176 -33.26 25.89 -22.26
N GLY C 177 -34.34 26.29 -21.59
CA GLY C 177 -35.27 25.31 -21.09
C GLY C 177 -36.20 24.68 -22.10
N SER C 178 -36.27 25.20 -23.33
CA SER C 178 -37.18 24.65 -24.33
C SER C 178 -36.75 25.11 -25.71
N THR C 179 -37.39 24.53 -26.73
CA THR C 179 -37.14 24.96 -28.10
C THR C 179 -37.68 26.37 -28.34
N ALA C 180 -38.81 26.70 -27.70
CA ALA C 180 -39.37 28.04 -27.83
C ALA C 180 -38.40 29.07 -27.29
N GLU C 181 -37.65 28.71 -26.24
CA GLU C 181 -36.68 29.64 -25.68
C GLU C 181 -35.53 29.84 -26.64
N GLN C 182 -35.07 28.79 -27.33
CA GLN C 182 -34.02 28.99 -28.32
C GLN C 182 -34.53 29.87 -29.45
N THR C 183 -35.80 29.68 -29.83
CA THR C 183 -36.38 30.44 -30.93
C THR C 183 -36.52 31.93 -30.62
N LYS C 184 -36.99 32.27 -29.41
CA LYS C 184 -37.28 33.67 -29.09
C LYS C 184 -36.19 34.38 -28.29
N LEU C 185 -35.34 33.67 -27.56
CA LEU C 185 -34.34 34.33 -26.73
C LEU C 185 -33.04 34.55 -27.50
N TYR C 186 -32.65 33.60 -28.34
CA TYR C 186 -31.48 33.71 -29.20
C TYR C 186 -31.81 33.72 -30.68
N GLY C 187 -33.09 33.74 -31.04
CA GLY C 187 -33.51 33.74 -32.42
C GLY C 187 -33.66 32.34 -33.00
N SER C 188 -34.35 32.27 -34.13
CA SER C 188 -34.57 31.00 -34.79
C SER C 188 -33.31 30.53 -35.50
N GLY C 189 -33.30 29.26 -35.89
CA GLY C 189 -32.20 28.68 -36.63
C GLY C 189 -31.28 27.85 -35.76
N ASN C 190 -30.24 27.32 -36.40
CA ASN C 190 -29.26 26.50 -35.72
C ASN C 190 -28.27 27.38 -34.96
N LYS C 191 -27.61 26.78 -33.98
CA LYS C 191 -26.66 27.48 -33.11
C LYS C 191 -25.34 26.73 -33.15
N LEU C 192 -24.27 27.43 -33.52
CA LEU C 192 -22.92 26.86 -33.59
C LEU C 192 -21.95 27.79 -32.88
N VAL C 193 -21.11 27.22 -32.02
CA VAL C 193 -20.00 27.95 -31.39
C VAL C 193 -18.70 27.19 -31.66
N THR C 194 -17.72 27.86 -32.25
CA THR C 194 -16.42 27.26 -32.54
C THR C 194 -15.35 28.07 -31.82
N VAL C 195 -14.52 27.38 -31.04
CA VAL C 195 -13.46 28.02 -30.27
C VAL C 195 -12.14 27.48 -30.77
N GLY C 196 -11.29 28.39 -31.26
CA GLY C 196 -9.97 28.06 -31.76
C GLY C 196 -8.86 28.56 -30.88
N SER C 197 -7.70 27.93 -31.06
CA SER C 197 -6.44 28.32 -30.42
C SER C 197 -5.39 27.49 -31.13
N SER C 198 -4.14 27.66 -30.72
CA SER C 198 -3.11 26.80 -31.28
C SER C 198 -3.29 25.35 -30.84
N ASN C 199 -3.91 25.10 -29.67
CA ASN C 199 -4.11 23.74 -29.18
C ASN C 199 -5.54 23.32 -28.79
N TYR C 200 -6.59 24.12 -29.05
CA TYR C 200 -7.93 23.75 -28.57
C TYR C 200 -8.82 23.14 -29.65
N GLN C 201 -9.17 23.91 -30.69
CA GLN C 201 -9.94 23.42 -31.86
C GLN C 201 -11.21 22.66 -31.50
N GLN C 202 -12.12 23.27 -30.71
CA GLN C 202 -13.32 22.53 -30.29
C GLN C 202 -14.57 23.36 -30.56
N SER C 203 -15.59 22.70 -31.12
CA SER C 203 -16.91 23.28 -31.33
C SER C 203 -17.93 22.73 -30.35
N PHE C 204 -18.97 23.54 -30.10
CA PHE C 204 -20.07 23.20 -29.21
C PHE C 204 -21.37 23.63 -29.88
N VAL C 205 -22.44 22.88 -29.58
CA VAL C 205 -23.78 23.20 -30.06
C VAL C 205 -24.77 23.15 -28.89
N PRO C 206 -25.53 24.23 -28.62
CA PRO C 206 -26.57 24.13 -27.59
C PRO C 206 -27.77 23.33 -28.11
N SER C 207 -28.55 22.80 -27.16
CA SER C 207 -29.77 22.07 -27.45
C SER C 207 -30.89 22.53 -26.51
N PRO C 208 -32.15 22.47 -26.95
CA PRO C 208 -33.27 22.74 -26.02
C PRO C 208 -33.20 21.88 -24.77
N GLY C 209 -33.41 22.51 -23.62
CA GLY C 209 -33.24 21.79 -22.37
C GLY C 209 -34.35 20.80 -22.04
N ALA C 210 -35.54 21.30 -21.70
CA ALA C 210 -36.62 20.47 -21.18
C ALA C 210 -36.15 19.71 -19.95
N ARG C 211 -35.43 20.41 -19.07
CA ARG C 211 -34.86 19.84 -17.87
C ARG C 211 -35.68 20.23 -16.64
N THR C 212 -35.32 19.64 -15.50
CA THR C 212 -36.05 19.91 -14.28
C THR C 212 -35.80 21.34 -13.82
N GLN C 213 -36.68 21.81 -12.94
CA GLN C 213 -36.64 23.20 -12.46
C GLN C 213 -35.72 23.32 -11.26
N VAL C 214 -34.43 23.19 -11.52
CA VAL C 214 -33.42 23.36 -10.49
C VAL C 214 -33.25 24.86 -10.28
N ASN C 215 -33.49 25.32 -9.05
CA ASN C 215 -33.51 26.74 -8.71
C ASN C 215 -34.53 27.48 -9.58
N GLY C 216 -35.65 26.83 -9.84
CA GLY C 216 -36.77 27.45 -10.55
C GLY C 216 -36.68 27.44 -12.06
N GLN C 217 -35.57 27.94 -12.61
CA GLN C 217 -35.37 28.01 -14.04
C GLN C 217 -34.79 26.70 -14.58
N SER C 218 -35.35 26.21 -15.67
CA SER C 218 -34.80 25.05 -16.35
C SER C 218 -33.71 25.52 -17.31
N GLY C 219 -32.88 24.58 -17.73
CA GLY C 219 -31.74 24.88 -18.59
C GLY C 219 -30.44 24.81 -17.80
N ARG C 220 -29.34 24.96 -18.54
CA ARG C 220 -28.02 24.81 -17.93
C ARG C 220 -27.01 25.70 -18.64
N ILE C 221 -25.94 26.03 -17.92
CA ILE C 221 -24.78 26.70 -18.49
C ILE C 221 -23.60 25.74 -18.51
N ASP C 222 -22.98 25.59 -19.67
CA ASP C 222 -21.76 24.84 -19.81
C ASP C 222 -20.63 25.83 -19.66
N PHE C 223 -19.81 25.68 -18.62
CA PHE C 223 -18.64 26.54 -18.42
C PHE C 223 -17.43 25.79 -18.98
N HIS C 224 -16.87 26.36 -20.04
CA HIS C 224 -15.78 25.77 -20.80
C HIS C 224 -14.47 26.43 -20.41
N TRP C 225 -13.46 25.58 -20.18
CA TRP C 225 -12.14 25.90 -19.66
C TRP C 225 -11.07 25.81 -20.75
N LEU C 226 -10.34 26.91 -20.97
CA LEU C 226 -9.24 26.94 -21.94
C LEU C 226 -8.01 27.56 -21.29
N MET C 227 -6.85 26.98 -21.59
CA MET C 227 -5.55 27.52 -21.21
C MET C 227 -4.83 28.08 -22.43
N LEU C 228 -4.26 29.27 -22.26
CA LEU C 228 -3.37 29.87 -23.26
C LEU C 228 -1.95 29.95 -22.74
N ASN C 229 -1.01 29.61 -23.62
CA ASN C 229 0.41 29.81 -23.39
C ASN C 229 0.76 31.27 -23.68
N PRO C 230 1.89 31.77 -23.16
CA PRO C 230 2.26 33.16 -23.42
C PRO C 230 2.29 33.50 -24.90
N ASN C 231 1.73 34.67 -25.23
CA ASN C 231 1.64 35.22 -26.60
C ASN C 231 0.74 34.41 -27.53
N ASP C 232 -0.07 33.48 -27.01
CA ASP C 232 -1.00 32.76 -27.86
C ASP C 232 -2.28 33.59 -28.07
N THR C 233 -3.18 33.10 -28.92
CA THR C 233 -4.42 33.79 -29.23
C THR C 233 -5.62 32.85 -29.10
N VAL C 234 -6.65 33.28 -28.38
CA VAL C 234 -7.91 32.53 -28.28
C VAL C 234 -8.89 33.20 -29.24
N THR C 235 -9.57 32.41 -30.05
CA THR C 235 -10.55 32.91 -31.03
C THR C 235 -11.92 32.31 -30.74
N PHE C 236 -12.92 33.16 -30.59
CA PHE C 236 -14.32 32.77 -30.41
C PHE C 236 -15.09 33.15 -31.66
N SER C 237 -15.36 32.17 -32.51
CA SER C 237 -16.07 32.34 -33.77
C SER C 237 -17.44 31.68 -33.60
N PHE C 238 -18.51 32.47 -33.59
CA PHE C 238 -19.79 31.87 -33.28
C PHE C 238 -20.95 32.70 -33.83
N ASN C 239 -22.09 32.02 -33.95
CA ASN C 239 -23.37 32.64 -34.24
C ASN C 239 -24.48 32.06 -33.38
N GLY C 240 -24.18 31.05 -32.56
CA GLY C 240 -25.15 30.40 -31.72
C GLY C 240 -25.20 31.07 -30.35
N ALA C 241 -25.93 30.43 -29.44
CA ALA C 241 -25.98 30.93 -28.07
C ALA C 241 -24.58 30.97 -27.51
N PHE C 242 -24.25 32.03 -26.80
CA PHE C 242 -22.90 32.18 -26.27
C PHE C 242 -22.93 33.07 -25.04
N ILE C 243 -22.19 32.66 -24.02
CA ILE C 243 -22.00 33.43 -22.80
C ILE C 243 -20.61 34.04 -22.90
N ALA C 244 -20.56 35.36 -23.06
CA ALA C 244 -19.33 36.03 -23.44
C ALA C 244 -18.55 36.49 -22.22
N PRO C 245 -17.29 36.07 -22.04
CA PRO C 245 -16.51 36.60 -20.90
C PRO C 245 -16.12 38.03 -21.16
N ASP C 246 -16.05 38.81 -20.09
CA ASP C 246 -15.51 40.16 -20.20
C ASP C 246 -14.02 40.21 -19.90
N ARG C 247 -13.51 39.31 -19.06
CA ARG C 247 -12.12 39.37 -18.64
C ARG C 247 -11.51 37.97 -18.56
N ALA C 248 -10.27 37.86 -19.04
CA ALA C 248 -9.43 36.68 -18.88
C ALA C 248 -8.81 36.66 -17.49
N SER C 249 -8.65 35.45 -16.94
CA SER C 249 -8.07 35.21 -15.63
C SER C 249 -6.62 34.74 -15.71
N PHE C 250 -5.79 35.26 -14.80
CA PHE C 250 -4.38 34.90 -14.65
C PHE C 250 -4.08 34.47 -13.22
N LEU C 251 -3.05 33.62 -13.08
CA LEU C 251 -2.63 33.05 -11.82
C LEU C 251 -1.73 34.01 -11.02
N ARG C 252 -1.65 33.77 -9.71
CA ARG C 252 -0.84 34.53 -8.77
C ARG C 252 0.37 33.77 -8.24
N GLY C 253 0.24 32.48 -7.96
CA GLY C 253 1.34 31.68 -7.41
C GLY C 253 0.82 30.55 -6.52
N LYS C 254 1.60 30.24 -5.47
CA LYS C 254 1.29 29.11 -4.60
C LYS C 254 0.06 29.38 -3.72
N SER C 255 -0.75 28.32 -3.49
CA SER C 255 -1.91 28.40 -2.59
C SER C 255 -2.12 27.17 -1.71
N MET C 256 -2.14 25.96 -2.28
CA MET C 256 -2.52 24.75 -1.55
C MET C 256 -3.84 24.92 -0.79
N GLY C 257 -4.82 25.54 -1.43
CA GLY C 257 -6.09 25.81 -0.77
C GLY C 257 -6.82 24.54 -0.37
N ILE C 258 -7.53 24.61 0.75
CA ILE C 258 -8.18 23.46 1.37
C ILE C 258 -9.69 23.68 1.46
N GLN C 259 -10.45 22.68 1.02
CA GLN C 259 -11.88 22.68 1.27
C GLN C 259 -12.12 22.41 2.75
N SER C 260 -12.99 23.19 3.39
CA SER C 260 -13.15 23.07 4.84
C SER C 260 -14.57 23.44 5.26
N GLY C 261 -15.04 22.76 6.31
CA GLY C 261 -16.31 23.00 6.94
C GLY C 261 -16.31 23.72 8.28
N VAL C 262 -15.18 24.28 8.71
CA VAL C 262 -15.05 24.87 10.05
C VAL C 262 -14.57 26.32 9.98
N GLN C 263 -14.75 27.01 11.11
CA GLN C 263 -14.37 28.42 11.22
C GLN C 263 -12.87 28.62 11.13
N VAL C 264 -12.48 29.83 10.74
CA VAL C 264 -11.08 30.21 10.58
C VAL C 264 -10.55 30.81 11.87
N ASP C 265 -9.42 30.28 12.36
CA ASP C 265 -8.74 30.77 13.55
C ASP C 265 -7.44 31.43 13.09
N ALA C 266 -7.39 32.76 13.16
CA ALA C 266 -6.25 33.51 12.68
C ALA C 266 -5.14 33.65 13.71
N ASP C 267 -5.31 33.08 14.92
CA ASP C 267 -4.33 33.18 15.99
C ASP C 267 -3.47 31.93 16.14
N CYS C 268 -3.61 30.94 15.26
CA CYS C 268 -2.81 29.73 15.27
C CYS C 268 -2.30 29.45 13.87
N GLU C 269 -1.09 28.91 13.78
CA GLU C 269 -0.42 28.64 12.51
C GLU C 269 -0.10 27.16 12.37
N GLY C 270 -0.22 26.66 11.15
CA GLY C 270 0.12 25.29 10.81
C GLY C 270 0.01 25.11 9.31
N ASP C 271 0.41 23.92 8.83
CA ASP C 271 0.41 23.63 7.40
C ASP C 271 -0.46 22.45 6.97
N CYS C 272 -0.95 21.62 7.89
CA CYS C 272 -1.78 20.46 7.54
C CYS C 272 -3.24 20.80 7.77
N TYR C 273 -4.04 20.68 6.71
CA TYR C 273 -5.46 21.00 6.75
C TYR C 273 -6.26 19.81 6.23
N TYR C 274 -7.48 19.67 6.74
CA TYR C 274 -8.43 18.69 6.23
C TYR C 274 -9.82 19.27 6.43
N SER C 275 -10.83 18.65 5.80
CA SER C 275 -12.16 19.25 5.77
C SER C 275 -12.78 19.42 7.14
N GLY C 276 -12.35 18.64 8.13
CA GLY C 276 -12.82 18.70 9.49
C GLY C 276 -11.97 19.48 10.47
N GLY C 277 -10.94 20.20 10.02
CA GLY C 277 -10.05 20.89 10.93
C GLY C 277 -8.62 20.85 10.44
N THR C 278 -7.69 21.05 11.38
CA THR C 278 -6.26 21.08 11.06
C THR C 278 -5.44 20.19 12.00
N ILE C 279 -4.23 19.91 11.54
CA ILE C 279 -3.23 19.16 12.31
C ILE C 279 -2.04 20.10 12.46
N ILE C 280 -1.64 20.36 13.71
CA ILE C 280 -0.49 21.21 14.00
C ILE C 280 0.59 20.44 14.77
N SER C 281 0.42 19.13 14.91
CA SER C 281 1.41 18.30 15.59
C SER C 281 2.54 17.92 14.64
N ASN C 282 3.66 17.50 15.23
CA ASN C 282 4.84 17.07 14.49
C ASN C 282 5.07 15.56 14.56
N LEU C 283 4.02 14.79 14.82
CA LEU C 283 4.17 13.34 14.85
C LEU C 283 4.24 12.81 13.41
N PRO C 284 4.96 11.70 13.17
CA PRO C 284 5.08 11.23 11.78
C PRO C 284 3.79 10.74 11.15
N PHE C 285 2.81 10.27 11.92
CA PHE C 285 1.58 9.69 11.37
C PHE C 285 0.32 10.29 11.99
N GLN C 286 -0.78 10.14 11.25
CA GLN C 286 -2.12 10.50 11.71
C GLN C 286 -3.10 9.40 11.33
N ASN C 287 -4.21 9.33 12.07
CA ASN C 287 -5.39 8.55 11.67
C ASN C 287 -6.63 9.43 11.73
N ILE C 288 -6.49 10.68 11.32
CA ILE C 288 -7.59 11.64 11.35
C ILE C 288 -8.25 11.75 9.99
N ASP C 289 -7.46 12.04 8.95
CA ASP C 289 -8.00 12.05 7.60
C ASP C 289 -6.86 11.87 6.61
N SER C 290 -7.12 11.06 5.58
CA SER C 290 -6.17 10.80 4.51
C SER C 290 -6.08 11.95 3.51
N ARG C 291 -7.12 12.77 3.43
CA ARG C 291 -7.23 13.86 2.46
C ARG C 291 -6.62 15.15 3.03
N ALA C 292 -5.34 15.06 3.34
CA ALA C 292 -4.56 16.17 3.90
C ALA C 292 -3.86 16.99 2.82
N VAL C 293 -3.68 18.28 3.11
CA VAL C 293 -2.99 19.23 2.23
C VAL C 293 -1.80 19.83 2.97
N GLY C 294 -0.67 19.88 2.30
CA GLY C 294 0.53 20.51 2.83
C GLY C 294 1.48 19.54 3.50
N LYS C 295 2.36 20.12 4.32
CA LYS C 295 3.41 19.35 5.00
C LYS C 295 2.76 18.70 6.21
N CYS C 296 2.14 17.53 5.97
CA CYS C 296 1.28 16.88 6.93
C CYS C 296 1.81 15.49 7.30
N PRO C 297 1.55 15.01 8.53
CA PRO C 297 1.86 13.61 8.83
C PRO C 297 1.19 12.63 7.88
N ARG C 298 1.88 11.52 7.64
CA ARG C 298 1.41 10.52 6.69
C ARG C 298 0.23 9.74 7.27
N TYR C 299 -0.77 9.48 6.43
CA TYR C 299 -1.98 8.80 6.89
C TYR C 299 -1.77 7.30 7.02
N VAL C 300 -2.20 6.76 8.16
CA VAL C 300 -2.16 5.33 8.45
C VAL C 300 -3.56 4.91 8.93
N LYS C 301 -3.82 3.60 8.92
CA LYS C 301 -5.09 3.08 9.39
C LYS C 301 -5.11 2.77 10.89
N GLN C 302 -3.97 2.51 11.51
CA GLN C 302 -3.97 2.17 12.93
C GLN C 302 -4.35 3.38 13.76
N ARG C 303 -5.20 3.16 14.78
CA ARG C 303 -5.62 4.26 15.64
C ARG C 303 -4.45 4.84 16.41
N SER C 304 -3.55 3.99 16.88
CA SER C 304 -2.40 4.48 17.62
C SER C 304 -1.27 3.46 17.54
N LEU C 305 -0.07 3.97 17.30
CA LEU C 305 1.17 3.20 17.33
C LEU C 305 2.05 3.90 18.34
N LEU C 306 2.44 3.19 19.39
CA LEU C 306 3.28 3.74 20.45
C LEU C 306 4.73 3.37 20.21
N LEU C 307 5.58 4.39 20.24
CA LEU C 307 7.01 4.25 20.06
C LEU C 307 7.65 4.37 21.44
N ALA C 308 8.35 3.32 21.85
CA ALA C 308 8.97 3.31 23.15
C ALA C 308 10.03 4.38 23.24
N THR C 309 10.12 5.02 24.41
CA THR C 309 11.14 5.99 24.73
C THR C 309 11.97 5.55 25.93
N GLY C 310 11.46 4.61 26.72
CA GLY C 310 12.16 4.03 27.83
C GLY C 310 12.57 2.61 27.53
N MET C 311 12.99 1.92 28.58
CA MET C 311 13.44 0.54 28.47
C MET C 311 12.36 -0.39 29.01
N LYS C 312 12.57 -1.70 28.79
CA LYS C 312 11.63 -2.70 29.25
C LYS C 312 11.36 -2.54 30.74
N ASN C 313 10.07 -2.53 31.10
CA ASN C 313 9.63 -2.32 32.47
C ASN C 313 9.43 -3.68 33.15
N VAL C 314 10.28 -3.98 34.12
CA VAL C 314 10.19 -5.20 34.91
C VAL C 314 9.97 -4.79 36.36
N PRO C 315 8.73 -4.82 36.86
CA PRO C 315 8.48 -4.32 38.21
C PRO C 315 9.03 -5.26 39.28
N GLU C 316 9.22 -4.70 40.47
CA GLU C 316 9.72 -5.48 41.59
C GLU C 316 8.59 -6.32 42.19
N ALA D 9 17.30 -9.40 48.98
CA ALA D 9 16.99 -8.02 49.31
C ALA D 9 17.36 -7.09 48.16
N ILE D 10 18.58 -7.22 47.68
CA ILE D 10 19.13 -6.39 46.61
C ILE D 10 19.23 -7.26 45.35
N ALA D 11 18.68 -6.76 44.25
CA ALA D 11 18.69 -7.48 42.98
C ALA D 11 18.75 -6.47 41.84
N GLY D 12 19.49 -6.82 40.78
CA GLY D 12 19.73 -5.94 39.67
C GLY D 12 18.90 -6.24 38.44
N PHE D 13 19.36 -5.69 37.31
CA PHE D 13 18.62 -5.72 36.05
C PHE D 13 18.32 -7.11 35.52
N ILE D 14 19.01 -8.16 35.98
CA ILE D 14 18.76 -9.49 35.44
C ILE D 14 17.34 -9.95 35.73
N GLU D 15 16.85 -9.69 36.95
CA GLU D 15 15.52 -10.13 37.37
C GLU D 15 14.51 -9.00 37.59
N ASN D 16 14.94 -7.81 38.01
CA ASN D 16 14.00 -6.75 38.32
C ASN D 16 14.66 -5.39 38.14
N GLY D 17 13.83 -4.37 37.96
CA GLY D 17 14.27 -2.99 37.99
C GLY D 17 14.13 -2.39 39.38
N TRP D 18 14.41 -1.09 39.45
CA TRP D 18 14.37 -0.32 40.69
C TRP D 18 13.24 0.70 40.61
N GLU D 19 12.20 0.51 41.43
CA GLU D 19 11.07 1.44 41.39
C GLU D 19 11.42 2.79 41.98
N GLY D 20 12.42 2.86 42.86
CA GLY D 20 12.83 4.09 43.51
C GLY D 20 13.91 4.90 42.82
N LEU D 21 14.34 4.52 41.62
CA LEU D 21 15.38 5.26 40.89
C LEU D 21 14.69 6.22 39.93
N ILE D 22 14.44 7.44 40.40
CA ILE D 22 13.74 8.46 39.64
C ILE D 22 14.73 9.41 38.94
N ASP D 23 15.78 9.79 39.64
CA ASP D 23 16.79 10.73 39.14
C ASP D 23 17.81 9.89 38.38
N GLY D 24 17.71 9.87 37.06
CA GLY D 24 18.57 9.06 36.22
C GLY D 24 17.87 7.79 35.79
N TRP D 25 18.42 7.16 34.74
CA TRP D 25 17.88 5.91 34.23
C TRP D 25 18.70 4.71 34.61
N TYR D 26 20.02 4.87 34.67
CA TYR D 26 20.96 3.81 34.97
C TYR D 26 21.65 4.20 36.27
N GLY D 27 21.97 3.22 37.09
CA GLY D 27 22.65 3.57 38.32
C GLY D 27 23.12 2.35 39.08
N PHE D 28 23.69 2.63 40.24
CA PHE D 28 24.29 1.64 41.12
C PHE D 28 23.62 1.71 42.49
N ARG D 29 23.36 0.53 43.06
CA ARG D 29 22.80 0.41 44.40
C ARG D 29 23.89 -0.18 45.30
N HIS D 30 24.12 0.46 46.44
CA HIS D 30 25.17 0.12 47.38
C HIS D 30 24.53 -0.45 48.64
N GLN D 31 24.82 -1.71 48.92
CA GLN D 31 24.40 -2.36 50.17
C GLN D 31 25.65 -2.84 50.87
N ASN D 32 25.88 -2.34 52.07
CA ASN D 32 27.09 -2.67 52.82
C ASN D 32 26.81 -2.55 54.30
N ALA D 33 27.84 -2.83 55.10
CA ALA D 33 27.77 -2.50 56.52
C ALA D 33 27.90 -1.00 56.71
N GLN D 34 28.64 -0.33 55.83
CA GLN D 34 28.83 1.11 55.90
C GLN D 34 27.69 1.83 55.17
N GLY D 35 26.49 1.65 55.70
CA GLY D 35 25.31 2.29 55.14
C GLY D 35 24.75 1.59 53.92
N GLU D 36 23.78 2.27 53.30
CA GLU D 36 23.08 1.76 52.13
C GLU D 36 22.55 2.96 51.35
N GLY D 37 22.55 2.85 50.02
CA GLY D 37 22.01 3.94 49.23
C GLY D 37 22.02 3.64 47.74
N THR D 38 21.47 4.58 46.97
CA THR D 38 21.34 4.47 45.53
C THR D 38 21.91 5.73 44.88
N ALA D 39 22.67 5.57 43.79
CA ALA D 39 23.18 6.72 43.05
C ALA D 39 23.18 6.43 41.56
N ALA D 40 22.79 7.43 40.76
CA ALA D 40 22.68 7.24 39.31
C ALA D 40 24.04 7.30 38.62
N ASP D 41 24.13 6.62 37.48
CA ASP D 41 25.27 6.68 36.58
C ASP D 41 24.96 7.73 35.52
N TYR D 42 25.53 8.93 35.70
CA TYR D 42 25.18 10.06 34.84
C TYR D 42 25.51 9.78 33.38
N LYS D 43 26.70 9.25 33.09
CA LYS D 43 27.10 9.08 31.68
C LYS D 43 26.24 8.05 30.97
N SER D 44 25.88 6.96 31.63
CA SER D 44 25.08 5.94 30.95
C SER D 44 23.68 6.45 30.65
N THR D 45 23.04 7.10 31.61
CA THR D 45 21.71 7.64 31.35
C THR D 45 21.77 8.75 30.31
N GLN D 46 22.77 9.63 30.40
CA GLN D 46 22.87 10.74 29.47
C GLN D 46 23.05 10.22 28.05
N SER D 47 23.88 9.19 27.89
CA SER D 47 24.08 8.59 26.57
C SER D 47 22.79 7.97 26.07
N ALA D 48 22.12 7.17 26.90
CA ALA D 48 20.92 6.48 26.45
C ALA D 48 19.81 7.47 26.08
N ILE D 49 19.64 8.52 26.87
CA ILE D 49 18.56 9.47 26.60
C ILE D 49 18.89 10.34 25.39
N ASP D 50 20.17 10.71 25.20
CA ASP D 50 20.49 11.49 24.02
C ASP D 50 20.38 10.65 22.75
N GLN D 51 20.74 9.37 22.85
CA GLN D 51 20.66 8.45 21.72
C GLN D 51 19.20 8.18 21.34
N ILE D 52 18.33 8.01 22.33
CA ILE D 52 16.92 7.82 22.04
C ILE D 52 16.33 9.13 21.52
N THR D 53 16.73 10.26 22.10
CA THR D 53 16.26 11.56 21.62
C THR D 53 16.62 11.75 20.15
N GLY D 54 17.83 11.36 19.76
CA GLY D 54 18.19 11.42 18.35
C GLY D 54 17.28 10.55 17.51
N LYS D 55 16.91 9.38 18.04
CA LYS D 55 15.96 8.52 17.32
C LYS D 55 14.63 9.26 17.12
N LEU D 56 14.13 9.90 18.17
CA LEU D 56 12.87 10.63 18.05
C LEU D 56 13.02 11.79 17.05
N ASN D 57 14.19 12.45 17.07
CA ASN D 57 14.41 13.57 16.14
C ASN D 57 14.37 13.06 14.70
N ARG D 58 14.74 11.80 14.49
CA ARG D 58 14.58 11.22 13.15
C ARG D 58 13.11 10.94 12.88
N LEU D 59 12.39 10.43 13.88
CA LEU D 59 10.99 10.08 13.67
C LEU D 59 10.13 11.29 13.35
N ILE D 60 10.42 12.45 13.93
CA ILE D 60 9.55 13.61 13.74
C ILE D 60 9.97 14.47 12.55
N GLU D 61 10.85 13.95 11.69
CA GLU D 61 11.22 14.69 10.48
C GLU D 61 9.98 14.89 9.62
N LYS D 62 9.78 16.12 9.15
CA LYS D 62 8.62 16.40 8.31
C LYS D 62 8.88 15.98 6.87
N THR D 63 7.78 15.72 6.15
CA THR D 63 7.87 15.22 4.79
C THR D 63 8.53 16.24 3.86
N ASN D 64 8.22 17.52 4.06
CA ASN D 64 8.67 18.60 3.17
C ASN D 64 8.12 18.45 1.76
N GLN D 65 7.02 17.70 1.61
CA GLN D 65 6.30 17.52 0.36
C GLN D 65 4.86 17.96 0.59
N GLN D 66 4.42 18.95 -0.16
CA GLN D 66 3.05 19.42 -0.05
C GLN D 66 2.24 18.61 -1.03
N PHE D 67 1.11 18.09 -0.57
CA PHE D 67 0.18 17.33 -1.40
C PHE D 67 -1.08 18.16 -1.64
N GLU D 68 -1.47 18.25 -2.90
CA GLU D 68 -2.68 18.95 -3.26
C GLU D 68 -3.84 17.96 -3.15
N LEU D 69 -5.06 18.48 -3.01
CA LEU D 69 -6.21 17.60 -3.09
C LEU D 69 -6.44 17.21 -4.54
N ILE D 70 -6.63 15.91 -4.72
CA ILE D 70 -6.93 15.32 -6.02
C ILE D 70 -8.40 14.98 -6.13
N ASP D 71 -8.96 14.38 -5.08
CA ASP D 71 -10.35 14.01 -5.04
C ASP D 71 -11.14 15.23 -4.58
N ASN D 72 -12.46 15.09 -4.44
CA ASN D 72 -13.30 16.23 -4.07
C ASN D 72 -14.48 15.71 -3.25
N GLU D 73 -14.58 16.19 -2.02
CA GLU D 73 -15.60 15.76 -1.08
C GLU D 73 -16.97 16.37 -1.37
N PHE D 74 -17.00 17.64 -1.80
CA PHE D 74 -18.27 18.35 -1.91
C PHE D 74 -19.01 17.97 -3.18
N THR D 75 -18.27 17.83 -4.28
CA THR D 75 -18.80 17.39 -5.55
C THR D 75 -17.96 16.20 -5.96
N GLU D 76 -18.61 15.11 -6.36
CA GLU D 76 -17.84 13.91 -6.65
C GLU D 76 -17.06 14.04 -7.96
N VAL D 77 -15.99 13.27 -8.03
CA VAL D 77 -15.17 13.15 -9.23
C VAL D 77 -15.82 12.08 -10.11
N GLU D 78 -15.39 11.97 -11.36
CA GLU D 78 -15.96 10.96 -12.24
C GLU D 78 -15.71 9.57 -11.65
N LYS D 79 -16.68 8.67 -11.84
CA LYS D 79 -16.59 7.35 -11.23
C LYS D 79 -15.36 6.57 -11.70
N GLN D 80 -14.99 6.68 -12.98
CA GLN D 80 -13.81 5.95 -13.44
C GLN D 80 -12.55 6.49 -12.78
N ILE D 81 -12.42 7.82 -12.72
CA ILE D 81 -11.21 8.38 -12.15
C ILE D 81 -11.31 8.28 -10.63
N GLY D 82 -12.51 8.42 -10.09
CA GLY D 82 -12.67 8.28 -8.65
C GLY D 82 -12.31 6.90 -8.17
N ASN D 83 -12.69 5.87 -8.93
CA ASN D 83 -12.36 4.50 -8.55
C ASN D 83 -10.87 4.23 -8.72
N VAL D 84 -10.25 4.82 -9.75
CA VAL D 84 -8.80 4.66 -9.86
C VAL D 84 -8.09 5.36 -8.72
N ILE D 85 -8.59 6.54 -8.35
CA ILE D 85 -8.02 7.30 -7.25
C ILE D 85 -8.19 6.55 -5.93
N ASN D 86 -9.37 6.00 -5.69
CA ASN D 86 -9.58 5.29 -4.43
C ASN D 86 -8.71 4.04 -4.37
N TRP D 87 -8.54 3.36 -5.51
CA TRP D 87 -7.64 2.22 -5.53
C TRP D 87 -6.20 2.64 -5.23
N THR D 88 -5.74 3.73 -5.85
CA THR D 88 -4.38 4.21 -5.61
C THR D 88 -4.21 4.70 -4.17
N ARG D 89 -5.18 5.46 -3.67
CA ARG D 89 -5.10 5.98 -2.31
C ARG D 89 -5.12 4.85 -1.29
N ASP D 90 -5.95 3.84 -1.51
CA ASP D 90 -5.99 2.72 -0.58
C ASP D 90 -4.70 1.91 -0.65
N SER D 91 -4.11 1.78 -1.83
CA SER D 91 -2.84 1.06 -1.91
C SER D 91 -1.74 1.85 -1.20
N ILE D 92 -1.75 3.17 -1.35
CA ILE D 92 -0.78 4.01 -0.66
C ILE D 92 -1.00 3.95 0.85
N THR D 93 -2.27 3.97 1.28
CA THR D 93 -2.58 3.86 2.70
C THR D 93 -2.10 2.53 3.25
N GLU D 94 -2.30 1.44 2.51
CA GLU D 94 -1.80 0.14 2.97
C GLU D 94 -0.29 0.13 3.04
N VAL D 95 0.39 0.78 2.08
CA VAL D 95 1.84 0.84 2.12
C VAL D 95 2.33 1.63 3.33
N TRP D 96 1.70 2.79 3.59
CA TRP D 96 2.15 3.58 4.73
C TRP D 96 1.72 2.97 6.06
N SER D 97 0.60 2.24 6.10
CA SER D 97 0.21 1.57 7.33
C SER D 97 1.18 0.43 7.63
N TYR D 98 1.56 -0.31 6.58
CA TYR D 98 2.56 -1.35 6.71
C TYR D 98 3.88 -0.76 7.18
N ASN D 99 4.33 0.32 6.54
CA ASN D 99 5.60 0.92 6.90
C ASN D 99 5.56 1.51 8.31
N ALA D 100 4.42 2.09 8.71
CA ALA D 100 4.32 2.66 10.05
C ALA D 100 4.35 1.58 11.11
N GLU D 101 3.63 0.48 10.87
CA GLU D 101 3.60 -0.58 11.87
C GLU D 101 4.95 -1.29 11.92
N LEU D 102 5.57 -1.51 10.76
CA LEU D 102 6.86 -2.17 10.74
C LEU D 102 7.92 -1.28 11.37
N LEU D 103 7.85 0.03 11.12
CA LEU D 103 8.82 0.95 11.71
C LEU D 103 8.66 1.04 13.21
N VAL D 104 7.42 1.16 13.70
CA VAL D 104 7.22 1.27 15.14
C VAL D 104 7.59 -0.04 15.84
N ALA D 105 7.17 -1.18 15.30
CA ALA D 105 7.53 -2.45 15.92
C ALA D 105 9.03 -2.69 15.88
N MET D 106 9.67 -2.40 14.75
CA MET D 106 11.10 -2.61 14.63
C MET D 106 11.89 -1.66 15.52
N GLU D 107 11.50 -0.39 15.57
CA GLU D 107 12.21 0.55 16.43
C GLU D 107 11.94 0.27 17.89
N ASN D 108 10.76 -0.24 18.24
CA ASN D 108 10.53 -0.61 19.64
C ASN D 108 11.41 -1.81 19.99
N GLN D 109 11.59 -2.73 19.05
CA GLN D 109 12.48 -3.86 19.28
C GLN D 109 13.91 -3.37 19.42
N HIS D 110 14.30 -2.37 18.60
CA HIS D 110 15.65 -1.85 18.68
C HIS D 110 15.84 -1.03 19.94
N THR D 111 14.81 -0.31 20.38
CA THR D 111 14.93 0.49 21.59
C THR D 111 15.12 -0.42 22.79
N ILE D 112 14.33 -1.50 22.87
CA ILE D 112 14.45 -2.43 23.98
C ILE D 112 15.81 -3.14 23.93
N ASP D 113 16.19 -3.63 22.75
CA ASP D 113 17.48 -4.33 22.64
C ASP D 113 18.65 -3.38 22.86
N LEU D 114 18.51 -2.13 22.43
CA LEU D 114 19.55 -1.12 22.63
C LEU D 114 19.71 -0.82 24.11
N ALA D 115 18.59 -0.66 24.82
CA ALA D 115 18.66 -0.43 26.26
C ALA D 115 19.31 -1.61 26.95
N ASP D 116 19.01 -2.83 26.49
CA ASP D 116 19.65 -4.00 27.08
C ASP D 116 21.13 -4.03 26.72
N SER D 117 21.48 -3.57 25.52
CA SER D 117 22.88 -3.49 25.12
C SER D 117 23.63 -2.51 26.01
N GLU D 118 23.01 -1.37 26.31
CA GLU D 118 23.62 -0.40 27.21
C GLU D 118 23.79 -1.00 28.59
N MET D 119 22.78 -1.76 29.03
CA MET D 119 22.87 -2.41 30.34
C MET D 119 24.02 -3.40 30.37
N ASP D 120 24.17 -4.18 29.30
CA ASP D 120 25.24 -5.17 29.23
C ASP D 120 26.61 -4.54 29.10
N LYS D 121 26.74 -3.46 28.31
CA LYS D 121 28.06 -2.83 28.18
C LYS D 121 28.45 -2.12 29.46
N LEU D 122 27.50 -1.51 30.17
CA LEU D 122 27.82 -0.92 31.47
C LEU D 122 28.20 -2.00 32.48
N TYR D 123 27.47 -3.12 32.47
CA TYR D 123 27.77 -4.25 33.34
C TYR D 123 29.17 -4.80 33.06
N GLU D 124 29.49 -4.98 31.78
CA GLU D 124 30.82 -5.46 31.41
C GLU D 124 31.89 -4.45 31.75
N ARG D 125 31.61 -3.14 31.61
CA ARG D 125 32.57 -2.13 32.01
C ARG D 125 32.91 -2.28 33.49
N VAL D 126 31.88 -2.48 34.31
CA VAL D 126 32.10 -2.65 35.74
C VAL D 126 32.88 -3.93 36.00
N LYS D 127 32.51 -5.02 35.31
CA LYS D 127 33.24 -6.27 35.46
C LYS D 127 34.70 -6.13 35.10
N ARG D 128 35.00 -5.42 34.00
CA ARG D 128 36.38 -5.25 33.57
C ARG D 128 37.12 -4.22 34.40
N GLN D 129 36.42 -3.40 35.16
CA GLN D 129 37.07 -2.47 36.07
C GLN D 129 37.42 -3.16 37.38
N LEU D 130 36.56 -4.09 37.82
CA LEU D 130 36.82 -4.83 39.04
C LEU D 130 37.76 -6.01 38.81
N ARG D 131 37.71 -6.61 37.63
CA ARG D 131 38.57 -7.72 37.24
C ARG D 131 38.55 -8.89 38.23
N GLU D 132 39.66 -9.19 38.90
CA GLU D 132 39.73 -10.37 39.76
C GLU D 132 39.35 -10.12 41.22
N ASN D 133 39.02 -8.88 41.60
CA ASN D 133 38.67 -8.60 42.99
C ASN D 133 37.17 -8.59 43.24
N ALA D 134 36.38 -9.05 42.25
CA ALA D 134 34.93 -9.09 42.37
C ALA D 134 34.43 -10.22 41.49
N GLU D 135 33.22 -10.70 41.81
CA GLU D 135 32.58 -11.74 41.02
C GLU D 135 31.13 -11.42 40.76
N GLU D 136 30.61 -11.89 39.63
CA GLU D 136 29.19 -11.71 39.36
C GLU D 136 28.36 -12.58 40.29
N ASP D 137 27.20 -12.08 40.69
CA ASP D 137 26.24 -12.85 41.48
C ASP D 137 25.12 -13.44 40.63
N GLY D 138 25.13 -13.21 39.32
CA GLY D 138 24.14 -13.77 38.42
C GLY D 138 22.81 -13.04 38.39
N THR D 139 22.63 -12.02 39.22
CA THR D 139 21.39 -11.25 39.32
C THR D 139 21.55 -9.80 38.92
N GLY D 140 22.77 -9.34 38.69
CA GLY D 140 23.09 -7.93 38.53
C GLY D 140 23.97 -7.41 39.64
N CYS D 141 24.08 -8.17 40.73
CA CYS D 141 24.96 -7.82 41.83
C CYS D 141 26.37 -8.27 41.52
N PHE D 142 27.33 -7.51 42.05
CA PHE D 142 28.73 -7.91 42.04
C PHE D 142 29.11 -8.11 43.49
N GLU D 143 29.72 -9.24 43.79
CA GLU D 143 30.21 -9.53 45.11
C GLU D 143 31.62 -8.99 45.18
N ILE D 144 31.88 -8.16 46.17
CA ILE D 144 33.16 -7.49 46.34
C ILE D 144 33.83 -8.24 47.47
N PHE D 145 35.07 -8.68 47.25
CA PHE D 145 35.75 -9.54 48.19
C PHE D 145 36.79 -8.79 49.01
N HIS D 146 36.63 -7.47 49.12
CA HIS D 146 37.47 -6.61 49.93
C HIS D 146 36.55 -5.63 50.63
N LYS D 147 36.99 -5.11 51.77
CA LYS D 147 36.17 -4.19 52.54
C LYS D 147 36.30 -2.79 51.94
N CYS D 148 35.17 -2.17 51.62
CA CYS D 148 35.18 -0.84 51.01
C CYS D 148 33.81 -0.20 51.18
N ASP D 149 33.83 1.13 51.33
CA ASP D 149 32.65 1.96 51.48
C ASP D 149 32.43 2.87 50.25
N ASP D 150 31.66 3.96 50.44
CA ASP D 150 31.22 4.82 49.35
C ASP D 150 32.34 5.45 48.53
N ASP D 151 33.56 5.55 49.06
CA ASP D 151 34.62 6.19 48.28
C ASP D 151 34.89 5.42 46.99
N CYS D 152 34.82 4.10 47.04
CA CYS D 152 35.05 3.32 45.83
C CYS D 152 33.76 3.14 45.05
N MET D 153 32.60 3.32 45.70
CA MET D 153 31.36 3.33 44.94
C MET D 153 31.36 4.52 44.00
N ALA D 154 31.81 5.68 44.50
CA ALA D 154 31.94 6.86 43.67
C ALA D 154 33.03 6.67 42.63
N SER D 155 34.15 6.03 43.01
CA SER D 155 35.21 5.82 42.02
C SER D 155 34.75 4.91 40.89
N ILE D 156 33.87 3.95 41.18
CA ILE D 156 33.32 3.10 40.12
C ILE D 156 32.36 3.91 39.27
N ARG D 157 31.47 4.68 39.91
CA ARG D 157 30.54 5.51 39.14
C ARG D 157 31.30 6.53 38.29
N ASN D 158 32.43 7.03 38.80
CA ASN D 158 33.23 8.03 38.10
C ASN D 158 34.20 7.43 37.09
N ASN D 159 34.22 6.10 36.94
CA ASN D 159 35.15 5.41 36.05
C ASN D 159 36.61 5.68 36.41
N THR D 160 36.88 5.79 37.72
CA THR D 160 38.23 6.03 38.22
C THR D 160 38.78 4.88 39.05
N TYR D 161 37.94 3.93 39.47
CA TYR D 161 38.39 2.82 40.31
C TYR D 161 39.45 1.97 39.60
N ASP D 162 40.51 1.66 40.34
CA ASP D 162 41.58 0.78 39.90
C ASP D 162 41.55 -0.47 40.75
N HIS D 163 41.87 -1.62 40.14
CA HIS D 163 41.78 -2.89 40.87
C HIS D 163 42.98 -3.15 41.77
N SER D 164 44.03 -2.33 41.70
CA SER D 164 45.26 -2.58 42.44
C SER D 164 45.13 -2.15 43.91
N LYS D 165 44.19 -2.77 44.61
CA LYS D 165 43.92 -2.50 46.03
C LYS D 165 43.91 -3.81 46.80
N TYR D 166 45.07 -4.23 47.31
CA TYR D 166 45.22 -5.46 48.09
C TYR D 166 44.54 -6.65 47.39
N ARG D 167 44.92 -6.86 46.13
CA ARG D 167 44.32 -7.93 45.34
C ARG D 167 44.45 -9.29 46.02
N GLU D 168 45.59 -9.53 46.68
CA GLU D 168 45.86 -10.82 47.32
C GLU D 168 44.82 -11.14 48.37
N GLU D 169 44.23 -10.14 49.01
CA GLU D 169 43.23 -10.42 50.02
C GLU D 169 41.97 -10.95 49.36
N ALA D 170 41.54 -10.33 48.26
CA ALA D 170 40.35 -10.80 47.56
C ALA D 170 40.57 -12.20 46.97
N MET D 171 41.76 -12.48 46.44
CA MET D 171 42.03 -13.84 45.94
C MET D 171 41.96 -14.85 47.08
N GLN D 172 42.60 -14.56 48.21
CA GLN D 172 42.53 -15.51 49.32
C GLN D 172 41.08 -15.67 49.77
N ASN D 173 40.31 -14.58 49.72
CA ASN D 173 38.91 -14.60 50.08
C ASN D 173 38.07 -15.45 49.12
N ARG D 174 38.55 -15.68 47.88
CA ARG D 174 37.78 -16.45 46.90
C ARG D 174 38.51 -17.70 46.38
N ILE D 175 39.62 -18.11 47.01
CA ILE D 175 40.37 -19.27 46.52
C ILE D 175 39.91 -20.51 47.28
N ASP E 1 32.85 -33.16 35.25
CA ASP E 1 33.31 -33.75 33.96
C ASP E 1 33.13 -32.72 32.82
N LYS E 2 32.14 -32.90 31.95
CA LYS E 2 31.93 -32.01 30.83
C LYS E 2 30.44 -31.90 30.54
N ILE E 3 29.95 -30.66 30.39
CA ILE E 3 28.58 -30.39 29.98
C ILE E 3 28.65 -29.54 28.73
N CYS E 4 27.98 -29.99 27.68
CA CYS E 4 27.97 -29.34 26.38
C CYS E 4 26.60 -28.77 26.06
N LEU E 5 26.58 -27.55 25.54
CA LEU E 5 25.36 -26.86 25.15
C LEU E 5 25.31 -26.78 23.64
N GLY E 6 24.11 -26.82 23.09
CA GLY E 6 23.98 -26.77 21.65
C GLY E 6 22.56 -26.71 21.16
N HIS E 7 22.39 -27.02 19.88
CA HIS E 7 21.10 -26.93 19.21
C HIS E 7 20.94 -28.06 18.21
N HIS E 8 19.69 -28.26 17.79
CA HIS E 8 19.34 -29.33 16.87
C HIS E 8 19.87 -29.02 15.46
N ALA E 9 19.69 -29.98 14.56
CA ALA E 9 20.10 -29.83 13.18
C ALA E 9 19.27 -30.78 12.33
N VAL E 10 19.26 -30.54 11.02
CA VAL E 10 18.61 -31.41 10.06
C VAL E 10 19.61 -31.80 8.98
N SER E 11 19.36 -32.96 8.36
CA SER E 11 20.22 -33.42 7.29
C SER E 11 19.99 -32.69 5.98
N ASN E 12 18.75 -32.25 5.72
CA ASN E 12 18.42 -31.53 4.50
C ASN E 12 17.40 -30.45 4.85
N GLY E 13 17.86 -29.21 4.88
CA GLY E 13 17.01 -28.07 5.17
C GLY E 13 16.59 -27.37 3.90
N THR E 14 16.26 -26.09 4.02
CA THR E 14 15.87 -25.27 2.88
C THR E 14 16.68 -23.99 2.94
N LYS E 15 16.65 -23.20 1.86
CA LYS E 15 17.44 -21.98 1.77
C LYS E 15 16.53 -20.76 1.81
N VAL E 16 16.99 -19.72 2.52
CA VAL E 16 16.27 -18.47 2.66
C VAL E 16 17.24 -17.32 2.38
N ASN E 17 16.65 -16.16 2.10
CA ASN E 17 17.40 -14.93 1.91
C ASN E 17 17.57 -14.21 3.24
N THR E 18 18.73 -13.60 3.42
CA THR E 18 19.02 -12.79 4.60
C THR E 18 19.58 -11.44 4.15
N LEU E 19 19.99 -10.59 5.11
CA LEU E 19 20.49 -9.28 4.73
C LEU E 19 21.95 -9.31 4.26
N THR E 20 22.72 -10.32 4.67
CA THR E 20 24.12 -10.44 4.28
C THR E 20 24.40 -11.56 3.29
N GLU E 21 23.55 -12.56 3.20
CA GLU E 21 23.77 -13.71 2.33
C GLU E 21 22.42 -14.09 1.72
N ARG E 22 22.43 -14.33 0.41
CA ARG E 22 21.21 -14.69 -0.31
C ARG E 22 20.76 -16.13 -0.09
N GLY E 23 21.71 -17.04 0.15
CA GLY E 23 21.43 -18.46 0.29
C GLY E 23 21.77 -19.09 1.62
N VAL E 24 21.17 -18.62 2.71
CA VAL E 24 21.45 -19.18 4.04
C VAL E 24 20.52 -20.36 4.26
N GLU E 25 21.11 -21.51 4.58
CA GLU E 25 20.32 -22.72 4.82
C GLU E 25 19.79 -22.73 6.24
N VAL E 26 18.50 -23.02 6.39
CA VAL E 26 17.82 -23.08 7.67
C VAL E 26 17.18 -24.46 7.80
N VAL E 27 16.92 -24.83 9.06
CA VAL E 27 16.36 -26.13 9.37
C VAL E 27 14.92 -26.24 8.88
N ASN E 28 14.18 -25.13 8.95
CA ASN E 28 12.81 -25.11 8.45
C ASN E 28 12.45 -23.69 8.05
N ALA E 29 11.58 -23.60 7.04
CA ALA E 29 11.05 -22.34 6.56
C ALA E 29 9.73 -22.64 5.89
N THR E 30 8.86 -21.64 5.83
CA THR E 30 7.59 -21.74 5.14
C THR E 30 7.55 -20.75 3.99
N GLU E 31 6.57 -20.93 3.11
CA GLU E 31 6.41 -20.04 1.97
C GLU E 31 5.53 -18.88 2.39
N THR E 32 5.87 -17.69 1.87
CA THR E 32 5.06 -16.50 2.06
C THR E 32 4.38 -16.05 0.78
N VAL E 33 4.68 -16.68 -0.36
CA VAL E 33 4.11 -16.34 -1.64
C VAL E 33 3.31 -17.56 -2.10
N GLU E 34 1.99 -17.38 -2.20
CA GLU E 34 1.10 -18.47 -2.58
C GLU E 34 1.02 -18.61 -4.09
N ARG E 35 1.20 -19.84 -4.57
CA ARG E 35 0.99 -20.20 -5.96
C ARG E 35 -0.10 -21.24 -6.14
N THR E 36 -0.64 -21.81 -5.05
CA THR E 36 -1.68 -22.80 -5.12
C THR E 36 -3.02 -22.09 -5.16
N ASN E 37 -3.94 -22.63 -5.96
CA ASN E 37 -5.29 -22.08 -6.05
C ASN E 37 -6.27 -23.21 -6.31
N ILE E 38 -7.55 -22.87 -6.30
CA ILE E 38 -8.63 -23.81 -6.53
C ILE E 38 -9.20 -23.50 -7.92
N PRO E 39 -9.27 -24.48 -8.84
CA PRO E 39 -9.83 -24.19 -10.17
C PRO E 39 -11.25 -23.62 -10.25
N ARG E 40 -11.98 -23.56 -9.13
CA ARG E 40 -13.40 -23.14 -9.21
C ARG E 40 -13.73 -21.97 -8.29
N ILE E 41 -14.68 -21.12 -8.70
CA ILE E 41 -15.14 -20.02 -7.85
C ILE E 41 -15.86 -20.61 -6.64
N CYS E 42 -15.59 -20.03 -5.47
CA CYS E 42 -16.22 -20.45 -4.21
C CYS E 42 -17.34 -19.54 -3.73
N SER E 43 -18.54 -20.12 -3.59
CA SER E 43 -19.73 -19.38 -3.23
C SER E 43 -20.37 -19.71 -1.88
N LYS E 44 -19.78 -20.59 -1.05
CA LYS E 44 -20.51 -20.96 0.17
C LYS E 44 -20.62 -19.74 1.07
N GLY E 45 -21.80 -19.51 1.63
CA GLY E 45 -21.99 -18.43 2.57
C GLY E 45 -22.30 -17.10 1.90
N LYS E 46 -22.12 -17.01 0.58
CA LYS E 46 -22.39 -15.83 -0.20
C LYS E 46 -23.41 -16.16 -1.27
N ARG E 47 -24.28 -15.21 -1.58
CA ARG E 47 -25.21 -15.37 -2.69
C ARG E 47 -24.43 -15.11 -3.97
N THR E 48 -24.41 -16.08 -4.87
CA THR E 48 -23.62 -16.01 -6.10
C THR E 48 -24.53 -16.11 -7.32
N VAL E 49 -24.32 -15.19 -8.26
CA VAL E 49 -24.98 -15.19 -9.56
C VAL E 49 -23.93 -15.54 -10.60
N ASP E 50 -24.21 -16.54 -11.43
CA ASP E 50 -23.31 -17.00 -12.47
C ASP E 50 -23.91 -16.56 -13.81
N LEU E 51 -23.36 -15.51 -14.39
CA LEU E 51 -23.91 -14.90 -15.60
C LEU E 51 -23.42 -15.64 -16.85
N GLY E 52 -23.79 -16.92 -16.93
CA GLY E 52 -23.38 -17.73 -18.06
C GLY E 52 -24.04 -17.22 -19.33
N GLN E 53 -23.23 -16.98 -20.36
CA GLN E 53 -23.71 -16.43 -21.64
C GLN E 53 -24.45 -15.11 -21.44
N CYS E 54 -24.12 -14.38 -20.38
CA CYS E 54 -24.77 -13.11 -20.06
C CYS E 54 -23.74 -12.11 -19.55
N GLY E 55 -23.76 -10.91 -20.12
CA GLY E 55 -22.91 -9.85 -19.65
C GLY E 55 -23.53 -9.17 -18.43
N LEU E 56 -22.69 -8.52 -17.63
CA LEU E 56 -23.24 -7.86 -16.44
C LEU E 56 -24.20 -6.76 -16.82
N LEU E 57 -23.99 -6.10 -17.96
CA LEU E 57 -24.88 -5.03 -18.33
C LEU E 57 -26.16 -5.59 -18.93
N GLY E 58 -26.18 -6.89 -19.22
CA GLY E 58 -27.41 -7.48 -19.66
C GLY E 58 -28.38 -7.66 -18.52
N THR E 59 -27.92 -7.48 -17.29
CA THR E 59 -28.84 -7.49 -16.17
C THR E 59 -29.54 -6.14 -16.06
N ILE E 60 -29.05 -5.14 -16.79
CA ILE E 60 -29.67 -3.82 -16.84
C ILE E 60 -30.47 -3.68 -18.12
N THR E 61 -29.82 -3.98 -19.25
CA THR E 61 -30.46 -3.86 -20.57
C THR E 61 -31.48 -4.98 -20.79
N GLY E 62 -31.13 -6.22 -20.42
CA GLY E 62 -32.05 -7.34 -20.52
C GLY E 62 -32.16 -8.05 -21.86
N PRO E 63 -31.04 -8.48 -22.45
CA PRO E 63 -31.13 -9.31 -23.66
C PRO E 63 -31.68 -10.68 -23.33
N PRO E 64 -32.20 -11.42 -24.32
CA PRO E 64 -32.78 -12.75 -24.05
C PRO E 64 -31.90 -13.68 -23.21
N GLN E 65 -30.58 -13.65 -23.42
CA GLN E 65 -29.68 -14.51 -22.66
C GLN E 65 -29.62 -14.17 -21.17
N CYS E 66 -30.13 -13.00 -20.78
CA CYS E 66 -30.09 -12.52 -19.39
C CYS E 66 -31.47 -12.50 -18.75
N ASP E 67 -32.45 -13.19 -19.36
CA ASP E 67 -33.84 -13.13 -18.91
C ASP E 67 -34.02 -13.51 -17.44
N GLN E 68 -33.20 -14.42 -16.91
CA GLN E 68 -33.33 -14.81 -15.52
C GLN E 68 -32.63 -13.87 -14.52
N PHE E 69 -31.88 -12.87 -14.98
CA PHE E 69 -31.10 -11.99 -14.08
C PHE E 69 -31.62 -10.56 -13.95
N LEU E 70 -32.82 -10.23 -14.42
CA LEU E 70 -33.23 -8.82 -14.38
C LEU E 70 -33.31 -8.25 -12.96
N GLU E 71 -33.64 -9.08 -11.97
CA GLU E 71 -33.72 -8.65 -10.58
C GLU E 71 -32.83 -9.49 -9.68
N PHE E 72 -31.68 -9.93 -10.20
CA PHE E 72 -30.82 -10.82 -9.45
C PHE E 72 -30.36 -10.15 -8.16
N SER E 73 -30.12 -10.98 -7.14
CA SER E 73 -29.62 -10.52 -5.85
C SER E 73 -28.49 -11.44 -5.46
N ALA E 74 -27.31 -10.88 -5.24
CA ALA E 74 -26.13 -11.70 -4.99
C ALA E 74 -25.08 -10.88 -4.27
N ASP E 75 -24.20 -11.60 -3.58
CA ASP E 75 -23.02 -11.01 -2.95
C ASP E 75 -21.82 -11.07 -3.88
N LEU E 76 -21.76 -12.10 -4.72
CA LEU E 76 -20.68 -12.31 -5.68
C LEU E 76 -21.29 -12.35 -7.08
N ILE E 77 -20.78 -11.50 -7.96
CA ILE E 77 -21.26 -11.36 -9.33
C ILE E 77 -20.16 -11.87 -10.24
N ILE E 78 -20.47 -12.89 -11.04
CA ILE E 78 -19.49 -13.55 -11.91
C ILE E 78 -19.85 -13.26 -13.37
N GLU E 79 -18.94 -12.60 -14.08
CA GLU E 79 -19.05 -12.36 -15.51
C GLU E 79 -18.28 -13.46 -16.23
N ARG E 80 -18.71 -13.78 -17.45
CA ARG E 80 -18.05 -14.82 -18.23
C ARG E 80 -17.51 -14.27 -19.54
N ARG E 81 -16.39 -14.86 -19.98
CA ARG E 81 -15.76 -14.46 -21.24
C ARG E 81 -16.70 -14.68 -22.41
N GLU E 82 -17.47 -15.77 -22.38
CA GLU E 82 -18.36 -16.11 -23.48
C GLU E 82 -19.65 -15.29 -23.47
N GLY E 83 -19.87 -14.46 -22.44
CA GLY E 83 -21.10 -13.72 -22.34
C GLY E 83 -21.04 -12.46 -23.17
N SER E 84 -22.19 -11.77 -23.24
CA SER E 84 -22.30 -10.55 -24.01
C SER E 84 -23.24 -9.58 -23.29
N ASP E 85 -22.96 -8.29 -23.45
CA ASP E 85 -23.80 -7.26 -22.86
C ASP E 85 -25.04 -6.99 -23.70
N VAL E 86 -25.00 -7.30 -25.00
CA VAL E 86 -26.06 -6.99 -25.94
C VAL E 86 -26.39 -8.23 -26.75
N CYS E 87 -27.56 -8.19 -27.40
CA CYS E 87 -27.97 -9.18 -28.38
C CYS E 87 -28.13 -8.55 -29.76
N PHE E 88 -28.52 -7.27 -29.81
CA PHE E 88 -28.54 -6.45 -31.01
C PHE E 88 -27.29 -5.57 -30.92
N PRO E 89 -26.40 -5.54 -31.92
CA PRO E 89 -25.08 -4.89 -31.73
C PRO E 89 -25.11 -3.48 -31.15
N GLY E 90 -24.12 -3.20 -30.32
CA GLY E 90 -24.01 -1.89 -29.67
C GLY E 90 -23.02 -1.91 -28.53
N LYS E 91 -22.69 -0.71 -28.07
CA LYS E 91 -21.72 -0.51 -26.99
C LYS E 91 -22.22 0.53 -25.99
N PHE E 92 -21.88 0.31 -24.72
CA PHE E 92 -22.10 1.31 -23.68
C PHE E 92 -20.95 2.31 -23.60
N VAL E 93 -21.29 3.57 -23.35
CA VAL E 93 -20.28 4.61 -23.11
C VAL E 93 -19.99 4.63 -21.62
N ASN E 94 -18.70 4.70 -21.27
CA ASN E 94 -18.27 4.60 -19.87
C ASN E 94 -18.73 3.27 -19.27
N GLU E 95 -18.62 2.21 -20.07
CA GLU E 95 -19.02 0.89 -19.63
C GLU E 95 -18.18 0.41 -18.45
N GLU E 96 -16.94 0.89 -18.35
CA GLU E 96 -16.08 0.49 -17.24
C GLU E 96 -16.63 1.04 -15.92
N ALA E 97 -17.03 2.31 -15.92
CA ALA E 97 -17.59 2.91 -14.71
C ALA E 97 -18.87 2.20 -14.31
N LEU E 98 -19.70 1.81 -15.29
CA LEU E 98 -20.95 1.16 -14.97
C LEU E 98 -20.70 -0.23 -14.41
N ARG E 99 -19.73 -0.96 -14.96
CA ARG E 99 -19.40 -2.26 -14.37
C ARG E 99 -18.83 -2.10 -12.98
N GLN E 100 -18.02 -1.06 -12.75
CA GLN E 100 -17.49 -0.84 -11.41
C GLN E 100 -18.61 -0.58 -10.41
N ILE E 101 -19.64 0.16 -10.84
CA ILE E 101 -20.79 0.39 -9.97
C ILE E 101 -21.56 -0.90 -9.72
N LEU E 102 -21.86 -1.65 -10.79
CA LEU E 102 -22.68 -2.85 -10.66
C LEU E 102 -21.99 -3.95 -9.86
N ARG E 103 -20.67 -4.09 -9.99
CA ARG E 103 -19.96 -5.14 -9.27
C ARG E 103 -19.99 -4.94 -7.75
N GLU E 104 -20.34 -3.74 -7.28
CA GLU E 104 -20.44 -3.43 -5.87
C GLU E 104 -21.87 -3.15 -5.42
N SER E 105 -22.85 -3.30 -6.32
CA SER E 105 -24.20 -2.85 -6.07
C SER E 105 -24.97 -3.68 -5.05
N GLY E 106 -24.59 -4.94 -4.83
CA GLY E 106 -25.40 -5.80 -3.98
C GLY E 106 -26.51 -6.50 -4.73
N GLY E 107 -26.63 -6.25 -6.03
CA GLY E 107 -27.70 -6.71 -6.88
C GLY E 107 -28.53 -5.53 -7.32
N ILE E 108 -29.54 -5.81 -8.15
CA ILE E 108 -30.35 -4.77 -8.77
C ILE E 108 -31.82 -4.98 -8.39
N ASP E 109 -32.41 -3.96 -7.80
CA ASP E 109 -33.82 -3.92 -7.41
C ASP E 109 -34.55 -3.09 -8.46
N LYS E 110 -35.24 -3.75 -9.37
CA LYS E 110 -35.92 -3.06 -10.46
C LYS E 110 -37.26 -2.52 -9.97
N GLU E 111 -37.60 -1.30 -10.42
CA GLU E 111 -38.87 -0.67 -10.10
C GLU E 111 -39.39 0.02 -11.35
N ALA E 112 -40.69 -0.12 -11.62
CA ALA E 112 -41.27 0.40 -12.86
C ALA E 112 -41.07 1.91 -13.00
N MET E 113 -40.72 2.34 -14.22
CA MET E 113 -40.61 3.76 -14.52
C MET E 113 -41.97 4.42 -14.59
N GLY E 114 -42.99 3.70 -15.06
CA GLY E 114 -44.31 4.25 -15.16
C GLY E 114 -44.54 5.14 -16.36
N PHE E 115 -43.77 4.97 -17.43
CA PHE E 115 -43.94 5.79 -18.62
C PHE E 115 -45.09 5.27 -19.46
N THR E 116 -45.95 6.20 -19.90
CA THR E 116 -47.06 5.91 -20.79
C THR E 116 -46.87 6.71 -22.07
N TYR E 117 -47.02 6.06 -23.21
CA TYR E 117 -46.77 6.66 -24.51
C TYR E 117 -48.02 6.59 -25.37
N SER E 118 -48.12 7.54 -26.31
CA SER E 118 -49.21 7.57 -27.27
C SER E 118 -48.69 8.16 -28.57
N GLY E 119 -49.19 7.65 -29.69
CA GLY E 119 -48.76 8.12 -30.99
C GLY E 119 -47.55 7.38 -31.56
N ILE E 120 -47.13 6.29 -30.93
CA ILE E 120 -45.96 5.52 -31.32
C ILE E 120 -46.31 4.04 -31.32
N ARG E 121 -45.32 3.21 -31.63
CA ARG E 121 -45.39 1.77 -31.43
C ARG E 121 -44.23 1.35 -30.53
N THR E 122 -44.54 0.50 -29.55
CA THR E 122 -43.63 0.13 -28.48
C THR E 122 -43.04 -1.28 -28.68
N ASN E 123 -43.15 -1.84 -29.89
CA ASN E 123 -42.70 -3.21 -30.11
C ASN E 123 -41.21 -3.26 -30.44
N GLY E 124 -40.85 -2.98 -31.69
CA GLY E 124 -39.44 -2.96 -32.06
C GLY E 124 -38.78 -4.31 -32.15
N ALA E 125 -39.54 -5.37 -32.44
CA ALA E 125 -38.94 -6.70 -32.52
C ALA E 125 -37.88 -6.76 -33.61
N THR E 126 -36.79 -7.50 -33.34
CA THR E 126 -35.70 -7.67 -34.28
C THR E 126 -35.32 -9.14 -34.38
N SER E 127 -34.80 -9.53 -35.54
CA SER E 127 -34.37 -10.91 -35.76
C SER E 127 -33.11 -11.28 -34.99
N SER E 128 -32.33 -10.31 -34.52
CA SER E 128 -31.11 -10.63 -33.78
C SER E 128 -31.37 -11.05 -32.34
N CYS E 129 -32.54 -10.73 -31.79
CA CYS E 129 -32.89 -11.06 -30.41
C CYS E 129 -34.18 -11.85 -30.48
N ARG E 130 -34.14 -13.10 -30.01
CA ARG E 130 -35.26 -14.02 -30.15
C ARG E 130 -35.64 -14.69 -28.83
N ARG E 131 -36.96 -14.78 -28.59
CA ARG E 131 -37.55 -15.52 -27.47
C ARG E 131 -38.71 -16.30 -28.08
N SER E 132 -38.39 -17.40 -28.77
CA SER E 132 -39.37 -18.17 -29.55
C SER E 132 -40.10 -17.25 -30.52
N GLY E 133 -39.33 -16.45 -31.25
CA GLY E 133 -39.85 -15.47 -32.19
C GLY E 133 -39.09 -14.17 -32.03
N SER E 134 -39.27 -13.22 -32.94
CA SER E 134 -38.54 -11.96 -32.85
C SER E 134 -38.91 -11.21 -31.59
N SER E 135 -37.91 -10.59 -30.96
CA SER E 135 -38.10 -9.83 -29.74
C SER E 135 -37.03 -8.74 -29.68
N PHE E 136 -37.02 -8.02 -28.57
CA PHE E 136 -36.03 -6.97 -28.34
C PHE E 136 -35.57 -7.16 -26.88
N TYR E 137 -34.96 -6.15 -26.28
CA TYR E 137 -34.45 -6.24 -24.93
C TYR E 137 -35.60 -6.15 -23.94
N ALA E 138 -35.54 -6.97 -22.88
CA ALA E 138 -36.63 -7.04 -21.92
C ALA E 138 -36.88 -5.70 -21.23
N GLU E 139 -35.82 -4.95 -20.92
CA GLU E 139 -35.95 -3.71 -20.14
C GLU E 139 -35.93 -2.44 -20.96
N MET E 140 -35.89 -2.51 -22.29
CA MET E 140 -35.78 -1.32 -23.13
C MET E 140 -36.98 -1.31 -24.07
N LYS E 141 -37.57 -0.12 -24.23
CA LYS E 141 -38.69 0.09 -25.12
C LYS E 141 -38.20 0.89 -26.33
N TRP E 142 -38.13 0.23 -27.48
CA TRP E 142 -37.69 0.86 -28.71
C TRP E 142 -38.93 1.49 -29.32
N LEU E 143 -38.96 2.82 -29.35
CA LEU E 143 -40.14 3.57 -29.73
C LEU E 143 -40.02 4.03 -31.18
N LEU E 144 -40.93 3.56 -32.02
CA LEU E 144 -40.94 3.82 -33.45
C LEU E 144 -42.07 4.79 -33.78
N SER E 145 -41.93 5.48 -34.90
CA SER E 145 -42.93 6.45 -35.33
C SER E 145 -44.04 5.74 -36.08
N ASN E 146 -45.19 5.57 -35.39
CA ASN E 146 -46.36 4.87 -35.90
C ASN E 146 -45.97 3.59 -36.64
N THR E 147 -46.28 3.47 -37.93
CA THR E 147 -45.94 2.27 -38.69
C THR E 147 -44.63 2.49 -39.44
N ASP E 148 -44.69 3.26 -40.53
CA ASP E 148 -43.51 3.60 -41.32
C ASP E 148 -43.74 4.92 -42.04
N ASN E 149 -42.64 5.55 -42.45
CA ASN E 149 -42.65 6.75 -43.30
C ASN E 149 -43.49 7.87 -42.71
N ALA E 150 -43.36 8.10 -41.39
CA ALA E 150 -44.10 9.15 -40.71
C ALA E 150 -43.19 9.83 -39.70
N ALA E 151 -43.41 11.12 -39.48
CA ALA E 151 -42.60 11.87 -38.54
C ALA E 151 -42.81 11.36 -37.12
N PHE E 152 -41.72 11.33 -36.34
CA PHE E 152 -41.83 10.93 -34.94
C PHE E 152 -42.16 12.16 -34.08
N PRO E 153 -43.23 12.16 -33.28
CA PRO E 153 -43.51 13.36 -32.48
C PRO E 153 -42.48 13.50 -31.36
N GLN E 154 -42.18 14.74 -31.01
CA GLN E 154 -41.27 14.98 -29.89
C GLN E 154 -42.00 14.68 -28.60
N MET E 155 -41.35 13.93 -27.70
CA MET E 155 -41.89 13.66 -26.37
C MET E 155 -40.86 13.96 -25.31
N THR E 156 -41.36 14.47 -24.18
CA THR E 156 -40.57 14.86 -23.01
C THR E 156 -41.08 14.15 -21.76
N LYS E 157 -40.41 13.07 -21.38
CA LYS E 157 -40.78 12.24 -20.25
C LYS E 157 -39.85 12.52 -19.08
N SER E 158 -40.30 12.19 -17.87
CA SER E 158 -39.47 12.41 -16.70
C SER E 158 -39.77 11.36 -15.64
N TYR E 159 -38.79 11.18 -14.74
CA TYR E 159 -38.90 10.22 -13.64
C TYR E 159 -38.27 10.82 -12.39
N LYS E 160 -38.94 10.65 -11.25
CA LYS E 160 -38.45 11.13 -9.96
C LYS E 160 -38.00 9.97 -9.10
N ASN E 161 -36.83 10.13 -8.47
CA ASN E 161 -36.27 9.12 -7.56
C ASN E 161 -36.76 9.39 -6.14
N THR E 162 -37.73 8.59 -5.69
CA THR E 162 -38.36 8.79 -4.39
C THR E 162 -37.79 7.87 -3.30
N ARG E 163 -36.82 7.01 -3.61
CA ARG E 163 -36.24 6.11 -2.64
C ARG E 163 -34.98 6.69 -2.01
N LYS E 164 -34.57 6.07 -0.89
CA LYS E 164 -33.39 6.53 -0.16
C LYS E 164 -32.10 6.32 -0.94
N ASN E 165 -32.00 5.23 -1.81
CA ASN E 165 -30.76 5.02 -2.54
C ASN E 165 -30.79 5.75 -3.88
N PRO E 166 -29.64 6.15 -4.44
CA PRO E 166 -29.65 6.73 -5.79
C PRO E 166 -30.18 5.74 -6.83
N ALA E 167 -30.88 6.28 -7.83
CA ALA E 167 -31.46 5.46 -8.89
C ALA E 167 -30.55 5.45 -10.11
N LEU E 168 -30.38 4.27 -10.71
CA LEU E 168 -29.62 4.12 -11.95
C LEU E 168 -30.59 4.04 -13.12
N ILE E 169 -30.53 5.03 -14.02
CA ILE E 169 -31.41 5.12 -15.17
C ILE E 169 -30.55 4.90 -16.42
N VAL E 170 -30.94 3.94 -17.25
CA VAL E 170 -30.19 3.60 -18.45
C VAL E 170 -31.11 3.69 -19.66
N TRP E 171 -30.60 4.30 -20.73
CA TRP E 171 -31.35 4.49 -21.97
C TRP E 171 -30.36 4.35 -23.10
N GLY E 172 -30.84 4.28 -24.35
CA GLY E 172 -29.95 4.21 -25.48
C GLY E 172 -30.36 5.12 -26.63
N ILE E 173 -29.46 5.15 -27.61
CA ILE E 173 -29.60 5.90 -28.86
C ILE E 173 -29.43 4.89 -29.98
N HIS E 174 -30.34 4.90 -30.94
CA HIS E 174 -30.31 3.97 -32.06
C HIS E 174 -29.70 4.63 -33.28
N HIS E 175 -28.57 4.09 -33.74
CA HIS E 175 -27.90 4.53 -34.94
C HIS E 175 -28.37 3.52 -36.00
N SER E 176 -29.23 3.96 -36.89
CA SER E 176 -29.93 3.03 -37.78
C SER E 176 -28.98 2.30 -38.73
N GLY E 177 -27.82 2.88 -39.03
CA GLY E 177 -26.89 2.28 -39.97
C GLY E 177 -27.14 2.67 -41.41
N SER E 178 -28.15 3.49 -41.67
CA SER E 178 -28.49 3.95 -43.01
C SER E 178 -29.40 5.17 -42.85
N THR E 179 -29.21 6.17 -43.71
CA THR E 179 -30.08 7.34 -43.64
C THR E 179 -31.49 6.97 -44.10
N ALA E 180 -31.60 6.10 -45.10
CA ALA E 180 -32.91 5.68 -45.59
C ALA E 180 -33.67 4.93 -44.51
N GLU E 181 -32.96 4.10 -43.73
CA GLU E 181 -33.64 3.34 -42.70
C GLU E 181 -34.08 4.27 -41.58
N GLN E 182 -33.25 5.25 -41.21
CA GLN E 182 -33.66 6.16 -40.16
C GLN E 182 -34.88 6.97 -40.59
N THR E 183 -34.94 7.37 -41.87
CA THR E 183 -36.07 8.16 -42.31
C THR E 183 -37.32 7.32 -42.53
N LYS E 184 -37.16 6.01 -42.72
CA LYS E 184 -38.34 5.14 -42.76
C LYS E 184 -38.84 4.83 -41.36
N LEU E 185 -37.90 4.67 -40.41
CA LEU E 185 -38.23 4.25 -39.05
C LEU E 185 -38.81 5.38 -38.21
N TYR E 186 -38.14 6.53 -38.19
CA TYR E 186 -38.54 7.67 -37.37
C TYR E 186 -38.99 8.86 -38.21
N GLY E 187 -39.11 8.71 -39.53
CA GLY E 187 -39.48 9.81 -40.38
C GLY E 187 -38.30 10.70 -40.71
N SER E 188 -38.54 11.65 -41.61
CA SER E 188 -37.48 12.57 -41.99
C SER E 188 -37.35 13.68 -40.96
N GLY E 189 -36.26 14.43 -41.06
CA GLY E 189 -36.00 15.57 -40.19
C GLY E 189 -34.78 15.35 -39.33
N ASN E 190 -34.36 16.45 -38.70
CA ASN E 190 -33.24 16.39 -37.77
C ASN E 190 -33.68 15.78 -36.45
N LYS E 191 -32.82 14.94 -35.88
CA LYS E 191 -33.07 14.28 -34.60
C LYS E 191 -32.17 14.87 -33.53
N LEU E 192 -32.70 14.97 -32.32
CA LEU E 192 -31.97 15.55 -31.21
C LEU E 192 -32.45 14.91 -29.92
N VAL E 193 -31.50 14.55 -29.06
CA VAL E 193 -31.76 13.98 -27.74
C VAL E 193 -31.12 14.85 -26.66
N THR E 194 -31.90 15.24 -25.66
CA THR E 194 -31.39 15.93 -24.48
C THR E 194 -31.83 15.18 -23.23
N VAL E 195 -30.88 14.85 -22.36
CA VAL E 195 -31.15 14.12 -21.13
C VAL E 195 -30.47 14.86 -19.99
N GLY E 196 -31.17 14.99 -18.86
CA GLY E 196 -30.49 15.67 -17.76
C GLY E 196 -31.18 15.55 -16.42
N SER E 197 -30.44 15.99 -15.41
CA SER E 197 -30.83 15.98 -14.01
C SER E 197 -30.04 17.07 -13.30
N SER E 198 -30.26 17.20 -11.99
CA SER E 198 -29.68 18.32 -11.24
C SER E 198 -28.16 18.31 -11.28
N ASN E 199 -27.55 17.13 -11.42
CA ASN E 199 -26.10 16.99 -11.50
C ASN E 199 -25.68 16.25 -12.76
N TYR E 200 -26.49 16.30 -13.81
CA TYR E 200 -26.16 15.57 -15.03
C TYR E 200 -26.69 16.37 -16.22
N GLN E 201 -25.91 16.46 -17.28
CA GLN E 201 -26.32 17.21 -18.46
C GLN E 201 -25.67 16.62 -19.70
N GLN E 202 -26.44 15.95 -20.56
CA GLN E 202 -25.90 15.43 -21.81
C GLN E 202 -26.91 15.58 -22.94
N SER E 203 -26.40 15.56 -24.15
CA SER E 203 -27.21 15.53 -25.36
C SER E 203 -26.55 14.59 -26.35
N PHE E 204 -27.38 14.00 -27.21
CA PHE E 204 -26.94 13.01 -28.18
C PHE E 204 -27.61 13.29 -29.51
N VAL E 205 -26.96 12.91 -30.60
CA VAL E 205 -27.51 13.04 -31.95
C VAL E 205 -27.37 11.70 -32.68
N PRO E 206 -28.44 11.11 -33.22
CA PRO E 206 -28.27 9.91 -34.06
C PRO E 206 -27.36 10.19 -35.24
N SER E 207 -26.57 9.17 -35.60
CA SER E 207 -25.56 9.28 -36.66
C SER E 207 -25.71 8.15 -37.68
N PRO E 208 -26.57 8.30 -38.66
CA PRO E 208 -26.73 7.25 -39.68
C PRO E 208 -25.53 7.24 -40.62
N GLY E 209 -25.31 6.08 -41.23
CA GLY E 209 -24.23 5.94 -42.18
C GLY E 209 -24.14 4.54 -42.75
N ALA E 210 -23.02 3.87 -42.51
CA ALA E 210 -22.84 2.47 -42.90
C ALA E 210 -21.88 1.85 -41.89
N ARG E 211 -22.17 0.61 -41.50
CA ARG E 211 -21.37 -0.08 -40.49
C ARG E 211 -21.28 -1.55 -40.88
N THR E 212 -20.36 -2.28 -40.24
CA THR E 212 -20.19 -3.68 -40.57
C THR E 212 -21.34 -4.51 -39.97
N GLN E 213 -21.36 -5.79 -40.34
CA GLN E 213 -22.44 -6.70 -39.97
C GLN E 213 -22.03 -7.55 -38.77
N VAL E 214 -22.78 -7.43 -37.69
CA VAL E 214 -22.64 -8.25 -36.48
C VAL E 214 -24.01 -8.81 -36.16
N ASN E 215 -24.10 -10.14 -36.10
CA ASN E 215 -25.37 -10.84 -35.86
C ASN E 215 -26.41 -10.51 -36.93
N GLY E 216 -25.97 -10.25 -38.15
CA GLY E 216 -26.86 -9.98 -39.26
C GLY E 216 -27.45 -8.59 -39.35
N GLN E 217 -27.14 -7.69 -38.41
CA GLN E 217 -27.72 -6.36 -38.38
C GLN E 217 -26.69 -5.33 -38.82
N SER E 218 -27.19 -4.23 -39.39
CA SER E 218 -26.34 -3.10 -39.78
C SER E 218 -26.38 -1.93 -38.82
N GLY E 219 -27.41 -1.81 -37.97
CA GLY E 219 -27.46 -0.69 -37.04
C GLY E 219 -26.75 -1.01 -35.75
N ARG E 220 -26.59 0.02 -34.90
CA ARG E 220 -25.97 -0.14 -33.60
C ARG E 220 -26.74 0.72 -32.61
N ILE E 221 -27.05 0.16 -31.44
CA ILE E 221 -27.70 0.90 -30.37
C ILE E 221 -26.70 1.09 -29.23
N ASP E 222 -26.34 2.34 -28.96
CA ASP E 222 -25.39 2.63 -27.90
C ASP E 222 -26.22 2.97 -26.66
N PHE E 223 -25.67 2.68 -25.49
CA PHE E 223 -26.38 2.88 -24.24
C PHE E 223 -25.63 3.83 -23.32
N HIS E 224 -26.40 4.67 -22.64
CA HIS E 224 -25.94 5.71 -21.76
C HIS E 224 -26.63 5.49 -20.42
N TRP E 225 -26.02 6.01 -19.34
CA TRP E 225 -26.57 5.83 -18.01
C TRP E 225 -26.37 7.07 -17.16
N LEU E 226 -27.25 7.22 -16.18
CA LEU E 226 -27.36 8.39 -15.31
C LEU E 226 -27.63 7.93 -13.89
N MET E 227 -27.04 8.60 -12.91
CA MET E 227 -27.38 8.42 -11.50
C MET E 227 -28.23 9.58 -11.01
N LEU E 228 -29.30 9.26 -10.29
CA LEU E 228 -30.18 10.24 -9.65
C LEU E 228 -30.01 10.19 -8.14
N ASN E 229 -29.68 11.33 -7.56
CA ASN E 229 -29.62 11.45 -6.11
C ASN E 229 -31.05 11.33 -5.56
N PRO E 230 -31.20 10.90 -4.31
CA PRO E 230 -32.55 10.83 -3.73
C PRO E 230 -33.32 12.14 -3.85
N ASN E 231 -34.60 12.04 -4.20
CA ASN E 231 -35.54 13.13 -4.43
C ASN E 231 -35.21 13.98 -5.66
N ASP E 232 -34.30 13.53 -6.51
CA ASP E 232 -34.00 14.21 -7.77
C ASP E 232 -34.84 13.65 -8.91
N THR E 233 -34.95 14.44 -9.99
CA THR E 233 -35.72 14.09 -11.17
C THR E 233 -34.87 14.14 -12.43
N VAL E 234 -35.10 13.18 -13.31
CA VAL E 234 -34.46 13.07 -14.61
C VAL E 234 -35.47 13.40 -15.69
N THR E 235 -35.02 14.14 -16.72
CA THR E 235 -35.83 14.43 -17.89
C THR E 235 -35.17 13.80 -19.12
N PHE E 236 -36.05 13.37 -20.03
CA PHE E 236 -35.73 12.74 -21.32
C PHE E 236 -36.52 13.42 -22.43
N SER E 237 -35.89 14.34 -23.18
CA SER E 237 -36.54 15.04 -24.28
C SER E 237 -35.98 14.51 -25.58
N PHE E 238 -36.80 13.82 -26.35
CA PHE E 238 -36.40 13.15 -27.58
C PHE E 238 -37.32 13.48 -28.74
N ASN E 239 -36.70 13.53 -29.92
CA ASN E 239 -37.39 13.62 -31.21
C ASN E 239 -37.39 12.27 -31.92
N GLY E 240 -37.04 11.19 -31.22
CA GLY E 240 -36.96 9.85 -31.77
C GLY E 240 -35.78 9.11 -31.18
N ALA E 241 -35.68 7.80 -31.43
CA ALA E 241 -34.60 6.97 -30.91
C ALA E 241 -34.56 7.01 -29.38
N PHE E 242 -35.70 6.70 -28.76
CA PHE E 242 -35.75 6.71 -27.29
C PHE E 242 -34.94 5.57 -26.68
N ILE E 243 -35.14 4.34 -27.17
CA ILE E 243 -34.69 3.12 -26.50
C ILE E 243 -34.97 3.35 -25.01
N ALA E 244 -36.23 3.60 -24.69
CA ALA E 244 -36.57 4.13 -23.38
C ALA E 244 -36.44 3.05 -22.29
N PRO E 245 -36.06 3.45 -21.06
CA PRO E 245 -36.11 2.48 -19.96
C PRO E 245 -37.55 2.16 -19.59
N ASP E 246 -37.78 0.90 -19.24
CA ASP E 246 -39.04 0.49 -18.66
C ASP E 246 -39.02 0.48 -17.13
N ARG E 247 -37.85 0.21 -16.54
CA ARG E 247 -37.72 0.12 -15.10
C ARG E 247 -36.42 0.80 -14.68
N ALA E 248 -36.47 1.49 -13.55
CA ALA E 248 -35.26 2.03 -12.93
C ALA E 248 -34.62 0.92 -12.12
N SER E 249 -33.30 0.96 -12.02
CA SER E 249 -32.53 0.01 -11.25
C SER E 249 -31.96 0.67 -10.01
N PHE E 250 -32.23 0.08 -8.85
CA PHE E 250 -31.71 0.54 -7.57
C PHE E 250 -30.69 -0.47 -7.06
N LEU E 251 -29.73 0.01 -6.28
CA LEU E 251 -28.68 -0.87 -5.77
C LEU E 251 -29.20 -1.50 -4.48
N ARG E 252 -29.04 -2.82 -4.36
CA ARG E 252 -29.58 -3.53 -3.20
C ARG E 252 -28.72 -3.36 -1.96
N GLY E 253 -27.40 -3.21 -2.10
CA GLY E 253 -26.53 -3.15 -0.96
C GLY E 253 -25.08 -3.11 -1.37
N LYS E 254 -24.30 -4.12 -0.96
CA LYS E 254 -22.90 -4.23 -1.30
C LYS E 254 -22.59 -5.63 -1.81
N SER E 255 -21.69 -5.70 -2.78
CA SER E 255 -21.24 -6.94 -3.38
C SER E 255 -19.81 -6.76 -3.86
N MET E 256 -19.23 -7.86 -4.37
CA MET E 256 -17.92 -7.84 -4.99
C MET E 256 -18.08 -8.69 -6.26
N GLY E 257 -18.02 -8.03 -7.42
CA GLY E 257 -18.17 -8.70 -8.69
C GLY E 257 -16.82 -9.11 -9.25
N ILE E 258 -16.81 -10.25 -9.95
CA ILE E 258 -15.59 -10.79 -10.52
C ILE E 258 -15.79 -11.22 -11.96
N GLN E 259 -14.67 -11.39 -12.64
CA GLN E 259 -14.60 -12.00 -13.96
C GLN E 259 -14.03 -13.40 -13.78
N SER E 260 -14.60 -14.40 -14.46
CA SER E 260 -14.08 -15.75 -14.35
C SER E 260 -14.48 -16.57 -15.57
N GLY E 261 -13.58 -17.46 -15.97
CA GLY E 261 -13.83 -18.43 -17.03
C GLY E 261 -14.05 -19.85 -16.55
N VAL E 262 -14.19 -20.09 -15.24
CA VAL E 262 -14.25 -21.44 -14.68
C VAL E 262 -15.54 -21.63 -13.88
N GLN E 263 -15.84 -22.90 -13.62
CA GLN E 263 -17.06 -23.32 -12.93
C GLN E 263 -17.09 -22.79 -11.50
N VAL E 264 -18.31 -22.69 -10.95
CA VAL E 264 -18.54 -22.26 -9.58
C VAL E 264 -18.62 -23.50 -8.69
N ASP E 265 -18.12 -23.41 -7.46
CA ASP E 265 -18.04 -24.55 -6.56
C ASP E 265 -18.50 -24.07 -5.18
N ALA E 266 -19.56 -24.69 -4.66
CA ALA E 266 -20.08 -24.32 -3.35
C ALA E 266 -19.13 -24.57 -2.17
N ASP E 267 -18.43 -25.70 -2.15
CA ASP E 267 -17.72 -26.13 -0.93
C ASP E 267 -16.58 -25.24 -0.42
N CYS E 268 -15.72 -24.66 -1.27
CA CYS E 268 -14.48 -24.08 -0.71
C CYS E 268 -14.70 -22.90 0.27
N GLU E 269 -15.62 -21.96 0.02
CA GLU E 269 -15.76 -20.76 0.91
C GLU E 269 -14.55 -19.83 0.94
N GLY E 270 -14.11 -19.39 -0.22
CA GLY E 270 -12.96 -18.50 -0.30
C GLY E 270 -13.37 -17.04 -0.28
N ASP E 271 -12.40 -16.16 -0.04
CA ASP E 271 -12.65 -14.73 0.14
C ASP E 271 -12.06 -13.89 -0.99
N CYS E 272 -11.42 -14.51 -1.98
CA CYS E 272 -10.77 -13.77 -3.05
C CYS E 272 -10.67 -14.67 -4.26
N TYR E 273 -10.98 -14.09 -5.42
CA TYR E 273 -11.04 -14.81 -6.67
C TYR E 273 -10.30 -14.02 -7.74
N TYR E 274 -9.86 -14.75 -8.75
CA TYR E 274 -9.26 -14.18 -9.94
C TYR E 274 -9.76 -15.03 -11.10
N SER E 275 -9.69 -14.50 -12.31
CA SER E 275 -10.16 -15.29 -13.44
C SER E 275 -9.33 -16.56 -13.53
N GLY E 276 -10.02 -17.71 -13.49
CA GLY E 276 -9.39 -19.01 -13.55
C GLY E 276 -9.32 -19.76 -12.23
N GLY E 277 -9.68 -19.16 -11.11
CA GLY E 277 -9.68 -19.90 -9.86
C GLY E 277 -9.87 -19.00 -8.64
N THR E 278 -9.78 -19.64 -7.48
CA THR E 278 -9.91 -18.98 -6.18
C THR E 278 -8.60 -19.13 -5.42
N ILE E 279 -8.20 -18.07 -4.70
CA ILE E 279 -6.99 -18.05 -3.90
C ILE E 279 -7.41 -18.12 -2.43
N ILE E 280 -7.24 -19.28 -1.80
CA ILE E 280 -7.56 -19.50 -0.38
C ILE E 280 -6.26 -19.80 0.34
N SER E 281 -5.79 -18.81 1.11
CA SER E 281 -4.54 -18.95 1.83
C SER E 281 -4.48 -17.86 2.89
N ASN E 282 -3.61 -18.08 3.88
CA ASN E 282 -3.32 -17.10 4.91
C ASN E 282 -1.99 -16.39 4.70
N LEU E 283 -1.28 -16.69 3.61
CA LEU E 283 0.05 -16.13 3.41
C LEU E 283 -0.05 -14.64 3.07
N PRO E 284 0.93 -13.83 3.45
CA PRO E 284 0.84 -12.39 3.16
C PRO E 284 1.01 -12.02 1.69
N PHE E 285 1.64 -12.86 0.88
CA PHE E 285 1.93 -12.53 -0.52
C PHE E 285 1.48 -13.65 -1.45
N GLN E 286 1.28 -13.30 -2.71
CA GLN E 286 0.90 -14.23 -3.77
C GLN E 286 1.66 -13.94 -5.05
N ASN E 287 1.81 -14.97 -5.88
CA ASN E 287 2.36 -14.86 -7.23
C ASN E 287 1.45 -15.54 -8.23
N ILE E 288 0.13 -15.40 -8.03
CA ILE E 288 -0.87 -16.03 -8.90
C ILE E 288 -1.37 -15.07 -9.96
N ASP E 289 -1.83 -13.89 -9.55
CA ASP E 289 -2.30 -12.89 -10.51
C ASP E 289 -2.29 -11.55 -9.78
N SER E 290 -1.95 -10.50 -10.52
CA SER E 290 -1.93 -9.16 -9.96
C SER E 290 -3.32 -8.53 -9.90
N ARG E 291 -4.23 -8.94 -10.77
CA ARG E 291 -5.59 -8.42 -10.78
C ARG E 291 -6.49 -9.22 -9.85
N ALA E 292 -6.16 -9.18 -8.56
CA ALA E 292 -6.91 -9.90 -7.56
C ALA E 292 -7.96 -8.99 -6.93
N VAL E 293 -9.10 -9.57 -6.59
CA VAL E 293 -10.23 -8.86 -5.99
C VAL E 293 -10.60 -9.53 -4.67
N GLY E 294 -10.68 -8.73 -3.62
CA GLY E 294 -11.07 -9.18 -2.30
C GLY E 294 -10.05 -8.74 -1.28
N LYS E 295 -10.06 -9.41 -0.14
CA LYS E 295 -9.17 -9.13 0.97
C LYS E 295 -8.19 -10.30 0.94
N CYS E 296 -7.08 -10.13 0.23
CA CYS E 296 -6.23 -11.27 -0.09
C CYS E 296 -4.80 -10.79 -0.31
N PRO E 297 -3.84 -11.72 -0.46
CA PRO E 297 -2.43 -11.34 -0.47
C PRO E 297 -2.05 -10.33 -1.54
N ARG E 298 -1.03 -9.54 -1.23
CA ARG E 298 -0.51 -8.53 -2.13
C ARG E 298 0.35 -9.21 -3.19
N TYR E 299 0.18 -8.80 -4.44
CA TYR E 299 0.94 -9.42 -5.52
C TYR E 299 2.40 -8.97 -5.50
N VAL E 300 3.30 -9.96 -5.66
CA VAL E 300 4.73 -9.72 -5.74
C VAL E 300 5.24 -10.40 -7.00
N LYS E 301 6.42 -9.97 -7.45
CA LYS E 301 7.00 -10.57 -8.65
C LYS E 301 7.68 -11.89 -8.37
N GLN E 302 8.19 -12.07 -7.15
CA GLN E 302 8.94 -13.27 -6.80
C GLN E 302 8.05 -14.50 -6.91
N ARG E 303 8.59 -15.57 -7.51
CA ARG E 303 7.84 -16.81 -7.55
C ARG E 303 7.64 -17.36 -6.15
N SER E 304 8.66 -17.24 -5.31
CA SER E 304 8.60 -17.75 -3.95
C SER E 304 9.55 -16.95 -3.07
N LEU E 305 9.13 -16.78 -1.83
CA LEU E 305 9.93 -16.15 -0.77
C LEU E 305 9.75 -17.06 0.43
N LEU E 306 10.87 -17.50 1.01
CA LEU E 306 10.85 -18.41 2.14
C LEU E 306 11.18 -17.67 3.42
N LEU E 307 10.28 -17.76 4.39
CA LEU E 307 10.41 -17.11 5.68
C LEU E 307 10.83 -18.18 6.68
N ALA E 308 12.01 -18.02 7.26
CA ALA E 308 12.54 -19.02 8.18
C ALA E 308 11.61 -19.19 9.38
N THR E 309 11.40 -20.44 9.77
CA THR E 309 10.62 -20.79 10.96
C THR E 309 11.47 -21.43 12.04
N GLY E 310 12.66 -21.91 11.68
CA GLY E 310 13.60 -22.45 12.63
C GLY E 310 14.90 -21.67 12.57
N MET E 311 15.87 -22.14 13.33
CA MET E 311 17.18 -21.51 13.35
C MET E 311 18.00 -21.99 12.16
N LYS E 312 19.17 -21.37 11.96
CA LYS E 312 20.00 -21.75 10.83
C LYS E 312 20.51 -23.17 10.98
N ASN E 313 20.67 -23.84 9.84
CA ASN E 313 21.06 -25.25 9.78
C ASN E 313 22.57 -25.40 9.64
N VAL E 314 23.21 -25.95 10.66
CA VAL E 314 24.63 -26.27 10.63
C VAL E 314 24.67 -27.79 10.45
N PRO E 315 24.95 -28.31 9.25
CA PRO E 315 24.54 -29.70 8.93
C PRO E 315 25.18 -30.78 9.79
N GLU E 316 26.30 -30.52 10.45
CA GLU E 316 26.96 -31.57 11.24
C GLU E 316 26.37 -31.61 12.64
N ALA F 9 34.47 -35.68 21.64
CA ALA F 9 33.43 -36.58 21.16
C ALA F 9 32.22 -35.79 20.68
N ILE F 10 31.68 -34.95 21.56
CA ILE F 10 30.48 -34.16 21.30
C ILE F 10 30.88 -32.68 21.36
N ALA F 11 30.54 -31.95 20.30
CA ALA F 11 30.81 -30.52 20.17
C ALA F 11 29.53 -29.71 20.39
N GLY F 12 29.71 -28.46 20.82
CA GLY F 12 28.61 -27.55 21.06
C GLY F 12 28.28 -26.68 19.86
N PHE F 13 27.48 -25.64 20.13
CA PHE F 13 26.97 -24.76 19.08
C PHE F 13 28.04 -23.95 18.34
N ILE F 14 29.21 -23.72 18.92
CA ILE F 14 30.20 -22.91 18.22
C ILE F 14 30.85 -23.70 17.10
N GLU F 15 31.29 -24.92 17.38
CA GLU F 15 31.94 -25.70 16.33
C GLU F 15 30.95 -26.21 15.29
N ASN F 16 29.79 -26.72 15.73
CA ASN F 16 28.82 -27.26 14.78
C ASN F 16 27.45 -27.39 15.43
N GLY F 17 26.50 -27.88 14.64
CA GLY F 17 25.20 -28.30 15.13
C GLY F 17 25.27 -29.77 15.50
N TRP F 18 24.16 -30.31 16.00
CA TRP F 18 24.12 -31.71 16.40
C TRP F 18 22.82 -32.35 15.98
N GLU F 19 22.92 -33.39 15.14
CA GLU F 19 21.78 -34.15 14.68
C GLU F 19 21.38 -35.13 15.78
N GLY F 20 20.09 -35.21 16.07
CA GLY F 20 19.62 -36.13 17.10
C GLY F 20 18.57 -35.62 18.07
N LEU F 21 18.41 -34.30 18.20
CA LEU F 21 17.35 -33.76 19.05
C LEU F 21 16.07 -33.68 18.22
N ILE F 22 15.12 -34.54 18.58
CA ILE F 22 13.84 -34.63 17.86
C ILE F 22 12.80 -33.83 18.61
N ASP F 23 12.91 -33.81 19.94
CA ASP F 23 12.00 -33.06 20.81
C ASP F 23 12.67 -31.77 21.23
N GLY F 24 12.23 -30.66 20.63
CA GLY F 24 12.82 -29.37 20.91
C GLY F 24 13.95 -29.01 19.96
N TRP F 25 14.52 -27.84 20.22
CA TRP F 25 15.57 -27.24 19.40
C TRP F 25 16.88 -27.10 20.15
N TYR F 26 16.80 -26.67 21.41
CA TYR F 26 17.94 -26.38 22.27
C TYR F 26 18.04 -27.48 23.32
N GLY F 27 19.25 -27.73 23.80
CA GLY F 27 19.39 -28.75 24.82
C GLY F 27 20.78 -28.81 25.41
N PHE F 28 21.01 -29.91 26.13
CA PHE F 28 22.24 -30.17 26.86
C PHE F 28 22.74 -31.56 26.47
N ARG F 29 24.06 -31.68 26.37
CA ARG F 29 24.73 -32.96 26.13
C ARG F 29 25.92 -33.03 27.06
N HIS F 30 26.18 -34.19 27.65
CA HIS F 30 27.27 -34.27 28.62
C HIS F 30 27.89 -35.65 28.68
N GLN F 31 29.15 -35.70 29.14
CA GLN F 31 29.87 -36.93 29.43
C GLN F 31 30.01 -37.08 30.93
N ASN F 32 29.51 -38.19 31.47
CA ASN F 32 29.59 -38.45 32.91
C ASN F 32 29.69 -39.97 33.11
N ALA F 33 29.47 -40.41 34.35
CA ALA F 33 29.58 -41.84 34.66
C ALA F 33 28.63 -42.68 33.82
N GLN F 34 27.46 -42.14 33.50
CA GLN F 34 26.51 -42.87 32.67
C GLN F 34 26.93 -42.84 31.21
N GLY F 35 27.43 -41.69 30.75
CA GLY F 35 28.00 -41.56 29.43
C GLY F 35 27.12 -40.98 28.35
N GLU F 36 27.64 -39.91 27.72
CA GLU F 36 27.03 -39.21 26.59
C GLU F 36 25.52 -39.01 26.73
N GLY F 37 25.12 -38.45 27.86
CA GLY F 37 23.70 -38.18 28.06
C GLY F 37 23.27 -37.02 27.18
N THR F 38 22.04 -37.11 26.68
CA THR F 38 21.43 -36.07 25.85
C THR F 38 20.04 -35.75 26.37
N ALA F 39 19.74 -34.45 26.48
CA ALA F 39 18.42 -34.02 26.92
C ALA F 39 18.13 -32.67 26.27
N ALA F 40 16.85 -32.39 26.04
CA ALA F 40 16.43 -31.10 25.49
C ALA F 40 16.02 -30.15 26.61
N ASP F 41 16.16 -28.86 26.35
CA ASP F 41 15.70 -27.79 27.23
C ASP F 41 14.44 -27.20 26.63
N TYR F 42 13.28 -27.53 27.21
CA TYR F 42 12.02 -27.15 26.59
C TYR F 42 11.61 -25.72 26.89
N LYS F 43 12.25 -25.05 27.86
CA LYS F 43 11.84 -23.69 28.20
C LYS F 43 12.46 -22.68 27.25
N SER F 44 13.74 -22.84 26.91
CA SER F 44 14.37 -21.94 25.96
C SER F 44 13.79 -22.19 24.57
N THR F 45 13.46 -23.45 24.28
CA THR F 45 12.82 -23.77 23.01
C THR F 45 11.45 -23.12 22.93
N GLN F 46 10.65 -23.19 24.00
CA GLN F 46 9.34 -22.57 23.91
C GLN F 46 9.47 -21.07 23.81
N SER F 47 10.46 -20.47 24.48
CA SER F 47 10.66 -19.02 24.37
C SER F 47 10.96 -18.63 22.93
N ALA F 48 11.90 -19.33 22.31
CA ALA F 48 12.26 -19.02 20.92
C ALA F 48 11.09 -19.26 19.98
N ILE F 49 10.35 -20.35 20.20
CA ILE F 49 9.22 -20.66 19.33
C ILE F 49 8.11 -19.64 19.53
N ASP F 50 7.84 -19.23 20.77
CA ASP F 50 6.82 -18.21 20.99
C ASP F 50 7.17 -16.90 20.30
N GLN F 51 8.44 -16.51 20.34
CA GLN F 51 8.80 -15.25 19.69
C GLN F 51 8.72 -15.40 18.16
N ILE F 52 9.15 -16.55 17.62
CA ILE F 52 9.05 -16.76 16.19
C ILE F 52 7.59 -16.85 15.76
N THR F 53 6.77 -17.54 16.56
CA THR F 53 5.35 -17.67 16.27
C THR F 53 4.68 -16.30 16.25
N GLY F 54 5.00 -15.45 17.22
CA GLY F 54 4.46 -14.10 17.21
C GLY F 54 4.89 -13.33 15.97
N LYS F 55 6.16 -13.50 15.59
CA LYS F 55 6.67 -12.83 14.40
C LYS F 55 5.89 -13.27 13.16
N LEU F 56 5.65 -14.58 13.03
CA LEU F 56 4.85 -15.07 11.91
C LEU F 56 3.39 -14.66 12.04
N ASN F 57 2.85 -14.58 13.26
CA ASN F 57 1.48 -14.13 13.39
C ASN F 57 1.34 -12.72 12.85
N ARG F 58 2.35 -11.88 13.08
CA ARG F 58 2.31 -10.53 12.52
C ARG F 58 2.49 -10.59 11.00
N LEU F 59 3.42 -11.41 10.52
CA LEU F 59 3.65 -11.50 9.07
C LEU F 59 2.56 -12.30 8.39
N ILE F 60 2.10 -13.39 9.00
CA ILE F 60 1.07 -14.22 8.37
C ILE F 60 -0.25 -13.65 8.87
N GLU F 61 -0.61 -12.51 8.33
CA GLU F 61 -1.83 -11.80 8.68
C GLU F 61 -2.31 -11.19 7.38
N LYS F 62 -3.61 -11.31 7.12
CA LYS F 62 -4.18 -10.79 5.89
C LYS F 62 -4.84 -9.45 6.17
N THR F 63 -4.92 -8.62 5.14
CA THR F 63 -5.54 -7.32 5.31
C THR F 63 -7.06 -7.42 5.22
N ASN F 64 -7.72 -6.34 5.62
CA ASN F 64 -9.16 -6.20 5.51
C ASN F 64 -9.59 -5.12 4.53
N GLN F 65 -8.65 -4.60 3.73
CA GLN F 65 -8.98 -3.59 2.73
C GLN F 65 -9.32 -4.34 1.45
N GLN F 66 -10.57 -4.24 1.03
CA GLN F 66 -11.05 -4.94 -0.15
C GLN F 66 -10.79 -4.09 -1.39
N PHE F 67 -10.28 -4.75 -2.43
CA PHE F 67 -10.06 -4.12 -3.72
C PHE F 67 -10.94 -4.81 -4.76
N GLU F 68 -11.46 -4.02 -5.69
CA GLU F 68 -12.30 -4.51 -6.78
C GLU F 68 -11.54 -4.36 -8.09
N LEU F 69 -12.17 -4.79 -9.19
CA LEU F 69 -11.53 -4.64 -10.48
C LEU F 69 -11.56 -3.18 -10.89
N ILE F 70 -10.45 -2.73 -11.47
CA ILE F 70 -10.36 -1.39 -12.04
C ILE F 70 -10.46 -1.46 -13.56
N ASP F 71 -9.70 -2.38 -14.17
CA ASP F 71 -9.73 -2.63 -15.60
C ASP F 71 -10.36 -3.99 -15.86
N ASN F 72 -10.50 -4.33 -17.14
CA ASN F 72 -11.10 -5.58 -17.60
C ASN F 72 -10.11 -6.40 -18.41
N GLU F 73 -10.33 -7.72 -18.40
CA GLU F 73 -9.58 -8.63 -19.28
C GLU F 73 -10.42 -9.10 -20.46
N PHE F 74 -11.76 -9.09 -20.35
CA PHE F 74 -12.59 -9.55 -21.44
C PHE F 74 -12.68 -8.51 -22.54
N THR F 75 -12.56 -7.24 -22.18
CA THR F 75 -12.59 -6.12 -23.10
C THR F 75 -11.55 -5.12 -22.63
N GLU F 76 -10.96 -4.39 -23.57
CA GLU F 76 -9.95 -3.43 -23.18
C GLU F 76 -10.60 -2.16 -22.68
N VAL F 77 -9.82 -1.40 -21.92
CA VAL F 77 -10.26 -0.14 -21.35
C VAL F 77 -9.52 0.97 -22.09
N GLU F 78 -9.94 2.22 -21.87
CA GLU F 78 -9.34 3.36 -22.55
C GLU F 78 -7.82 3.31 -22.35
N LYS F 79 -7.10 3.52 -23.45
CA LYS F 79 -5.66 3.26 -23.46
C LYS F 79 -4.88 4.15 -22.49
N GLN F 80 -5.23 5.44 -22.38
CA GLN F 80 -4.46 6.30 -21.48
C GLN F 80 -4.73 5.96 -20.03
N ILE F 81 -5.99 5.74 -19.65
CA ILE F 81 -6.26 5.38 -18.27
C ILE F 81 -5.75 3.96 -18.03
N GLY F 82 -5.83 3.09 -19.04
CA GLY F 82 -5.31 1.74 -18.88
C GLY F 82 -3.82 1.74 -18.61
N ASN F 83 -3.07 2.58 -19.32
CA ASN F 83 -1.63 2.66 -19.09
C ASN F 83 -1.32 3.33 -17.75
N VAL F 84 -2.12 4.29 -17.32
CA VAL F 84 -1.90 4.87 -15.99
C VAL F 84 -2.17 3.82 -14.91
N ILE F 85 -3.22 3.02 -15.10
CA ILE F 85 -3.53 1.96 -14.15
C ILE F 85 -2.41 0.93 -14.13
N ASN F 86 -1.91 0.54 -15.30
CA ASN F 86 -0.81 -0.43 -15.34
C ASN F 86 0.45 0.11 -14.72
N TRP F 87 0.76 1.40 -14.94
CA TRP F 87 1.92 2.00 -14.30
C TRP F 87 1.76 2.05 -12.79
N THR F 88 0.60 2.48 -12.30
CA THR F 88 0.39 2.53 -10.85
C THR F 88 0.45 1.13 -10.26
N ARG F 89 -0.19 0.16 -10.92
CA ARG F 89 -0.18 -1.21 -10.44
C ARG F 89 1.24 -1.78 -10.43
N ASP F 90 2.02 -1.46 -11.46
CA ASP F 90 3.39 -1.97 -11.52
C ASP F 90 4.26 -1.30 -10.49
N SER F 91 4.04 -0.01 -10.22
CA SER F 91 4.80 0.66 -9.18
C SER F 91 4.44 0.12 -7.80
N ILE F 92 3.15 -0.16 -7.59
CA ILE F 92 2.73 -0.77 -6.33
C ILE F 92 3.32 -2.17 -6.21
N THR F 93 3.34 -2.92 -7.31
CA THR F 93 3.95 -4.23 -7.32
C THR F 93 5.44 -4.14 -6.99
N GLU F 94 6.13 -3.14 -7.53
CA GLU F 94 7.54 -2.95 -7.21
C GLU F 94 7.73 -2.60 -5.75
N VAL F 95 6.83 -1.77 -5.19
CA VAL F 95 6.91 -1.42 -3.79
C VAL F 95 6.68 -2.64 -2.91
N TRP F 96 5.68 -3.46 -3.23
CA TRP F 96 5.43 -4.65 -2.42
C TRP F 96 6.46 -5.74 -2.66
N SER F 97 7.06 -5.79 -3.84
CA SER F 97 8.13 -6.76 -4.06
C SER F 97 9.35 -6.38 -3.26
N TYR F 98 9.65 -5.08 -3.22
CA TYR F 98 10.73 -4.58 -2.37
C TYR F 98 10.41 -4.84 -0.91
N ASN F 99 9.19 -4.51 -0.48
CA ASN F 99 8.82 -4.69 0.91
C ASN F 99 8.82 -6.16 1.31
N ALA F 100 8.38 -7.04 0.41
CA ALA F 100 8.39 -8.46 0.72
C ALA F 100 9.80 -9.01 0.76
N GLU F 101 10.67 -8.58 -0.16
CA GLU F 101 12.04 -9.07 -0.16
C GLU F 101 12.77 -8.58 1.08
N LEU F 102 12.58 -7.31 1.42
CA LEU F 102 13.24 -6.75 2.59
C LEU F 102 12.66 -7.33 3.87
N LEU F 103 11.34 -7.54 3.91
CA LEU F 103 10.71 -8.12 5.09
C LEU F 103 11.21 -9.54 5.32
N VAL F 104 11.26 -10.34 4.27
CA VAL F 104 11.70 -11.71 4.43
C VAL F 104 13.18 -11.76 4.79
N ALA F 105 14.02 -10.99 4.10
CA ALA F 105 15.45 -11.01 4.43
C ALA F 105 15.73 -10.46 5.82
N MET F 106 15.06 -9.37 6.20
CA MET F 106 15.27 -8.77 7.51
C MET F 106 14.75 -9.67 8.61
N GLU F 107 13.55 -10.24 8.44
CA GLU F 107 13.00 -11.10 9.47
C GLU F 107 13.74 -12.42 9.54
N ASN F 108 14.30 -12.91 8.42
CA ASN F 108 15.13 -14.10 8.49
C ASN F 108 16.42 -13.79 9.25
N GLN F 109 16.95 -12.57 9.06
CA GLN F 109 18.13 -12.17 9.81
C GLN F 109 17.79 -12.05 11.29
N HIS F 110 16.61 -11.54 11.59
CA HIS F 110 16.19 -11.41 12.98
C HIS F 110 15.92 -12.78 13.58
N THR F 111 15.39 -13.71 12.80
CA THR F 111 15.13 -15.06 13.30
C THR F 111 16.44 -15.77 13.61
N ILE F 112 17.43 -15.65 12.72
CA ILE F 112 18.72 -16.29 12.95
C ILE F 112 19.42 -15.64 14.15
N ASP F 113 19.41 -14.31 14.22
CA ASP F 113 20.02 -13.63 15.35
C ASP F 113 19.24 -13.92 16.63
N LEU F 114 17.93 -14.12 16.52
CA LEU F 114 17.10 -14.50 17.66
C LEU F 114 17.54 -15.86 18.20
N ALA F 115 17.68 -16.84 17.30
CA ALA F 115 18.10 -18.17 17.73
C ALA F 115 19.49 -18.14 18.33
N ASP F 116 20.39 -17.34 17.75
CA ASP F 116 21.74 -17.27 18.31
C ASP F 116 21.73 -16.54 19.65
N SER F 117 20.86 -15.54 19.81
CA SER F 117 20.75 -14.85 21.09
C SER F 117 20.19 -15.78 22.15
N GLU F 118 19.21 -16.62 21.77
CA GLU F 118 18.66 -17.55 22.76
C GLU F 118 19.69 -18.60 23.14
N MET F 119 20.49 -19.05 22.17
CA MET F 119 21.57 -19.98 22.47
C MET F 119 22.58 -19.31 23.40
N ASP F 120 22.85 -18.03 23.17
CA ASP F 120 23.74 -17.28 24.03
C ASP F 120 23.13 -17.08 25.41
N LYS F 121 21.81 -16.83 25.48
CA LYS F 121 21.17 -16.69 26.78
C LYS F 121 21.31 -17.96 27.59
N LEU F 122 21.14 -19.12 26.95
CA LEU F 122 21.32 -20.38 27.65
C LEU F 122 22.76 -20.52 28.12
N TYR F 123 23.70 -20.26 27.21
CA TYR F 123 25.12 -20.36 27.52
C TYR F 123 25.51 -19.45 28.68
N GLU F 124 25.07 -18.19 28.62
CA GLU F 124 25.38 -17.22 29.65
C GLU F 124 24.73 -17.60 30.98
N ARG F 125 23.47 -18.08 30.95
CA ARG F 125 22.82 -18.50 32.17
C ARG F 125 23.58 -19.63 32.84
N VAL F 126 24.05 -20.59 32.04
CA VAL F 126 24.85 -21.68 32.61
C VAL F 126 26.14 -21.12 33.19
N LYS F 127 26.80 -20.21 32.46
CA LYS F 127 28.04 -19.59 32.96
C LYS F 127 27.81 -18.91 34.30
N ARG F 128 26.72 -18.16 34.43
CA ARG F 128 26.43 -17.44 35.66
C ARG F 128 26.07 -18.40 36.79
N GLN F 129 25.44 -19.53 36.48
CA GLN F 129 25.17 -20.53 37.52
C GLN F 129 26.46 -21.20 37.99
N LEU F 130 27.39 -21.46 37.07
CA LEU F 130 28.62 -22.17 37.40
C LEU F 130 29.66 -21.28 38.06
N ARG F 131 29.64 -19.96 37.83
CA ARG F 131 30.57 -19.02 38.46
C ARG F 131 32.03 -19.39 38.18
N GLU F 132 32.86 -19.61 39.21
CA GLU F 132 34.28 -19.91 39.04
C GLU F 132 34.54 -21.25 38.39
N ASN F 133 33.54 -22.14 38.35
CA ASN F 133 33.68 -23.48 37.81
C ASN F 133 33.30 -23.58 36.34
N ALA F 134 32.92 -22.48 35.69
CA ALA F 134 32.38 -22.56 34.34
C ALA F 134 33.39 -23.12 33.34
N GLU F 135 34.64 -22.67 33.42
CA GLU F 135 35.74 -23.09 32.54
C GLU F 135 35.31 -23.27 31.09
N GLU F 136 34.99 -22.17 30.40
CA GLU F 136 34.58 -22.24 29.00
C GLU F 136 35.71 -22.86 28.19
N ASP F 137 35.37 -23.78 27.28
CA ASP F 137 36.38 -24.48 26.47
C ASP F 137 36.50 -23.95 25.05
N GLY F 138 35.75 -22.90 24.69
CA GLY F 138 35.84 -22.32 23.38
C GLY F 138 35.02 -23.01 22.30
N THR F 139 34.33 -24.09 22.61
CA THR F 139 33.52 -24.84 21.66
C THR F 139 32.03 -24.68 21.91
N GLY F 140 31.64 -23.93 22.93
CA GLY F 140 30.25 -23.78 23.31
C GLY F 140 29.85 -24.69 24.45
N CYS F 141 30.82 -25.20 25.19
CA CYS F 141 30.61 -26.14 26.28
C CYS F 141 31.27 -25.59 27.54
N PHE F 142 30.88 -26.14 28.68
CA PHE F 142 31.48 -25.81 29.97
C PHE F 142 32.14 -27.04 30.56
N GLU F 143 33.41 -26.90 30.91
CA GLU F 143 34.15 -27.96 31.60
C GLU F 143 33.89 -27.85 33.10
N ILE F 144 33.48 -28.96 33.70
CA ILE F 144 33.09 -29.00 35.11
C ILE F 144 34.25 -29.64 35.87
N PHE F 145 34.89 -28.88 36.74
CA PHE F 145 36.07 -29.41 37.44
C PHE F 145 35.70 -30.38 38.55
N HIS F 146 34.54 -30.22 39.17
CA HIS F 146 34.09 -31.20 40.16
C HIS F 146 33.47 -32.39 39.45
N LYS F 147 33.44 -33.53 40.12
CA LYS F 147 32.79 -34.70 39.53
C LYS F 147 31.29 -34.49 39.70
N CYS F 148 30.60 -34.26 38.59
CA CYS F 148 29.18 -33.92 38.58
C CYS F 148 28.40 -35.15 38.14
N ASP F 149 27.41 -35.54 38.93
CA ASP F 149 26.58 -36.70 38.62
C ASP F 149 25.31 -36.26 37.87
N ASP F 150 24.41 -37.21 37.64
CA ASP F 150 23.19 -36.92 36.88
C ASP F 150 22.31 -35.88 37.55
N ASP F 151 22.27 -35.86 38.88
CA ASP F 151 21.35 -34.95 39.55
C ASP F 151 21.79 -33.50 39.40
N CYS F 152 23.10 -33.23 39.48
CA CYS F 152 23.58 -31.88 39.23
C CYS F 152 23.47 -31.50 37.75
N MET F 153 23.58 -32.48 36.84
CA MET F 153 23.36 -32.16 35.44
C MET F 153 21.90 -31.75 35.22
N ALA F 154 20.98 -32.45 35.86
CA ALA F 154 19.56 -32.08 35.78
C ALA F 154 19.34 -30.72 36.41
N SER F 155 20.05 -30.43 37.51
CA SER F 155 19.91 -29.14 38.17
C SER F 155 20.41 -28.02 37.26
N ILE F 156 21.41 -28.30 36.43
CA ILE F 156 21.88 -27.31 35.47
C ILE F 156 20.85 -27.13 34.37
N ARG F 157 20.22 -28.23 33.93
CA ARG F 157 19.23 -28.11 32.85
C ARG F 157 18.11 -27.14 33.21
N ASN F 158 17.58 -27.22 34.44
CA ASN F 158 16.64 -26.21 34.90
C ASN F 158 17.40 -25.13 35.69
N ASN F 159 16.67 -24.19 36.30
CA ASN F 159 17.24 -22.97 36.87
C ASN F 159 17.65 -23.04 38.34
N THR F 160 17.70 -24.22 38.97
CA THR F 160 18.05 -24.32 40.40
C THR F 160 19.33 -25.14 40.59
N TYR F 161 20.46 -24.43 40.63
CA TYR F 161 21.78 -25.03 40.80
C TYR F 161 22.57 -24.18 41.77
N ASP F 162 23.23 -24.83 42.72
CA ASP F 162 24.04 -24.17 43.73
C ASP F 162 25.50 -24.20 43.28
N HIS F 163 26.12 -23.03 43.15
CA HIS F 163 27.53 -22.99 42.81
C HIS F 163 28.41 -23.34 44.00
N SER F 164 27.93 -23.13 45.23
CA SER F 164 28.69 -23.50 46.41
C SER F 164 28.65 -25.01 46.62
N LYS F 165 29.45 -25.47 47.59
CA LYS F 165 29.65 -26.86 48.00
C LYS F 165 30.59 -27.56 47.01
N TYR F 166 30.34 -27.41 45.72
CA TYR F 166 31.19 -27.96 44.69
C TYR F 166 32.48 -27.16 44.52
N ARG F 167 32.42 -25.86 44.85
CA ARG F 167 33.54 -24.95 44.62
C ARG F 167 34.85 -25.44 45.22
N GLU F 168 34.82 -26.08 46.39
CA GLU F 168 36.08 -26.45 47.04
C GLU F 168 36.81 -27.53 46.24
N GLU F 169 36.10 -28.59 45.85
CA GLU F 169 36.75 -29.64 45.08
C GLU F 169 37.05 -29.15 43.67
N ALA F 170 36.19 -28.28 43.12
CA ALA F 170 36.41 -27.78 41.77
C ALA F 170 37.66 -26.93 41.71
N MET F 171 37.88 -26.08 42.72
CA MET F 171 39.08 -25.24 42.74
C MET F 171 40.32 -26.05 43.10
N GLN F 172 40.18 -27.11 43.90
CA GLN F 172 41.35 -27.94 44.16
C GLN F 172 41.77 -28.67 42.89
N ASN F 173 40.80 -29.08 42.07
CA ASN F 173 41.12 -29.71 40.79
C ASN F 173 41.62 -28.70 39.76
N ARG F 174 41.09 -27.47 39.81
CA ARG F 174 41.42 -26.46 38.81
C ARG F 174 42.80 -25.85 39.07
N ILE F 175 43.15 -25.62 40.32
CA ILE F 175 44.44 -25.04 40.69
C ILE F 175 45.34 -26.17 41.20
N UNK G 1 -9.05 -38.75 21.16
CA UNK G 1 -8.49 -38.12 22.34
C UNK G 1 -9.55 -37.96 23.43
N UNK G 2 -9.11 -38.16 24.68
CA UNK G 2 -9.99 -38.11 25.84
C UNK G 2 -9.37 -37.33 27.01
N UNK G 3 -10.20 -36.54 27.70
CA UNK G 3 -9.84 -35.90 28.96
C UNK G 3 -10.95 -36.13 29.98
N UNK G 4 -10.58 -36.67 31.16
CA UNK G 4 -11.53 -36.94 32.24
C UNK G 4 -11.05 -36.31 33.54
N UNK G 5 -12.00 -35.85 34.34
CA UNK G 5 -11.75 -35.14 35.60
C UNK G 5 -12.38 -35.92 36.75
N UNK G 6 -12.16 -35.43 37.98
CA UNK G 6 -12.78 -36.05 39.15
C UNK G 6 -14.25 -35.69 39.22
N UNK G 7 -15.00 -36.46 40.00
CA UNK G 7 -16.43 -36.21 40.10
C UNK G 7 -16.76 -34.93 40.84
N UNK G 8 -16.56 -34.91 42.16
CA UNK G 8 -16.87 -33.73 42.93
C UNK G 8 -16.06 -33.74 44.22
N UNK G 9 -15.84 -32.55 44.77
CA UNK G 9 -15.16 -32.36 46.04
C UNK G 9 -15.99 -31.43 46.91
N UNK G 10 -16.02 -31.70 48.21
CA UNK G 10 -16.70 -30.87 49.20
C UNK G 10 -15.66 -30.40 50.20
N UNK G 11 -15.49 -29.08 50.29
CA UNK G 11 -14.45 -28.45 51.11
C UNK G 11 -15.06 -27.38 52.00
N UNK G 12 -14.43 -27.18 53.13
CA UNK G 12 -14.71 -26.16 54.13
C UNK G 12 -13.89 -24.91 53.84
N UNK G 13 -14.37 -23.71 54.18
CA UNK G 13 -13.56 -22.50 53.96
C UNK G 13 -12.19 -22.60 54.61
N UNK G 14 -11.17 -22.18 53.87
CA UNK G 14 -9.79 -22.24 54.30
C UNK G 14 -9.04 -23.45 53.79
N UNK G 15 -9.77 -24.47 53.34
CA UNK G 15 -9.19 -25.68 52.78
C UNK G 15 -8.70 -25.45 51.36
N UNK G 16 -7.86 -26.36 50.88
CA UNK G 16 -7.41 -26.39 49.50
C UNK G 16 -8.03 -27.57 48.78
N UNK G 17 -8.19 -27.43 47.46
CA UNK G 17 -8.74 -28.48 46.60
C UNK G 17 -7.72 -28.76 45.51
N UNK G 18 -7.46 -30.04 45.25
CA UNK G 18 -6.55 -30.46 44.18
C UNK G 18 -7.35 -31.32 43.21
N UNK G 19 -7.54 -30.81 41.99
CA UNK G 19 -8.38 -31.43 40.97
C UNK G 19 -7.47 -32.03 39.91
N UNK G 20 -7.62 -33.34 39.67
CA UNK G 20 -6.86 -34.04 38.65
C UNK G 20 -7.56 -33.94 37.30
N UNK G 21 -6.79 -34.20 36.24
CA UNK G 21 -7.33 -34.29 34.89
C UNK G 21 -6.45 -35.25 34.10
N UNK G 22 -7.05 -36.34 33.63
CA UNK G 22 -6.30 -37.35 32.84
C UNK G 22 -6.30 -36.94 31.38
N UNK G 23 -5.58 -37.68 30.55
CA UNK G 23 -5.48 -37.36 29.11
C UNK G 23 -5.20 -38.64 28.33
N UNK G 24 -5.51 -38.66 27.04
CA UNK G 24 -5.17 -39.82 26.20
C UNK G 24 -5.18 -39.40 24.73
N UNK G 25 -4.53 -40.17 23.86
CA UNK G 25 -4.57 -39.88 22.42
C UNK G 25 -3.97 -38.51 22.15
N UNK G 26 -2.95 -38.15 22.91
CA UNK G 26 -2.24 -36.89 22.64
C UNK G 26 -0.77 -37.15 22.97
N UNK G 27 0.12 -36.33 22.46
CA UNK G 27 1.54 -36.49 22.82
C UNK G 27 1.66 -36.29 24.33
N UNK G 28 0.86 -35.38 24.90
CA UNK G 28 0.86 -35.23 26.37
C UNK G 28 2.01 -34.29 26.70
N UNK G 29 3.03 -34.25 25.86
CA UNK G 29 4.02 -33.18 25.95
C UNK G 29 3.91 -32.17 24.82
N UNK G 30 3.10 -32.44 23.79
CA UNK G 30 2.92 -31.51 22.69
C UNK G 30 1.90 -30.41 22.95
N UNK G 31 1.08 -30.51 24.01
CA UNK G 31 0.08 -29.49 24.29
C UNK G 31 0.07 -29.14 25.77
N UNK G 32 -0.40 -27.93 26.06
CA UNK G 32 -0.72 -27.54 27.42
C UNK G 32 -2.16 -27.85 27.80
N UNK G 33 -2.44 -27.69 29.08
CA UNK G 33 -3.77 -27.88 29.66
C UNK G 33 -4.17 -26.58 30.35
N UNK G 34 -5.37 -26.09 30.04
CA UNK G 34 -5.92 -24.88 30.61
C UNK G 34 -7.05 -25.25 31.57
N UNK G 35 -7.13 -24.50 32.67
CA UNK G 35 -8.20 -24.63 33.65
C UNK G 35 -9.05 -23.36 33.64
N UNK G 36 -10.35 -23.56 33.44
CA UNK G 36 -11.36 -22.50 33.33
C UNK G 36 -12.52 -22.87 34.25
N UNK G 37 -13.09 -21.90 34.97
CA UNK G 37 -14.20 -22.19 35.87
C UNK G 37 -15.40 -21.28 35.60
N UNK G 38 -16.57 -21.76 36.01
CA UNK G 38 -17.77 -20.94 35.98
C UNK G 38 -18.62 -21.21 37.22
N UNK G 39 -19.14 -20.14 37.82
CA UNK G 39 -20.02 -20.26 38.96
C UNK G 39 -21.35 -20.85 38.49
N UNK G 40 -22.16 -21.43 39.40
CA UNK G 40 -23.38 -22.14 38.97
C UNK G 40 -24.30 -21.39 38.02
N UNK G 41 -24.40 -20.06 38.11
CA UNK G 41 -25.25 -19.30 37.22
C UNK G 41 -24.57 -18.27 36.35
N UNK G 42 -23.25 -18.30 36.26
CA UNK G 42 -22.46 -17.29 35.56
C UNK G 42 -21.71 -17.95 34.40
N UNK G 43 -20.95 -17.13 33.67
CA UNK G 43 -20.19 -17.59 32.53
C UNK G 43 -18.81 -18.07 32.93
N UNK G 44 -17.98 -18.31 31.90
CA UNK G 44 -16.66 -18.87 32.11
C UNK G 44 -15.68 -17.80 32.56
N UNK G 45 -14.78 -18.19 33.45
CA UNK G 45 -13.66 -17.35 33.88
C UNK G 45 -12.40 -18.17 33.71
N UNK G 46 -11.41 -17.61 33.01
CA UNK G 46 -10.15 -18.32 32.81
C UNK G 46 -9.29 -18.17 34.06
N UNK G 47 -8.78 -19.29 34.56
CA UNK G 47 -7.91 -19.31 35.73
C UNK G 47 -6.45 -19.49 35.38
N UNK G 48 -6.13 -20.32 34.39
CA UNK G 48 -4.72 -20.53 34.16
C UNK G 48 -4.44 -21.61 33.14
N UNK G 49 -3.16 -21.72 32.82
CA UNK G 49 -2.67 -22.68 31.83
C UNK G 49 -1.35 -23.26 32.34
N UNK G 50 -1.15 -24.55 32.08
CA UNK G 50 0.09 -25.26 32.38
C UNK G 50 0.53 -26.03 31.16
N UNK G 51 1.76 -25.79 30.72
CA UNK G 51 2.31 -26.55 29.62
C UNK G 51 2.73 -27.93 30.11
N UNK G 52 2.52 -28.94 29.29
CA UNK G 52 3.10 -30.24 29.55
C UNK G 52 4.49 -30.36 28.93
N UNK G 53 4.93 -29.32 28.21
CA UNK G 53 6.22 -29.27 27.55
C UNK G 53 7.24 -28.55 28.41
N UNK G 54 6.79 -27.50 29.13
CA UNK G 54 7.65 -26.63 29.93
C UNK G 54 6.90 -26.19 31.18
N UNK G 55 7.52 -25.29 31.94
CA UNK G 55 6.99 -24.81 33.21
C UNK G 55 6.31 -23.46 33.19
N UNK G 56 5.93 -22.95 32.02
CA UNK G 56 5.39 -21.59 31.93
C UNK G 56 3.92 -21.62 32.34
N UNK G 57 3.58 -20.88 33.40
CA UNK G 57 2.25 -20.96 34.00
C UNK G 57 1.30 -19.79 33.73
N UNK G 58 1.83 -18.56 33.61
CA UNK G 58 1.05 -17.34 33.29
C UNK G 58 -0.25 -17.30 34.13
N UNK G 59 -0.12 -17.42 35.45
CA UNK G 59 -1.34 -17.54 36.27
C UNK G 59 -2.19 -16.28 36.13
N UNK G 60 -3.51 -16.46 36.15
CA UNK G 60 -4.43 -15.31 36.08
C UNK G 60 -4.21 -14.35 37.24
N UNK G 61 -4.24 -13.06 36.94
CA UNK G 61 -3.93 -12.03 37.94
C UNK G 61 -4.87 -12.11 39.15
N UNK G 62 -6.16 -12.40 38.92
CA UNK G 62 -7.11 -12.42 40.02
C UNK G 62 -6.80 -13.51 41.03
N UNK G 63 -6.17 -14.59 40.61
CA UNK G 63 -5.95 -15.76 41.46
C UNK G 63 -4.52 -15.88 41.97
N UNK G 64 -3.66 -14.88 41.77
CA UNK G 64 -2.30 -15.01 42.25
C UNK G 64 -2.31 -15.04 43.76
N UNK G 65 -1.59 -15.98 44.35
CA UNK G 65 -1.58 -16.19 45.77
C UNK G 65 -2.51 -17.30 46.26
N UNK G 66 -3.44 -17.77 45.41
CA UNK G 66 -4.37 -18.83 45.80
C UNK G 66 -4.27 -20.11 44.97
N UNK G 67 -3.99 -20.01 43.67
CA UNK G 67 -3.98 -21.17 42.76
C UNK G 67 -2.55 -21.48 42.31
N UNK G 68 -2.22 -22.78 42.30
CA UNK G 68 -0.95 -23.33 41.87
C UNK G 68 -1.26 -24.56 41.00
N UNK G 69 -0.37 -24.87 40.04
CA UNK G 69 -0.59 -26.02 39.15
C UNK G 69 0.67 -26.84 38.98
N UNK G 70 0.46 -28.13 38.71
CA UNK G 70 1.53 -29.10 38.46
C UNK G 70 1.08 -30.03 37.34
N UNK G 71 2.06 -30.60 36.61
CA UNK G 71 1.78 -31.55 35.56
C UNK G 71 2.61 -32.82 35.76
N UNK G 72 1.96 -33.97 35.74
CA UNK G 72 2.60 -35.28 35.81
C UNK G 72 2.68 -35.78 34.37
N UNK G 73 3.87 -35.72 33.79
CA UNK G 73 4.09 -36.07 32.39
C UNK G 73 4.30 -37.56 32.16
N UNK G 74 4.33 -38.37 33.23
CA UNK G 74 4.48 -39.80 33.10
C UNK G 74 3.15 -40.50 32.95
N UNK G 75 2.10 -39.93 33.53
CA UNK G 75 0.75 -40.47 33.49
C UNK G 75 -0.18 -39.58 32.66
N UNK G 76 0.38 -38.57 31.96
CA UNK G 76 -0.39 -37.61 31.17
C UNK G 76 -1.53 -37.00 31.98
N UNK G 77 -1.23 -36.62 33.23
CA UNK G 77 -2.26 -36.12 34.13
C UNK G 77 -1.84 -34.76 34.68
N UNK G 78 -2.74 -33.77 34.54
CA UNK G 78 -2.53 -32.44 35.06
C UNK G 78 -3.23 -32.33 36.41
N UNK G 79 -2.65 -31.54 37.32
CA UNK G 79 -3.27 -31.29 38.61
C UNK G 79 -3.31 -29.78 38.87
N UNK G 80 -4.48 -29.31 39.31
CA UNK G 80 -4.72 -27.92 39.68
C UNK G 80 -5.05 -27.85 41.16
N UNK G 81 -4.32 -27.01 41.90
CA UNK G 81 -4.50 -26.82 43.34
C UNK G 81 -4.97 -25.39 43.59
N UNK G 82 -6.14 -25.26 44.21
CA UNK G 82 -6.71 -23.97 44.60
C UNK G 82 -6.71 -23.88 46.12
N UNK G 83 -5.92 -22.96 46.66
CA UNK G 83 -5.75 -22.80 48.10
C UNK G 83 -6.72 -21.76 48.66
N UNK G 84 -6.91 -21.82 49.99
CA UNK G 84 -7.69 -20.84 50.74
C UNK G 84 -9.10 -20.66 50.16
N UNK G 85 -9.82 -21.77 50.05
CA UNK G 85 -11.15 -21.71 49.45
C UNK G 85 -12.10 -20.82 50.25
N UNK G 86 -12.92 -20.10 49.50
CA UNK G 86 -13.95 -19.21 50.02
C UNK G 86 -15.28 -19.63 49.40
N UNK G 87 -16.38 -19.14 49.98
CA UNK G 87 -17.68 -19.49 49.43
C UNK G 87 -17.87 -18.95 48.01
N UNK G 88 -17.12 -17.91 47.64
CA UNK G 88 -17.17 -17.38 46.28
C UNK G 88 -16.58 -18.33 45.25
N UNK G 89 -15.82 -19.34 45.68
CA UNK G 89 -15.11 -20.24 44.78
C UNK G 89 -15.92 -21.47 44.40
N UNK G 90 -17.19 -21.56 44.81
CA UNK G 90 -18.01 -22.67 44.36
C UNK G 90 -18.21 -22.54 42.86
N UNK G 91 -17.88 -23.59 42.11
CA UNK G 91 -17.94 -23.49 40.66
C UNK G 91 -17.75 -24.86 40.02
N UNK G 92 -18.05 -24.92 38.72
CA UNK G 92 -17.70 -26.05 37.87
C UNK G 92 -16.38 -25.70 37.19
N UNK G 93 -15.38 -26.56 37.40
CA UNK G 93 -14.03 -26.40 36.87
C UNK G 93 -13.84 -27.33 35.69
N UNK G 94 -13.45 -26.77 34.55
CA UNK G 94 -13.21 -27.53 33.32
C UNK G 94 -11.74 -27.53 32.94
N UNK G 95 -11.31 -28.71 32.50
CA UNK G 95 -9.99 -29.01 31.96
C UNK G 95 -10.08 -29.02 30.44
N UNK G 96 -9.18 -28.30 29.76
CA UNK G 96 -9.19 -28.27 28.30
C UNK G 96 -7.78 -28.27 27.75
N UNK G 97 -7.61 -28.81 26.54
CA UNK G 97 -6.33 -28.73 25.86
C UNK G 97 -6.02 -27.28 25.53
N UNK G 98 -4.75 -26.88 25.70
CA UNK G 98 -4.32 -25.52 25.42
C UNK G 98 -3.52 -25.38 24.14
N UNK G 99 -2.42 -24.65 24.21
CA UNK G 99 -1.60 -24.33 23.04
C UNK G 99 -0.76 -25.52 22.61
N UNK G 100 -0.48 -25.57 21.31
CA UNK G 100 0.55 -26.48 20.81
C UNK G 100 1.90 -26.01 21.34
N UNK G 101 2.74 -26.97 21.71
CA UNK G 101 4.06 -26.67 22.25
C UNK G 101 5.12 -27.41 21.46
N UNK G 102 6.28 -26.76 21.31
CA UNK G 102 7.41 -27.32 20.61
C UNK G 102 7.36 -27.17 19.11
N UNK G 103 6.28 -26.61 18.56
CA UNK G 103 6.10 -26.43 17.12
C UNK G 103 5.66 -25.00 16.88
N UNK G 104 6.19 -24.37 15.83
CA UNK G 104 5.75 -23.03 15.45
C UNK G 104 4.32 -23.13 14.97
N UNK G 105 3.45 -22.27 15.49
CA UNK G 105 2.03 -22.34 15.20
C UNK G 105 1.73 -21.51 13.96
N UNK G 106 1.36 -22.20 12.88
CA UNK G 106 0.93 -21.58 11.63
C UNK G 106 -0.58 -21.64 11.46
N UNK G 107 -1.19 -22.69 11.98
CA UNK G 107 -2.62 -22.94 11.89
C UNK G 107 -3.29 -22.41 13.16
N UNK G 108 -4.22 -21.46 12.99
CA UNK G 108 -4.85 -20.82 14.14
C UNK G 108 -5.63 -21.79 15.03
N UNK G 109 -5.88 -23.02 14.58
CA UNK G 109 -6.54 -24.03 15.39
C UNK G 109 -5.79 -24.32 16.69
N UNK G 110 -4.49 -24.00 16.75
CA UNK G 110 -3.67 -24.30 17.91
C UNK G 110 -3.60 -23.12 18.88
N UNK G 111 -4.43 -22.11 18.70
CA UNK G 111 -4.57 -21.02 19.67
C UNK G 111 -5.86 -21.14 20.49
N UNK G 112 -6.61 -22.22 20.31
CA UNK G 112 -7.91 -22.42 20.93
C UNK G 112 -7.91 -23.73 21.70
N UNK G 113 -8.97 -23.94 22.47
CA UNK G 113 -9.14 -25.13 23.30
C UNK G 113 -10.16 -26.03 22.62
N UNK G 114 -9.68 -27.11 22.00
CA UNK G 114 -10.57 -27.97 21.21
C UNK G 114 -11.30 -29.00 22.05
N UNK G 115 -10.58 -29.79 22.85
CA UNK G 115 -11.15 -30.88 23.62
C UNK G 115 -11.28 -30.44 25.08
N UNK G 116 -12.47 -30.60 25.66
CA UNK G 116 -12.69 -30.12 27.04
C UNK G 116 -13.09 -31.28 27.96
N UNK G 117 -12.35 -31.48 29.06
CA UNK G 117 -12.68 -32.53 30.05
C UNK G 117 -13.94 -32.13 30.82
N UNK G 118 -14.68 -33.11 31.34
CA UNK G 118 -15.95 -32.81 32.04
C UNK G 118 -15.67 -31.93 33.26
N UNK G 119 -16.54 -30.95 33.53
CA UNK G 119 -16.31 -30.00 34.65
C UNK G 119 -16.37 -30.72 36.00
N UNK G 120 -15.54 -30.29 36.95
CA UNK G 120 -15.55 -30.88 38.32
C UNK G 120 -16.07 -29.82 39.29
N UNK G 121 -17.05 -30.18 40.13
CA UNK G 121 -17.69 -29.17 41.02
C UNK G 121 -17.03 -29.16 42.41
N UNK G 122 -16.59 -27.99 42.87
CA UNK G 122 -16.05 -27.86 44.22
C UNK G 122 -17.09 -27.07 44.99
N UNK G 123 -17.60 -27.61 46.10
CA UNK G 123 -18.69 -26.94 46.82
C UNK G 123 -18.16 -26.35 48.12
N UNK G 124 -18.12 -25.02 48.26
CA UNK G 124 -17.48 -24.52 49.48
C UNK G 124 -18.60 -24.00 50.39
N UNK G 125 -18.68 -24.57 51.59
CA UNK G 125 -19.74 -24.21 52.53
C UNK G 125 -19.30 -24.58 53.93
N UNK G 126 -20.01 -24.02 54.91
CA UNK G 126 -19.76 -24.32 56.32
C UNK G 126 -20.85 -25.22 56.88
N UNK H 1 -7.41 -6.58 28.84
CA UNK H 1 -8.49 -6.44 27.89
C UNK H 1 -9.77 -7.04 28.45
N UNK H 2 -10.89 -6.36 28.21
CA UNK H 2 -12.23 -6.81 28.61
C UNK H 2 -13.09 -6.93 27.36
N UNK H 3 -13.67 -8.12 27.16
CA UNK H 3 -14.56 -8.37 26.03
C UNK H 3 -16.00 -8.14 26.44
N UNK H 4 -16.77 -7.53 25.53
CA UNK H 4 -18.19 -7.30 25.73
C UNK H 4 -18.97 -8.00 24.63
N UNK H 5 -19.81 -8.96 25.00
CA UNK H 5 -20.48 -9.74 23.94
C UNK H 5 -21.80 -9.08 23.56
N UNK H 6 -22.43 -9.51 22.46
CA UNK H 6 -23.61 -8.81 21.90
C UNK H 6 -24.84 -8.77 22.80
N UNK H 7 -25.24 -9.87 23.41
CA UNK H 7 -26.49 -9.82 24.18
C UNK H 7 -26.48 -10.90 25.25
N UNK H 8 -27.18 -10.70 26.37
CA UNK H 8 -27.27 -11.78 27.36
C UNK H 8 -28.10 -12.89 26.73
N UNK H 9 -29.17 -12.51 26.03
CA UNK H 9 -29.93 -13.56 25.35
C UNK H 9 -30.27 -13.19 23.92
N UNK H 10 -30.01 -14.08 22.99
CA UNK H 10 -30.55 -13.84 21.64
C UNK H 10 -31.67 -14.87 21.58
N UNK H 11 -32.93 -14.42 21.68
CA UNK H 11 -34.06 -15.36 21.71
C UNK H 11 -34.48 -15.61 20.29
N UNK H 12 -34.70 -16.87 19.90
CA UNK H 12 -35.03 -16.98 18.49
C UNK H 12 -35.87 -18.23 18.23
N UNK H 13 -36.79 -18.10 17.28
CA UNK H 13 -37.55 -19.24 16.81
C UNK H 13 -36.62 -20.12 15.98
N UNK H 14 -36.93 -21.42 15.83
CA UNK H 14 -35.95 -22.32 15.19
C UNK H 14 -35.53 -21.92 13.78
N UNK H 15 -36.46 -21.44 12.94
CA UNK H 15 -36.09 -21.16 11.56
C UNK H 15 -35.06 -20.05 11.40
N UNK H 16 -35.19 -18.98 12.19
CA UNK H 16 -34.40 -17.77 11.95
C UNK H 16 -32.90 -17.98 12.19
N UNK H 17 -32.11 -17.25 11.42
CA UNK H 17 -30.65 -17.18 11.56
C UNK H 17 -30.29 -16.34 12.79
N UNK H 18 -29.08 -16.58 13.32
CA UNK H 18 -28.60 -15.89 14.52
C UNK H 18 -27.32 -15.13 14.22
N UNK H 19 -27.17 -13.99 14.90
CA UNK H 19 -25.97 -13.17 14.86
C UNK H 19 -25.52 -12.87 16.29
N UNK H 20 -24.29 -13.30 16.63
CA UNK H 20 -23.72 -13.15 17.96
C UNK H 20 -22.47 -12.29 17.87
N UNK H 21 -22.54 -11.04 18.34
CA UNK H 21 -21.41 -10.13 18.23
C UNK H 21 -20.44 -10.28 19.41
N UNK H 22 -19.25 -9.70 19.23
CA UNK H 22 -18.22 -9.64 20.27
C UNK H 22 -17.32 -8.45 19.95
N UNK H 23 -17.15 -7.57 20.93
CA UNK H 23 -16.31 -6.38 20.77
C UNK H 23 -15.13 -6.43 21.73
N UNK H 24 -13.95 -6.11 21.20
CA UNK H 24 -12.72 -6.01 21.96
C UNK H 24 -12.39 -4.55 22.23
N UNK H 25 -11.68 -4.31 23.34
CA UNK H 25 -11.28 -2.95 23.68
C UNK H 25 -10.03 -2.49 22.94
N UNK H 26 -9.24 -3.43 22.38
CA UNK H 26 -8.01 -3.11 21.67
C UNK H 26 -7.96 -3.90 20.38
N UNK H 27 -7.24 -3.36 19.39
CA UNK H 27 -7.07 -4.09 18.14
C UNK H 27 -6.27 -5.36 18.40
N UNK H 28 -6.75 -6.47 17.83
CA UNK H 28 -6.12 -7.77 17.94
C UNK H 28 -6.07 -8.47 16.59
N UNK H 29 -5.18 -9.45 16.49
CA UNK H 29 -5.15 -10.32 15.32
C UNK H 29 -6.40 -11.20 15.30
N UNK H 30 -6.92 -11.46 14.10
CA UNK H 30 -8.09 -12.33 13.97
C UNK H 30 -7.77 -13.79 14.27
N UNK H 31 -6.50 -14.18 14.22
CA UNK H 31 -6.11 -15.56 14.47
C UNK H 31 -6.23 -15.97 15.94
N UNK H 32 -6.39 -15.00 16.85
CA UNK H 32 -6.43 -15.23 18.29
C UNK H 32 -7.83 -15.29 18.87
N UNK H 33 -8.88 -15.35 18.06
CA UNK H 33 -10.25 -15.39 18.56
C UNK H 33 -10.94 -16.69 18.20
N UNK H 34 -11.88 -17.08 19.07
CA UNK H 34 -12.63 -18.32 18.88
C UNK H 34 -14.02 -18.17 19.50
N UNK H 35 -14.93 -19.04 19.06
CA UNK H 35 -16.27 -19.15 19.63
C UNK H 35 -16.47 -20.56 20.14
N UNK H 36 -17.15 -20.65 21.30
CA UNK H 36 -17.47 -21.91 21.96
C UNK H 36 -18.96 -22.06 22.20
N UNK H 37 -19.45 -23.29 22.02
CA UNK H 37 -20.84 -23.67 22.26
C UNK H 37 -20.90 -24.59 23.47
N UNK H 38 -21.76 -24.24 24.42
CA UNK H 38 -21.95 -25.14 25.57
C UNK H 38 -23.43 -25.45 25.77
N UNK H 39 -23.83 -26.69 25.62
CA UNK H 39 -25.21 -27.04 26.00
C UNK H 39 -25.15 -27.01 27.51
N UNK H 40 -26.26 -26.78 28.21
CA UNK H 40 -26.11 -26.70 29.68
C UNK H 40 -25.65 -28.06 30.20
N UNK H 41 -24.70 -28.11 31.13
CA UNK H 41 -24.30 -29.39 31.78
C UNK H 41 -23.32 -30.23 30.94
N UNK H 42 -22.78 -29.69 29.86
CA UNK H 42 -21.75 -30.44 29.10
C UNK H 42 -20.60 -29.48 28.83
N UNK H 43 -19.42 -29.99 28.58
CA UNK H 43 -18.28 -29.08 28.45
C UNK H 43 -18.45 -28.17 27.26
N UNK H 44 -18.04 -26.93 27.40
CA UNK H 44 -18.06 -26.05 26.22
C UNK H 44 -17.17 -26.72 25.17
N UNK H 45 -17.64 -26.96 23.94
CA UNK H 45 -16.90 -27.56 22.85
C UNK H 45 -16.52 -26.48 21.85
N UNK H 46 -15.38 -26.65 21.21
CA UNK H 46 -14.91 -25.67 20.23
C UNK H 46 -15.83 -25.62 19.03
N UNK H 47 -16.25 -24.40 18.67
CA UNK H 47 -17.16 -24.19 17.56
C UNK H 47 -16.44 -23.52 16.40
N UNK H 48 -15.83 -22.35 16.61
CA UNK H 48 -15.13 -21.60 15.57
C UNK H 48 -13.75 -21.26 16.10
N UNK H 49 -12.74 -21.33 15.22
CA UNK H 49 -11.38 -20.94 15.57
C UNK H 49 -10.84 -19.98 14.52
N UNK H 50 -9.95 -19.09 14.96
CA UNK H 50 -9.34 -18.11 14.09
C UNK H 50 -10.32 -17.07 13.57
N UNK H 51 -11.46 -16.92 14.25
CA UNK H 51 -12.54 -16.03 13.84
C UNK H 51 -12.99 -16.25 12.40
N UNK H 52 -12.77 -17.45 11.85
CA UNK H 52 -13.23 -17.74 10.49
C UNK H 52 -13.55 -19.21 10.27
N UNK H 53 -12.50 -20.04 10.31
CA UNK H 53 -12.62 -21.44 9.95
C UNK H 53 -13.55 -22.21 10.88
N UNK H 54 -14.33 -23.11 10.30
CA UNK H 54 -15.17 -23.99 11.11
C UNK H 54 -14.30 -25.04 11.78
N UNK H 55 -14.56 -25.30 13.06
CA UNK H 55 -13.85 -26.37 13.74
C UNK H 55 -14.33 -27.71 13.20
N UNK H 56 -13.42 -28.70 13.20
CA UNK H 56 -13.76 -30.04 12.72
C UNK H 56 -14.95 -30.59 13.50
N UNK H 57 -15.94 -31.10 12.76
CA UNK H 57 -17.14 -31.63 13.36
C UNK H 57 -18.30 -30.66 13.41
N UNK H 58 -18.07 -29.40 13.08
CA UNK H 58 -19.09 -28.36 13.14
C UNK H 58 -19.76 -28.27 11.77
N UNK H 59 -21.10 -28.34 11.67
CA UNK H 59 -21.72 -28.30 10.34
C UNK H 59 -21.60 -26.91 9.72
N UNK H 60 -21.90 -26.85 8.42
CA UNK H 60 -21.78 -25.61 7.65
C UNK H 60 -22.72 -24.50 8.14
N UNK H 61 -23.63 -24.79 9.07
CA UNK H 61 -24.50 -23.77 9.63
C UNK H 61 -23.73 -22.65 10.33
N UNK H 62 -22.56 -22.96 10.87
CA UNK H 62 -21.79 -22.02 11.69
C UNK H 62 -20.70 -21.37 10.86
N UNK H 63 -20.66 -20.06 10.90
CA UNK H 63 -19.59 -19.37 10.17
C UNK H 63 -19.32 -18.06 10.87
N UNK H 64 -18.06 -17.70 10.98
CA UNK H 64 -17.79 -16.48 11.74
C UNK H 64 -16.72 -15.68 11.01
N UNK H 65 -16.79 -14.35 11.10
CA UNK H 65 -15.71 -13.56 10.52
C UNK H 65 -15.54 -12.28 11.33
N UNK H 66 -14.33 -11.72 11.34
CA UNK H 66 -14.13 -10.56 12.21
C UNK H 66 -12.90 -9.75 11.82
N UNK H 67 -12.84 -8.50 12.27
CA UNK H 67 -11.60 -7.73 12.08
C UNK H 67 -11.27 -6.99 13.37
N UNK H 68 -10.12 -7.25 13.97
CA UNK H 68 -9.71 -6.42 15.13
C UNK H 68 -10.81 -6.39 16.20
N UNK H 69 -11.19 -5.19 16.62
CA UNK H 69 -12.18 -5.02 17.72
C UNK H 69 -13.64 -5.36 17.39
N UNK H 70 -13.98 -5.88 16.20
CA UNK H 70 -15.37 -6.29 15.95
C UNK H 70 -15.41 -7.66 15.31
N UNK H 71 -16.00 -8.63 16.02
CA UNK H 71 -16.12 -10.01 15.56
C UNK H 71 -17.57 -10.47 15.68
N UNK H 72 -17.98 -11.34 14.77
CA UNK H 72 -19.34 -11.89 14.78
C UNK H 72 -19.34 -13.38 14.44
N UNK H 73 -20.24 -14.10 15.10
CA UNK H 73 -20.59 -15.49 14.79
C UNK H 73 -21.97 -15.50 14.15
N UNK H 74 -22.08 -16.09 12.96
CA UNK H 74 -23.35 -16.23 12.26
C UNK H 74 -23.73 -17.70 12.25
N UNK H 75 -24.94 -18.00 12.71
CA UNK H 75 -25.44 -19.37 12.79
C UNK H 75 -26.70 -19.45 11.93
N UNK H 76 -26.59 -20.09 10.77
CA UNK H 76 -27.71 -20.20 9.84
C UNK H 76 -28.52 -21.46 10.11
N UNK H 77 -29.81 -21.39 9.76
CA UNK H 77 -30.74 -22.53 9.80
C UNK H 77 -30.68 -23.25 11.14
N UNK H 78 -30.93 -22.47 12.20
CA UNK H 78 -30.87 -23.00 13.56
C UNK H 78 -31.76 -24.22 13.73
N UNK H 79 -31.21 -25.26 14.35
CA UNK H 79 -31.90 -26.48 14.70
C UNK H 79 -32.05 -26.54 16.22
N UNK H 80 -33.03 -27.31 16.74
CA UNK H 80 -33.16 -27.41 18.20
C UNK H 80 -31.87 -27.81 18.90
N UNK H 81 -31.04 -28.63 18.26
CA UNK H 81 -29.78 -29.05 18.84
C UNK H 81 -28.78 -27.91 18.95
N UNK H 82 -28.97 -26.82 18.21
CA UNK H 82 -28.01 -25.71 18.17
C UNK H 82 -28.34 -24.60 19.16
N UNK H 83 -29.34 -24.77 20.01
CA UNK H 83 -29.63 -23.79 21.06
C UNK H 83 -28.77 -24.07 22.29
N UNK H 84 -27.94 -23.11 22.64
CA UNK H 84 -26.89 -23.29 23.63
C UNK H 84 -26.44 -21.91 24.10
N UNK H 85 -25.58 -21.91 25.11
CA UNK H 85 -24.92 -20.68 25.55
C UNK H 85 -23.57 -20.60 24.85
N UNK H 86 -23.28 -19.46 24.24
CA UNK H 86 -22.08 -19.25 23.45
C UNK H 86 -21.14 -18.26 24.10
N UNK H 87 -19.83 -18.52 23.97
CA UNK H 87 -18.78 -17.66 24.52
C UNK H 87 -17.80 -17.21 23.45
N UNK H 88 -17.34 -15.98 23.61
CA UNK H 88 -16.29 -15.37 22.79
C UNK H 88 -14.98 -15.49 23.56
N UNK H 89 -13.96 -16.06 22.91
CA UNK H 89 -12.65 -16.27 23.50
C UNK H 89 -11.62 -15.44 22.76
N UNK H 90 -10.80 -14.68 23.51
CA UNK H 90 -9.72 -13.88 22.96
C UNK H 90 -8.41 -14.38 23.54
N UNK H 91 -7.50 -14.82 22.67
CA UNK H 91 -6.17 -15.22 23.07
C UNK H 91 -5.25 -14.00 23.05
N UNK H 92 -4.44 -13.82 24.09
CA UNK H 92 -3.51 -12.72 24.19
C UNK H 92 -2.16 -13.06 23.59
N UNK H 93 -1.19 -12.17 23.80
CA UNK H 93 0.14 -12.42 23.29
C UNK H 93 0.88 -13.41 24.19
N UNK H 94 0.56 -13.39 25.46
CA UNK H 94 1.03 -14.39 26.42
C UNK H 94 0.04 -15.55 26.40
N UNK H 95 0.38 -16.69 27.00
CA UNK H 95 -0.63 -17.77 26.98
C UNK H 95 -1.79 -17.53 27.94
N UNK H 96 -2.60 -16.53 27.57
CA UNK H 96 -3.71 -16.01 28.37
C UNK H 96 -4.96 -15.99 27.50
N UNK H 97 -6.02 -16.60 28.01
CA UNK H 97 -7.23 -16.73 27.20
C UNK H 97 -8.37 -16.07 27.97
N UNK H 98 -8.80 -14.90 27.51
CA UNK H 98 -9.88 -14.18 28.21
C UNK H 98 -11.22 -14.51 27.58
N UNK H 99 -11.96 -15.43 28.19
CA UNK H 99 -13.28 -15.81 27.67
C UNK H 99 -14.16 -14.63 28.02
N UNK H 100 -15.33 -14.49 27.45
CA UNK H 100 -16.20 -13.38 27.88
C UNK H 100 -17.59 -13.88 28.27
N UNK H 101 -18.28 -13.23 29.19
CA UNK H 101 -19.64 -13.66 29.53
C UNK H 101 -20.39 -13.56 28.23
N UNK H 102 -21.27 -14.49 27.92
CA UNK H 102 -21.83 -14.27 26.57
C UNK H 102 -23.24 -14.78 26.31
N UNK H 103 -23.63 -14.72 25.04
CA UNK H 103 -25.03 -14.95 24.66
C UNK H 103 -25.56 -16.35 24.92
N UNK H 104 -26.84 -16.43 25.25
CA UNK H 104 -27.52 -17.71 25.44
C UNK H 104 -28.62 -17.72 24.40
N UNK H 105 -28.74 -18.75 23.57
CA UNK H 105 -29.85 -18.70 22.60
C UNK H 105 -30.98 -19.56 23.17
N UNK H 106 -32.15 -18.98 23.36
CA UNK H 106 -33.26 -19.72 24.01
C UNK H 106 -34.39 -19.91 23.02
N UNK H 107 -34.94 -21.13 22.90
CA UNK H 107 -35.96 -21.37 21.87
C UNK H 107 -37.12 -20.44 22.14
N UNK H 108 -37.66 -19.77 21.11
CA UNK H 108 -38.73 -18.79 21.35
C UNK H 108 -40.01 -19.51 21.80
C1 NAG I . 2.95 18.25 -12.49
C2 NAG I . 4.42 17.97 -12.72
C3 NAG I . 4.98 19.03 -13.64
C4 NAG I . 4.21 19.00 -14.96
C5 NAG I . 2.72 19.16 -14.68
C6 NAG I . 1.86 19.01 -15.92
C7 NAG I . 6.22 17.15 -11.25
C8 NAG I . 6.84 17.24 -9.90
N2 NAG I . 5.15 17.94 -11.45
O3 NAG I . 6.37 18.77 -13.78
O4 NAG I . 4.58 20.07 -15.82
O5 NAG I . 2.25 18.18 -13.74
O6 NAG I . 0.52 18.65 -15.59
O7 NAG I . 6.63 16.39 -12.11
C1 NAG I . 7.15 19.32 -14.87
C2 NAG I . 7.56 20.78 -14.61
C3 NAG I . 8.44 21.27 -15.76
C4 NAG I . 9.65 20.35 -15.89
C5 NAG I . 9.18 18.92 -16.12
C6 NAG I . 10.31 17.92 -16.18
C7 NAG I . 6.43 22.83 -13.87
C8 NAG I . 5.14 23.58 -13.83
N2 NAG I . 6.39 21.64 -14.48
O3 NAG I . 8.87 22.60 -15.50
O4 NAG I . 10.47 20.76 -16.98
O5 NAG I . 8.33 18.51 -15.04
O6 NAG I . 10.49 17.27 -14.93
O7 NAG I . 7.46 23.28 -13.38
C1 NAG J . -13.90 6.84 -2.70
C2 NAG J . -15.33 6.88 -3.21
C3 NAG J . -16.05 8.07 -2.61
C4 NAG J . -16.01 7.98 -1.09
C5 NAG J . -14.55 7.90 -0.63
C6 NAG J . -14.40 7.69 0.85
C7 NAG J . -16.05 6.14 -5.45
C8 NAG J . -15.94 6.39 -6.93
N2 NAG J . -15.35 6.96 -4.67
O3 NAG J . -17.41 8.08 -3.06
O4 NAG J . -16.60 9.17 -0.55
O5 NAG J . -13.91 6.77 -1.27
O6 NAG J . -13.11 7.21 1.18
O7 NAG J . -16.75 5.25 -4.99
C1 NAG J . -17.37 8.91 0.63
C2 NAG J . -17.67 10.26 1.26
C3 NAG J . -18.49 10.06 2.53
C4 NAG J . -19.77 9.31 2.19
C5 NAG J . -19.41 7.98 1.53
C6 NAG J . -20.63 7.20 1.08
C7 NAG J . -15.84 11.78 0.65
C8 NAG J . -14.58 12.45 1.11
N2 NAG J . -16.45 10.99 1.54
O3 NAG J . -18.80 11.33 3.09
O4 NAG J . -20.51 9.07 3.37
O5 NAG J . -18.60 8.21 0.36
O6 NAG J . -21.24 7.81 -0.06
O7 NAG J . -16.29 11.94 -0.48
C1 NAG K . -2.25 -3.44 -18.94
C2 NAG K . -2.47 -3.47 -20.45
C3 NAG K . -3.29 -4.70 -20.81
C4 NAG K . -2.57 -5.95 -20.33
C5 NAG K . -2.32 -5.85 -18.82
C6 NAG K . -1.51 -7.00 -18.27
C7 NAG K . -2.62 -1.38 -21.75
C8 NAG K . -3.47 -0.20 -22.08
N2 NAG K . -3.15 -2.27 -20.88
O3 NAG K . -3.45 -4.75 -22.23
O4 NAG K . -3.38 -7.10 -20.58
O5 NAG K . -1.58 -4.65 -18.54
O6 NAG K . -1.57 -7.04 -16.85
O7 NAG K . -1.50 -1.54 -22.23
C1 NAG K . -2.80 -7.90 -21.62
C2 NAG K . -3.36 -9.31 -21.49
C3 NAG K . -2.80 -10.19 -22.60
C4 NAG K . -3.15 -9.58 -23.95
C5 NAG K . -2.58 -8.17 -24.01
C6 NAG K . -2.94 -7.44 -25.29
C7 NAG K . -3.86 -9.77 -19.13
C8 NAG K . -3.39 -10.42 -17.87
N2 NAG K . -3.05 -9.88 -20.19
O3 NAG K . -3.36 -11.50 -22.50
O4 NAG K . -2.61 -10.36 -25.00
O5 NAG K . -3.10 -7.37 -22.94
O6 NAG K . -2.56 -8.19 -26.43
O7 NAG K . -4.94 -9.19 -19.19
C1 NAG L . 35.42 2.52 -0.11
C2 NAG L . 36.84 2.29 -0.63
C3 NAG L . 36.87 2.43 -2.15
C4 NAG L . 35.89 1.44 -2.76
C5 NAG L . 34.49 1.69 -2.18
C6 NAG L . 33.46 0.71 -2.67
C7 NAG L . 38.56 2.93 1.01
C8 NAG L . 39.46 4.03 1.50
N2 NAG L . 37.78 3.24 -0.02
O3 NAG L . 38.18 2.18 -2.63
O4 NAG L . 35.85 1.58 -4.17
O5 NAG L . 34.52 1.58 -0.75
O6 NAG L . 33.02 1.02 -3.99
O7 NAG L . 38.55 1.82 1.53
C1 NAG M . -11.75 -15.15 -40.94
C2 NAG M . -11.35 -14.44 -42.22
C3 NAG M . -11.31 -15.46 -43.36
C4 NAG M . -10.32 -16.56 -43.01
C5 NAG M . -10.75 -17.20 -41.68
C6 NAG M . -9.76 -18.25 -41.20
C7 NAG M . -12.00 -12.08 -42.27
C8 NAG M . -13.07 -11.09 -42.66
N2 NAG M . -12.27 -13.36 -42.54
O3 NAG M . -10.91 -14.81 -44.56
O4 NAG M . -10.30 -17.54 -44.02
O5 NAG M . -10.81 -16.21 -40.65
O6 NAG M . -9.85 -19.44 -41.99
O7 NAG M . -10.95 -11.71 -41.76
C1 NAG N . 50.19 -19.27 12.19
C2 NAG N . 50.13 -20.12 10.93
C3 NAG N . 51.41 -19.93 10.13
C4 NAG N . 51.59 -18.45 9.82
C5 NAG N . 51.62 -17.65 11.12
C6 NAG N . 51.71 -16.16 10.90
C7 NAG N . 48.73 -22.13 11.23
C8 NAG N . 48.73 -23.58 11.60
N2 NAG N . 49.93 -21.53 11.25
O3 NAG N . 51.32 -20.68 8.92
O4 NAG N . 52.81 -18.25 9.11
O5 NAG N . 50.39 -17.89 11.85
O6 NAG N . 52.07 -15.49 12.09
O7 NAG N . 47.71 -21.52 10.95
C1 NAG O . -1.21 3.36 37.51
C2 NAG O . -2.02 4.06 36.42
C3 NAG O . -2.58 5.36 36.95
C4 NAG O . -3.44 5.07 38.18
C5 NAG O . -2.59 4.36 39.22
C6 NAG O . -3.37 3.95 40.45
C7 NAG O . -1.12 3.44 34.22
C8 NAG O . -0.23 3.85 33.09
N2 NAG O . -1.21 4.30 35.24
O3 NAG O . -3.37 5.98 35.95
O4 NAG O . -3.94 6.29 38.73
O5 NAG O . -2.04 3.14 38.66
O6 NAG O . -4.27 4.98 40.86
O7 NAG O . -1.71 2.38 34.21
C1 NAG P . 8.27 10.27 29.34
C2 NAG P . 8.47 10.80 30.76
C3 NAG P . 7.93 12.22 30.86
C4 NAG P . 8.63 13.09 29.82
C5 NAG P . 8.41 12.50 28.43
C6 NAG P . 9.14 13.28 27.35
C7 NAG P . 8.50 8.97 32.38
C8 NAG P . 7.69 8.16 33.36
N2 NAG P . 7.85 9.94 31.74
O3 NAG P . 8.16 12.72 32.16
O4 NAG P . 8.08 14.41 29.86
O5 NAG P . 8.91 11.15 28.39
O6 NAG P . 8.80 12.79 26.05
O7 NAG P . 9.69 8.73 32.19
C1 NAG Q . 32.88 11.12 41.93
C2 NAG Q . 33.69 11.67 43.10
C3 NAG Q . 32.79 12.48 44.01
C4 NAG Q . 32.11 13.59 43.22
C5 NAG Q . 31.34 12.97 42.05
C6 NAG Q . 30.70 14.00 41.15
C7 NAG Q . 35.56 10.14 43.54
C8 NAG Q . 36.07 9.04 44.42
N2 NAG Q . 34.35 10.61 43.84
O3 NAG Q . 33.55 13.04 45.07
O4 NAG Q . 31.22 14.32 44.05
O5 NAG Q . 32.23 12.21 41.23
O6 NAG Q . 29.98 13.39 40.09
O7 NAG Q . 36.22 10.58 42.61
C1 NAG R . 8.36 -27.10 9.26
C2 NAG R . 8.38 -28.60 9.00
C3 NAG R . 7.03 -29.03 8.44
C4 NAG R . 5.93 -28.64 9.41
C5 NAG R . 5.99 -27.13 9.67
C6 NAG R . 4.99 -26.66 10.70
C7 NAG R . 10.65 -29.38 8.49
C8 NAG R . 11.63 -29.71 7.41
N2 NAG R . 9.44 -28.97 8.08
O3 NAG R . 7.02 -30.44 8.22
O4 NAG R . 4.65 -28.98 8.87
O5 NAG R . 7.29 -26.78 10.17
O6 NAG R . 3.67 -27.06 10.35
O7 NAG R . 10.93 -29.49 9.68
C1 NAG S . -37.43 12.93 -0.05
C2 NAG S . -36.86 12.60 1.32
C3 NAG S . -37.98 12.17 2.25
C4 NAG S . -39.03 13.28 2.33
C5 NAG S . -39.54 13.58 0.93
C6 NAG S . -40.52 14.72 0.89
C7 NAG S . -34.54 11.78 1.30
C8 NAG S . -33.66 10.57 1.18
N2 NAG S . -35.85 11.55 1.22
O3 NAG S . -37.46 11.91 3.55
O4 NAG S . -40.11 12.87 3.16
O5 NAG S . -38.44 13.95 0.08
O6 NAG S . -41.77 14.36 1.47
O7 NAG S . -34.07 12.90 1.46
C1 NAG T . 15.41 -29.61 38.24
C2 NAG T . 14.16 -29.48 39.09
C3 NAG T . 14.31 -30.32 40.35
C4 NAG T . 14.56 -31.76 39.96
C5 NAG T . 15.79 -31.84 39.07
C6 NAG T . 16.06 -33.24 38.55
C7 NAG T . 12.67 -27.53 39.29
C8 NAG T . 12.59 -26.08 39.69
N2 NAG T . 13.88 -28.10 39.42
O3 NAG T . 13.13 -30.21 41.14
O4 NAG T . 14.75 -32.56 41.12
O5 NAG T . 15.64 -31.00 37.92
O6 NAG T . 15.29 -34.20 39.26
O7 NAG T . 11.70 -28.15 38.88
#